data_1OVX
# 
_entry.id   1OVX 
# 
_audit_conform.dict_name       mmcif_pdbx.dic 
_audit_conform.dict_version    5.391 
_audit_conform.dict_location   http://mmcif.pdb.org/dictionaries/ascii/mmcif_pdbx.dic 
# 
loop_
_database_2.database_id 
_database_2.database_code 
_database_2.pdbx_database_accession 
_database_2.pdbx_DOI 
PDB   1OVX         pdb_00001ovx 10.2210/pdb1ovx/pdb 
RCSB  RCSB018718   ?            ?                   
WWPDB D_1000018718 ?            ?                   
# 
loop_
_pdbx_audit_revision_history.ordinal 
_pdbx_audit_revision_history.data_content_type 
_pdbx_audit_revision_history.major_revision 
_pdbx_audit_revision_history.minor_revision 
_pdbx_audit_revision_history.revision_date 
1 'Structure model' 1 0 2003-12-30 
2 'Structure model' 1 1 2007-10-16 
3 'Structure model' 1 2 2011-07-13 
4 'Structure model' 1 3 2024-05-01 
# 
_pdbx_audit_revision_details.ordinal             1 
_pdbx_audit_revision_details.revision_ordinal    1 
_pdbx_audit_revision_details.data_content_type   'Structure model' 
_pdbx_audit_revision_details.provider            repository 
_pdbx_audit_revision_details.type                'Initial release' 
_pdbx_audit_revision_details.description         ? 
_pdbx_audit_revision_details.details             ? 
# 
loop_
_pdbx_audit_revision_group.ordinal 
_pdbx_audit_revision_group.revision_ordinal 
_pdbx_audit_revision_group.data_content_type 
_pdbx_audit_revision_group.group 
1 2 'Structure model' 'Version format compliance' 
2 3 'Structure model' 'Source and taxonomy'       
3 3 'Structure model' 'Version format compliance' 
4 4 'Structure model' 'Data collection'           
5 4 'Structure model' 'Database references'       
6 4 'Structure model' 'Derived calculations'      
# 
loop_
_pdbx_audit_revision_category.ordinal 
_pdbx_audit_revision_category.revision_ordinal 
_pdbx_audit_revision_category.data_content_type 
_pdbx_audit_revision_category.category 
1 4 'Structure model' chem_comp_atom        
2 4 'Structure model' chem_comp_bond        
3 4 'Structure model' database_2            
4 4 'Structure model' pdbx_nmr_spectrometer 
5 4 'Structure model' struct_ref_seq_dif    
6 4 'Structure model' struct_site           
# 
loop_
_pdbx_audit_revision_item.ordinal 
_pdbx_audit_revision_item.revision_ordinal 
_pdbx_audit_revision_item.data_content_type 
_pdbx_audit_revision_item.item 
1 4 'Structure model' '_database_2.pdbx_DOI'                
2 4 'Structure model' '_database_2.pdbx_database_accession' 
3 4 'Structure model' '_pdbx_nmr_spectrometer.model'        
4 4 'Structure model' '_struct_ref_seq_dif.details'         
5 4 'Structure model' '_struct_site.pdbx_auth_asym_id'      
6 4 'Structure model' '_struct_site.pdbx_auth_comp_id'      
7 4 'Structure model' '_struct_site.pdbx_auth_seq_id'       
# 
_pdbx_database_status.status_code                     REL 
_pdbx_database_status.entry_id                        1OVX 
_pdbx_database_status.recvd_initial_deposition_date   2003-03-27 
_pdbx_database_status.deposit_site                    RCSB 
_pdbx_database_status.process_site                    RCSB 
_pdbx_database_status.status_code_mr                  REL 
_pdbx_database_status.SG_entry                        . 
_pdbx_database_status.pdb_format_compatible           Y 
_pdbx_database_status.status_code_sf                  ? 
_pdbx_database_status.status_code_cs                  ? 
_pdbx_database_status.status_code_nmr_data            ? 
_pdbx_database_status.methods_development_category    ? 
# 
loop_
_audit_author.name 
_audit_author.pdbx_ordinal 
'Donaldson, L.W.' 1 
'Kwan, J.'        2 
'Wojtyra, U.'     3 
'Houry, W.A.'     4 
# 
_citation.id                        primary 
_citation.title                     'Solution structure of the dimeric zinc binding domain of the chaperone ClpX.' 
_citation.journal_abbrev            J.Biol.Chem. 
_citation.journal_volume            278 
_citation.page_first                48991 
_citation.page_last                 48996 
_citation.year                      2003 
_citation.journal_id_ASTM           JBCHA3 
_citation.country                   US 
_citation.journal_id_ISSN           0021-9258 
_citation.journal_id_CSD            0071 
_citation.book_publisher            ? 
_citation.pdbx_database_id_PubMed   14525985 
_citation.pdbx_database_id_DOI      10.1074/jbc.M307826200 
# 
loop_
_citation_author.citation_id 
_citation_author.name 
_citation_author.ordinal 
_citation_author.identifier_ORCID 
primary 'Donaldson, L.W.' 1 ? 
primary 'Wojtyra, U.'     2 ? 
primary 'Houry, W.A.'     3 ? 
# 
loop_
_entity.id 
_entity.type 
_entity.src_method 
_entity.pdbx_description 
_entity.formula_weight 
_entity.pdbx_number_of_molecules 
_entity.pdbx_ec 
_entity.pdbx_mutation 
_entity.pdbx_fragment 
_entity.details 
1 polymer     man 'ATP-dependent Clp protease ATP-binding subunit clpX' 7751.827 2 ? ? 'N-terminal domain (residues 1-60)' ? 
2 non-polymer syn 'ZINC ION'                                            65.409   2 ? ? ?                                   ? 
# 
_entity_poly.entity_id                      1 
_entity_poly.type                           'polypeptide(L)' 
_entity_poly.nstd_linkage                   no 
_entity_poly.nstd_monomer                   no 
_entity_poly.pdbx_seq_one_letter_code       GHHHHHHTDKRKDGSGKLLYCSFCGKSQHEVRKLIAGPSVYICDECVDLCNDIIREEIKEVAPHRER 
_entity_poly.pdbx_seq_one_letter_code_can   GHHHHHHTDKRKDGSGKLLYCSFCGKSQHEVRKLIAGPSVYICDECVDLCNDIIREEIKEVAPHRER 
_entity_poly.pdbx_strand_id                 A,B 
_entity_poly.pdbx_target_identifier         ? 
# 
_pdbx_entity_nonpoly.entity_id   2 
_pdbx_entity_nonpoly.name        'ZINC ION' 
_pdbx_entity_nonpoly.comp_id     ZN 
# 
loop_
_entity_poly_seq.entity_id 
_entity_poly_seq.num 
_entity_poly_seq.mon_id 
_entity_poly_seq.hetero 
1 1  GLY n 
1 2  HIS n 
1 3  HIS n 
1 4  HIS n 
1 5  HIS n 
1 6  HIS n 
1 7  HIS n 
1 8  THR n 
1 9  ASP n 
1 10 LYS n 
1 11 ARG n 
1 12 LYS n 
1 13 ASP n 
1 14 GLY n 
1 15 SER n 
1 16 GLY n 
1 17 LYS n 
1 18 LEU n 
1 19 LEU n 
1 20 TYR n 
1 21 CYS n 
1 22 SER n 
1 23 PHE n 
1 24 CYS n 
1 25 GLY n 
1 26 LYS n 
1 27 SER n 
1 28 GLN n 
1 29 HIS n 
1 30 GLU n 
1 31 VAL n 
1 32 ARG n 
1 33 LYS n 
1 34 LEU n 
1 35 ILE n 
1 36 ALA n 
1 37 GLY n 
1 38 PRO n 
1 39 SER n 
1 40 VAL n 
1 41 TYR n 
1 42 ILE n 
1 43 CYS n 
1 44 ASP n 
1 45 GLU n 
1 46 CYS n 
1 47 VAL n 
1 48 ASP n 
1 49 LEU n 
1 50 CYS n 
1 51 ASN n 
1 52 ASP n 
1 53 ILE n 
1 54 ILE n 
1 55 ARG n 
1 56 GLU n 
1 57 GLU n 
1 58 ILE n 
1 59 LYS n 
1 60 GLU n 
1 61 VAL n 
1 62 ALA n 
1 63 PRO n 
1 64 HIS n 
1 65 ARG n 
1 66 GLU n 
1 67 ARG n 
# 
_entity_src_gen.entity_id                          1 
_entity_src_gen.pdbx_src_id                        1 
_entity_src_gen.pdbx_alt_source_flag               sample 
_entity_src_gen.pdbx_seq_type                      ? 
_entity_src_gen.pdbx_beg_seq_num                   ? 
_entity_src_gen.pdbx_end_seq_num                   ? 
_entity_src_gen.gene_src_common_name               ? 
_entity_src_gen.gene_src_genus                     Escherichia 
_entity_src_gen.pdbx_gene_src_gene                 Clpx 
_entity_src_gen.gene_src_species                   'Escherichia coli' 
_entity_src_gen.gene_src_strain                    K12 
_entity_src_gen.gene_src_tissue                    ? 
_entity_src_gen.gene_src_tissue_fraction           ? 
_entity_src_gen.gene_src_details                   ? 
_entity_src_gen.pdbx_gene_src_fragment             ? 
_entity_src_gen.pdbx_gene_src_scientific_name      'Escherichia coli' 
_entity_src_gen.pdbx_gene_src_ncbi_taxonomy_id     83333 
_entity_src_gen.pdbx_gene_src_variant              ? 
_entity_src_gen.pdbx_gene_src_cell_line            ? 
_entity_src_gen.pdbx_gene_src_atcc                 ? 
_entity_src_gen.pdbx_gene_src_organ                ? 
_entity_src_gen.pdbx_gene_src_organelle            ? 
_entity_src_gen.pdbx_gene_src_cell                 ? 
_entity_src_gen.pdbx_gene_src_cellular_location    ? 
_entity_src_gen.host_org_common_name               ? 
_entity_src_gen.pdbx_host_org_scientific_name      'Escherichia coli BL21' 
_entity_src_gen.pdbx_host_org_ncbi_taxonomy_id     511693 
_entity_src_gen.host_org_genus                     Escherichia 
_entity_src_gen.pdbx_host_org_gene                 ? 
_entity_src_gen.pdbx_host_org_organ                ? 
_entity_src_gen.host_org_species                   'Escherichia coli' 
_entity_src_gen.pdbx_host_org_tissue               ? 
_entity_src_gen.pdbx_host_org_tissue_fraction      ? 
_entity_src_gen.pdbx_host_org_strain               BL21 
_entity_src_gen.pdbx_host_org_variant              ? 
_entity_src_gen.pdbx_host_org_cell_line            ? 
_entity_src_gen.pdbx_host_org_atcc                 ? 
_entity_src_gen.pdbx_host_org_culture_collection   ? 
_entity_src_gen.pdbx_host_org_cell                 ? 
_entity_src_gen.pdbx_host_org_organelle            ? 
_entity_src_gen.pdbx_host_org_cellular_location    ? 
_entity_src_gen.pdbx_host_org_vector_type          plasmid 
_entity_src_gen.pdbx_host_org_vector               ? 
_entity_src_gen.host_org_details                   ? 
_entity_src_gen.expression_system_id               ? 
_entity_src_gen.plasmid_name                       pET28 
_entity_src_gen.plasmid_details                    ? 
_entity_src_gen.pdbx_description                   ? 
# 
loop_
_chem_comp.id 
_chem_comp.type 
_chem_comp.mon_nstd_flag 
_chem_comp.name 
_chem_comp.pdbx_synonyms 
_chem_comp.formula 
_chem_comp.formula_weight 
ALA 'L-peptide linking' y ALANINE         ? 'C3 H7 N O2'     89.093  
ARG 'L-peptide linking' y ARGININE        ? 'C6 H15 N4 O2 1' 175.209 
ASN 'L-peptide linking' y ASPARAGINE      ? 'C4 H8 N2 O3'    132.118 
ASP 'L-peptide linking' y 'ASPARTIC ACID' ? 'C4 H7 N O4'     133.103 
CYS 'L-peptide linking' y CYSTEINE        ? 'C3 H7 N O2 S'   121.158 
GLN 'L-peptide linking' y GLUTAMINE       ? 'C5 H10 N2 O3'   146.144 
GLU 'L-peptide linking' y 'GLUTAMIC ACID' ? 'C5 H9 N O4'     147.129 
GLY 'peptide linking'   y GLYCINE         ? 'C2 H5 N O2'     75.067  
HIS 'L-peptide linking' y HISTIDINE       ? 'C6 H10 N3 O2 1' 156.162 
ILE 'L-peptide linking' y ISOLEUCINE      ? 'C6 H13 N O2'    131.173 
LEU 'L-peptide linking' y LEUCINE         ? 'C6 H13 N O2'    131.173 
LYS 'L-peptide linking' y LYSINE          ? 'C6 H15 N2 O2 1' 147.195 
PHE 'L-peptide linking' y PHENYLALANINE   ? 'C9 H11 N O2'    165.189 
PRO 'L-peptide linking' y PROLINE         ? 'C5 H9 N O2'     115.130 
SER 'L-peptide linking' y SERINE          ? 'C3 H7 N O3'     105.093 
THR 'L-peptide linking' y THREONINE       ? 'C4 H9 N O3'     119.119 
TYR 'L-peptide linking' y TYROSINE        ? 'C9 H11 N O3'    181.189 
VAL 'L-peptide linking' y VALINE          ? 'C5 H11 N O2'    117.146 
ZN  non-polymer         . 'ZINC ION'      ? 'Zn 2'           65.409  
# 
loop_
_pdbx_poly_seq_scheme.asym_id 
_pdbx_poly_seq_scheme.entity_id 
_pdbx_poly_seq_scheme.seq_id 
_pdbx_poly_seq_scheme.mon_id 
_pdbx_poly_seq_scheme.ndb_seq_num 
_pdbx_poly_seq_scheme.pdb_seq_num 
_pdbx_poly_seq_scheme.auth_seq_num 
_pdbx_poly_seq_scheme.pdb_mon_id 
_pdbx_poly_seq_scheme.auth_mon_id 
_pdbx_poly_seq_scheme.pdb_strand_id 
_pdbx_poly_seq_scheme.pdb_ins_code 
_pdbx_poly_seq_scheme.hetero 
A 1 1  GLY 1  -6 ? ?   ?   A . n 
A 1 2  HIS 2  -5 ? ?   ?   A . n 
A 1 3  HIS 3  -4 ? ?   ?   A . n 
A 1 4  HIS 4  -3 ? ?   ?   A . n 
A 1 5  HIS 5  -2 ? ?   ?   A . n 
A 1 6  HIS 6  -1 ? ?   ?   A . n 
A 1 7  HIS 7  0  ? ?   ?   A . n 
A 1 8  THR 8  1  ? ?   ?   A . n 
A 1 9  ASP 9  2  ? ?   ?   A . n 
A 1 10 LYS 10 3  ? ?   ?   A . n 
A 1 11 ARG 11 4  ? ?   ?   A . n 
A 1 12 LYS 12 5  ? ?   ?   A . n 
A 1 13 ASP 13 6  ? ?   ?   A . n 
A 1 14 GLY 14 7  ? ?   ?   A . n 
A 1 15 SER 15 8  ? ?   ?   A . n 
A 1 16 GLY 16 9  ? ?   ?   A . n 
A 1 17 LYS 17 10 ? ?   ?   A . n 
A 1 18 LEU 18 11 1 LEU LEU A . n 
A 1 19 LEU 19 12 1 LEU LEU A . n 
A 1 20 TYR 20 13 1 TYR TYR A . n 
A 1 21 CYS 21 14 1 CYS CYS A . n 
A 1 22 SER 22 15 1 SER SER A . n 
A 1 23 PHE 23 16 1 PHE PHE A . n 
A 1 24 CYS 24 17 1 CYS CYS A . n 
A 1 25 GLY 25 18 1 GLY GLY A . n 
A 1 26 LYS 26 19 1 LYS LYS A . n 
A 1 27 SER 27 20 2 SER SER A . n 
A 1 28 GLN 28 21 2 GLN GLN A . n 
A 1 29 HIS 29 22 2 HIS HIS A . n 
A 1 30 GLU 30 23 2 GLU GLU A . n 
A 1 31 VAL 31 24 2 VAL VAL A . n 
A 1 32 ARG 32 25 2 ARG ARG A . n 
A 1 33 LYS 33 26 2 LYS LYS A . n 
A 1 34 LEU 34 27 2 LEU LEU A . n 
A 1 35 ILE 35 28 2 ILE ILE A . n 
A 1 36 ALA 36 29 2 ALA ALA A . n 
A 1 37 GLY 37 30 3 GLY GLY A . n 
A 1 38 PRO 38 31 3 PRO PRO A . n 
A 1 39 SER 39 32 3 SER SER A . n 
A 1 40 VAL 40 33 3 VAL VAL A . n 
A 1 41 TYR 41 34 3 TYR TYR A . n 
A 1 42 ILE 42 35 3 ILE ILE A . n 
A 1 43 CYS 43 36 3 CYS CYS A . n 
A 1 44 ASP 44 37 3 ASP ASP A . n 
A 1 45 GLU 45 38 3 GLU GLU A . n 
A 1 46 CYS 46 39 3 CYS CYS A . n 
A 1 47 VAL 47 40 4 VAL VAL A . n 
A 1 48 ASP 48 41 4 ASP ASP A . n 
A 1 49 LEU 49 42 4 LEU LEU A . n 
A 1 50 CYS 50 43 4 CYS CYS A . n 
A 1 51 ASN 51 44 4 ASN ASN A . n 
A 1 52 ASP 52 45 4 ASP ASP A . n 
A 1 53 ILE 53 46 4 ILE ILE A . n 
A 1 54 ILE 54 47 4 ILE ILE A . n 
A 1 55 ARG 55 48 4 ARG ARG A . n 
A 1 56 GLU 56 49 ? ?   ?   A . n 
A 1 57 GLU 57 50 ? ?   ?   A . n 
A 1 58 ILE 58 51 ? ?   ?   A . n 
A 1 59 LYS 59 52 ? ?   ?   A . n 
A 1 60 GLU 60 53 ? ?   ?   A . n 
A 1 61 VAL 61 54 ? ?   ?   A . n 
A 1 62 ALA 62 55 ? ?   ?   A . n 
A 1 63 PRO 63 56 ? ?   ?   A . n 
A 1 64 HIS 64 57 ? ?   ?   A . n 
A 1 65 ARG 65 58 ? ?   ?   A . n 
A 1 66 GLU 66 59 ? ?   ?   A . n 
A 1 67 ARG 67 60 ? ?   ?   A . n 
B 1 1  GLY 1  -6 ? ?   ?   B . n 
B 1 2  HIS 2  -5 ? ?   ?   B . n 
B 1 3  HIS 3  -4 ? ?   ?   B . n 
B 1 4  HIS 4  -3 ? ?   ?   B . n 
B 1 5  HIS 5  -2 ? ?   ?   B . n 
B 1 6  HIS 6  -1 ? ?   ?   B . n 
B 1 7  HIS 7  0  ? ?   ?   B . n 
B 1 8  THR 8  1  ? ?   ?   B . n 
B 1 9  ASP 9  2  ? ?   ?   B . n 
B 1 10 LYS 10 3  ? ?   ?   B . n 
B 1 11 ARG 11 4  ? ?   ?   B . n 
B 1 12 LYS 12 5  ? ?   ?   B . n 
B 1 13 ASP 13 6  ? ?   ?   B . n 
B 1 14 GLY 14 7  ? ?   ?   B . n 
B 1 15 SER 15 8  ? ?   ?   B . n 
B 1 16 GLY 16 9  ? ?   ?   B . n 
B 1 17 LYS 17 10 ? ?   ?   B . n 
B 1 18 LEU 18 11 1 LEU LEU B . n 
B 1 19 LEU 19 12 1 LEU LEU B . n 
B 1 20 TYR 20 13 1 TYR TYR B . n 
B 1 21 CYS 21 14 1 CYS CYS B . n 
B 1 22 SER 22 15 1 SER SER B . n 
B 1 23 PHE 23 16 1 PHE PHE B . n 
B 1 24 CYS 24 17 1 CYS CYS B . n 
B 1 25 GLY 25 18 1 GLY GLY B . n 
B 1 26 LYS 26 19 1 LYS LYS B . n 
B 1 27 SER 27 20 2 SER SER B . n 
B 1 28 GLN 28 21 2 GLN GLN B . n 
B 1 29 HIS 29 22 2 HIS HIS B . n 
B 1 30 GLU 30 23 2 GLU GLU B . n 
B 1 31 VAL 31 24 2 VAL VAL B . n 
B 1 32 ARG 32 25 2 ARG ARG B . n 
B 1 33 LYS 33 26 2 LYS LYS B . n 
B 1 34 LEU 34 27 2 LEU LEU B . n 
B 1 35 ILE 35 28 2 ILE ILE B . n 
B 1 36 ALA 36 29 2 ALA ALA B . n 
B 1 37 GLY 37 30 3 GLY GLY B . n 
B 1 38 PRO 38 31 3 PRO PRO B . n 
B 1 39 SER 39 32 3 SER SER B . n 
B 1 40 VAL 40 33 3 VAL VAL B . n 
B 1 41 TYR 41 34 3 TYR TYR B . n 
B 1 42 ILE 42 35 3 ILE ILE B . n 
B 1 43 CYS 43 36 3 CYS CYS B . n 
B 1 44 ASP 44 37 3 ASP ASP B . n 
B 1 45 GLU 45 38 3 GLU GLU B . n 
B 1 46 CYS 46 39 3 CYS CYS B . n 
B 1 47 VAL 47 40 4 VAL VAL B . n 
B 1 48 ASP 48 41 4 ASP ASP B . n 
B 1 49 LEU 49 42 4 LEU LEU B . n 
B 1 50 CYS 50 43 4 CYS CYS B . n 
B 1 51 ASN 51 44 4 ASN ASN B . n 
B 1 52 ASP 52 45 4 ASP ASP B . n 
B 1 53 ILE 53 46 4 ILE ILE B . n 
B 1 54 ILE 54 47 4 ILE ILE B . n 
B 1 55 ARG 55 48 4 ARG ARG B . n 
B 1 56 GLU 56 49 ? ?   ?   B . n 
B 1 57 GLU 57 50 ? ?   ?   B . n 
B 1 58 ILE 58 51 ? ?   ?   B . n 
B 1 59 LYS 59 52 ? ?   ?   B . n 
B 1 60 GLU 60 53 ? ?   ?   B . n 
B 1 61 VAL 61 54 ? ?   ?   B . n 
B 1 62 ALA 62 55 ? ?   ?   B . n 
B 1 63 PRO 63 56 ? ?   ?   B . n 
B 1 64 HIS 64 57 ? ?   ?   B . n 
B 1 65 ARG 65 58 ? ?   ?   B . n 
B 1 66 GLU 66 59 ? ?   ?   B . n 
B 1 67 ARG 67 60 ? ?   ?   B . n 
# 
loop_
_pdbx_nonpoly_scheme.asym_id 
_pdbx_nonpoly_scheme.entity_id 
_pdbx_nonpoly_scheme.mon_id 
_pdbx_nonpoly_scheme.ndb_seq_num 
_pdbx_nonpoly_scheme.pdb_seq_num 
_pdbx_nonpoly_scheme.auth_seq_num 
_pdbx_nonpoly_scheme.pdb_mon_id 
_pdbx_nonpoly_scheme.auth_mon_id 
_pdbx_nonpoly_scheme.pdb_strand_id 
_pdbx_nonpoly_scheme.pdb_ins_code 
C 2 ZN 1 61 4 ZN ZN2 A . 
D 2 ZN 1 61 4 ZN ZN2 B . 
# 
_exptl.entry_id          1OVX 
_exptl.method            'SOLUTION NMR' 
_exptl.crystals_number   ? 
# 
_exptl_crystal.id                    1 
_exptl_crystal.density_meas          ? 
_exptl_crystal.density_Matthews      ? 
_exptl_crystal.density_percent_sol   ? 
_exptl_crystal.description           ? 
# 
_diffrn.id                     1 
_diffrn.ambient_temp           ? 
_diffrn.ambient_temp_details   ? 
_diffrn.crystal_id             1 
# 
_diffrn_radiation.diffrn_id                        1 
_diffrn_radiation.wavelength_id                    1 
_diffrn_radiation.pdbx_monochromatic_or_laue_m_l   M 
_diffrn_radiation.monochromator                    ? 
_diffrn_radiation.pdbx_diffrn_protocol             'SINGLE WAVELENGTH' 
_diffrn_radiation.pdbx_scattering_type             x-ray 
# 
_diffrn_radiation_wavelength.id           1 
_diffrn_radiation_wavelength.wavelength   . 
_diffrn_radiation_wavelength.wt           1.0 
# 
_struct.entry_id                  1OVX 
_struct.title                     'NMR structure of the E. coli ClpX chaperone zinc binding domain dimer' 
_struct.pdbx_model_details        ? 
_struct.pdbx_CASP_flag            ? 
_struct.pdbx_model_type_details   ? 
# 
_struct_keywords.entry_id        1OVX 
_struct_keywords.pdbx_keywords   'METAL BINDING PROTEIN' 
_struct_keywords.text            'treble clef zinc finger, homodimer, METAL BINDING PROTEIN' 
# 
loop_
_struct_asym.id 
_struct_asym.pdbx_blank_PDB_chainid_flag 
_struct_asym.pdbx_modified 
_struct_asym.entity_id 
_struct_asym.details 
A N N 1 ? 
B N N 1 ? 
C N N 2 ? 
D N N 2 ? 
# 
_struct_ref.id                         1 
_struct_ref.db_name                    UNP 
_struct_ref.db_code                    CLPX_ECOLI 
_struct_ref.pdbx_db_accession          P0A6H1 
_struct_ref.entity_id                  1 
_struct_ref.pdbx_seq_one_letter_code   TDKRKDGSGKLLYCSFCGKSQHEVRKLIAGPSVYICDECVDLCNDIIREEIKEVAPHRER 
_struct_ref.pdbx_align_begin           1 
_struct_ref.pdbx_db_isoform            ? 
# 
loop_
_struct_ref_seq.align_id 
_struct_ref_seq.ref_id 
_struct_ref_seq.pdbx_PDB_id_code 
_struct_ref_seq.pdbx_strand_id 
_struct_ref_seq.seq_align_beg 
_struct_ref_seq.pdbx_seq_align_beg_ins_code 
_struct_ref_seq.seq_align_end 
_struct_ref_seq.pdbx_seq_align_end_ins_code 
_struct_ref_seq.pdbx_db_accession 
_struct_ref_seq.db_align_beg 
_struct_ref_seq.pdbx_db_align_beg_ins_code 
_struct_ref_seq.db_align_end 
_struct_ref_seq.pdbx_db_align_end_ins_code 
_struct_ref_seq.pdbx_auth_seq_align_beg 
_struct_ref_seq.pdbx_auth_seq_align_end 
1 1 1OVX A 8 ? 67 ? P0A6H1 1 ? 60 ? 1 60 
2 1 1OVX B 8 ? 67 ? P0A6H1 1 ? 60 ? 1 60 
# 
loop_
_struct_ref_seq_dif.align_id 
_struct_ref_seq_dif.pdbx_pdb_id_code 
_struct_ref_seq_dif.mon_id 
_struct_ref_seq_dif.pdbx_pdb_strand_id 
_struct_ref_seq_dif.seq_num 
_struct_ref_seq_dif.pdbx_pdb_ins_code 
_struct_ref_seq_dif.pdbx_seq_db_name 
_struct_ref_seq_dif.pdbx_seq_db_accession_code 
_struct_ref_seq_dif.db_mon_id 
_struct_ref_seq_dif.pdbx_seq_db_seq_num 
_struct_ref_seq_dif.details 
_struct_ref_seq_dif.pdbx_auth_seq_num 
_struct_ref_seq_dif.pdbx_ordinal 
1 1OVX GLY A 1 ? UNP P0A6H1 ? ? 'expression tag' -6 1  
1 1OVX HIS A 2 ? UNP P0A6H1 ? ? 'expression tag' -5 2  
1 1OVX HIS A 3 ? UNP P0A6H1 ? ? 'expression tag' -4 3  
1 1OVX HIS A 4 ? UNP P0A6H1 ? ? 'expression tag' -3 4  
1 1OVX HIS A 5 ? UNP P0A6H1 ? ? 'expression tag' -2 5  
1 1OVX HIS A 6 ? UNP P0A6H1 ? ? 'expression tag' -1 6  
1 1OVX HIS A 7 ? UNP P0A6H1 ? ? 'expression tag' 0  7  
2 1OVX GLY B 1 ? UNP P0A6H1 ? ? 'expression tag' -6 8  
2 1OVX HIS B 2 ? UNP P0A6H1 ? ? 'expression tag' -5 9  
2 1OVX HIS B 3 ? UNP P0A6H1 ? ? 'expression tag' -4 10 
2 1OVX HIS B 4 ? UNP P0A6H1 ? ? 'expression tag' -3 11 
2 1OVX HIS B 5 ? UNP P0A6H1 ? ? 'expression tag' -2 12 
2 1OVX HIS B 6 ? UNP P0A6H1 ? ? 'expression tag' -1 13 
2 1OVX HIS B 7 ? UNP P0A6H1 ? ? 'expression tag' 0  14 
# 
_pdbx_struct_assembly.id                   1 
_pdbx_struct_assembly.details              author_defined_assembly 
_pdbx_struct_assembly.method_details       ? 
_pdbx_struct_assembly.oligomeric_details   dimeric 
_pdbx_struct_assembly.oligomeric_count     2 
# 
_pdbx_struct_assembly_gen.assembly_id       1 
_pdbx_struct_assembly_gen.oper_expression   1 
_pdbx_struct_assembly_gen.asym_id_list      A,B,C,D 
# 
_pdbx_struct_oper_list.id                   1 
_pdbx_struct_oper_list.type                 'identity operation' 
_pdbx_struct_oper_list.name                 1_555 
_pdbx_struct_oper_list.symmetry_operation   x,y,z 
_pdbx_struct_oper_list.matrix[1][1]         1.0000000000 
_pdbx_struct_oper_list.matrix[1][2]         0.0000000000 
_pdbx_struct_oper_list.matrix[1][3]         0.0000000000 
_pdbx_struct_oper_list.vector[1]            0.0000000000 
_pdbx_struct_oper_list.matrix[2][1]         0.0000000000 
_pdbx_struct_oper_list.matrix[2][2]         1.0000000000 
_pdbx_struct_oper_list.matrix[2][3]         0.0000000000 
_pdbx_struct_oper_list.vector[2]            0.0000000000 
_pdbx_struct_oper_list.matrix[3][1]         0.0000000000 
_pdbx_struct_oper_list.matrix[3][2]         0.0000000000 
_pdbx_struct_oper_list.matrix[3][3]         1.0000000000 
_pdbx_struct_oper_list.vector[3]            0.0000000000 
# 
_struct_biol.id   1 
# 
loop_
_struct_conf.conf_type_id 
_struct_conf.id 
_struct_conf.pdbx_PDB_helix_id 
_struct_conf.beg_label_comp_id 
_struct_conf.beg_label_asym_id 
_struct_conf.beg_label_seq_id 
_struct_conf.pdbx_beg_PDB_ins_code 
_struct_conf.end_label_comp_id 
_struct_conf.end_label_asym_id 
_struct_conf.end_label_seq_id 
_struct_conf.pdbx_end_PDB_ins_code 
_struct_conf.beg_auth_comp_id 
_struct_conf.beg_auth_asym_id 
_struct_conf.beg_auth_seq_id 
_struct_conf.end_auth_comp_id 
_struct_conf.end_auth_asym_id 
_struct_conf.end_auth_seq_id 
_struct_conf.pdbx_PDB_helix_class 
_struct_conf.details 
_struct_conf.pdbx_PDB_helix_length 
HELX_P HELX_P1 1 ASP A 44 ? ARG A 55 ? ASP A 37 ARG A 48 1 ? 12 
HELX_P HELX_P2 2 ASP B 44 ? ARG B 55 ? ASP B 37 ARG B 48 1 ? 12 
# 
_struct_conf_type.id          HELX_P 
_struct_conf_type.criteria    ? 
_struct_conf_type.reference   ? 
# 
loop_
_struct_conn.id 
_struct_conn.conn_type_id 
_struct_conn.pdbx_leaving_atom_flag 
_struct_conn.pdbx_PDB_id 
_struct_conn.ptnr1_label_asym_id 
_struct_conn.ptnr1_label_comp_id 
_struct_conn.ptnr1_label_seq_id 
_struct_conn.ptnr1_label_atom_id 
_struct_conn.pdbx_ptnr1_label_alt_id 
_struct_conn.pdbx_ptnr1_PDB_ins_code 
_struct_conn.pdbx_ptnr1_standard_comp_id 
_struct_conn.ptnr1_symmetry 
_struct_conn.ptnr2_label_asym_id 
_struct_conn.ptnr2_label_comp_id 
_struct_conn.ptnr2_label_seq_id 
_struct_conn.ptnr2_label_atom_id 
_struct_conn.pdbx_ptnr2_label_alt_id 
_struct_conn.pdbx_ptnr2_PDB_ins_code 
_struct_conn.ptnr1_auth_asym_id 
_struct_conn.ptnr1_auth_comp_id 
_struct_conn.ptnr1_auth_seq_id 
_struct_conn.ptnr2_auth_asym_id 
_struct_conn.ptnr2_auth_comp_id 
_struct_conn.ptnr2_auth_seq_id 
_struct_conn.ptnr2_symmetry 
_struct_conn.pdbx_ptnr3_label_atom_id 
_struct_conn.pdbx_ptnr3_label_seq_id 
_struct_conn.pdbx_ptnr3_label_comp_id 
_struct_conn.pdbx_ptnr3_label_asym_id 
_struct_conn.pdbx_ptnr3_label_alt_id 
_struct_conn.pdbx_ptnr3_PDB_ins_code 
_struct_conn.details 
_struct_conn.pdbx_dist_value 
_struct_conn.pdbx_value_order 
_struct_conn.pdbx_role 
metalc1 metalc ? ? A CYS 21 SG ? ? ? 1_555 C ZN . ZN ? ? A CYS 14 A ZN 61 1_555 ? ? ? ? ? ? ? 2.301 ? ? 
metalc2 metalc ? ? A CYS 24 SG ? ? ? 1_555 C ZN . ZN ? ? A CYS 17 A ZN 61 1_555 ? ? ? ? ? ? ? 2.315 ? ? 
metalc3 metalc ? ? A CYS 43 SG ? ? ? 1_555 C ZN . ZN ? ? A CYS 36 A ZN 61 1_555 ? ? ? ? ? ? ? 2.293 ? ? 
metalc4 metalc ? ? A CYS 46 SG ? ? ? 1_555 C ZN . ZN ? ? A CYS 39 A ZN 61 1_555 ? ? ? ? ? ? ? 2.265 ? ? 
metalc5 metalc ? ? B CYS 21 SG ? ? ? 1_555 D ZN . ZN ? ? B CYS 14 B ZN 61 1_555 ? ? ? ? ? ? ? 2.302 ? ? 
metalc6 metalc ? ? B CYS 24 SG ? ? ? 1_555 D ZN . ZN ? ? B CYS 17 B ZN 61 1_555 ? ? ? ? ? ? ? 2.316 ? ? 
metalc7 metalc ? ? B CYS 43 SG ? ? ? 1_555 D ZN . ZN ? ? B CYS 36 B ZN 61 1_555 ? ? ? ? ? ? ? 2.292 ? ? 
metalc8 metalc ? ? B CYS 46 SG ? ? ? 1_555 D ZN . ZN ? ? B CYS 39 B ZN 61 1_555 ? ? ? ? ? ? ? 2.267 ? ? 
# 
_struct_conn_type.id          metalc 
_struct_conn_type.criteria    ? 
_struct_conn_type.reference   ? 
# 
loop_
_pdbx_struct_conn_angle.id 
_pdbx_struct_conn_angle.ptnr1_label_atom_id 
_pdbx_struct_conn_angle.ptnr1_label_alt_id 
_pdbx_struct_conn_angle.ptnr1_label_asym_id 
_pdbx_struct_conn_angle.ptnr1_label_comp_id 
_pdbx_struct_conn_angle.ptnr1_label_seq_id 
_pdbx_struct_conn_angle.ptnr1_auth_atom_id 
_pdbx_struct_conn_angle.ptnr1_auth_asym_id 
_pdbx_struct_conn_angle.ptnr1_auth_comp_id 
_pdbx_struct_conn_angle.ptnr1_auth_seq_id 
_pdbx_struct_conn_angle.ptnr1_PDB_ins_code 
_pdbx_struct_conn_angle.ptnr1_symmetry 
_pdbx_struct_conn_angle.ptnr2_label_atom_id 
_pdbx_struct_conn_angle.ptnr2_label_alt_id 
_pdbx_struct_conn_angle.ptnr2_label_asym_id 
_pdbx_struct_conn_angle.ptnr2_label_comp_id 
_pdbx_struct_conn_angle.ptnr2_label_seq_id 
_pdbx_struct_conn_angle.ptnr2_auth_atom_id 
_pdbx_struct_conn_angle.ptnr2_auth_asym_id 
_pdbx_struct_conn_angle.ptnr2_auth_comp_id 
_pdbx_struct_conn_angle.ptnr2_auth_seq_id 
_pdbx_struct_conn_angle.ptnr2_PDB_ins_code 
_pdbx_struct_conn_angle.ptnr2_symmetry 
_pdbx_struct_conn_angle.ptnr3_label_atom_id 
_pdbx_struct_conn_angle.ptnr3_label_alt_id 
_pdbx_struct_conn_angle.ptnr3_label_asym_id 
_pdbx_struct_conn_angle.ptnr3_label_comp_id 
_pdbx_struct_conn_angle.ptnr3_label_seq_id 
_pdbx_struct_conn_angle.ptnr3_auth_atom_id 
_pdbx_struct_conn_angle.ptnr3_auth_asym_id 
_pdbx_struct_conn_angle.ptnr3_auth_comp_id 
_pdbx_struct_conn_angle.ptnr3_auth_seq_id 
_pdbx_struct_conn_angle.ptnr3_PDB_ins_code 
_pdbx_struct_conn_angle.ptnr3_symmetry 
_pdbx_struct_conn_angle.value 
_pdbx_struct_conn_angle.value_esd 
1  SG ? A CYS 21 ? A CYS 14 ? 1_555 ZN ? C ZN . ? A ZN 61 ? 1_555 SG ? A CYS 24 ? A CYS 17 ? 1_555 109.5 ? 
2  SG ? A CYS 21 ? A CYS 14 ? 1_555 ZN ? C ZN . ? A ZN 61 ? 1_555 SG ? A CYS 43 ? A CYS 36 ? 1_555 109.3 ? 
3  SG ? A CYS 24 ? A CYS 17 ? 1_555 ZN ? C ZN . ? A ZN 61 ? 1_555 SG ? A CYS 43 ? A CYS 36 ? 1_555 109.8 ? 
4  SG ? A CYS 21 ? A CYS 14 ? 1_555 ZN ? C ZN . ? A ZN 61 ? 1_555 SG ? A CYS 46 ? A CYS 39 ? 1_555 108.9 ? 
5  SG ? A CYS 24 ? A CYS 17 ? 1_555 ZN ? C ZN . ? A ZN 61 ? 1_555 SG ? A CYS 46 ? A CYS 39 ? 1_555 108.7 ? 
6  SG ? A CYS 43 ? A CYS 36 ? 1_555 ZN ? C ZN . ? A ZN 61 ? 1_555 SG ? A CYS 46 ? A CYS 39 ? 1_555 110.7 ? 
7  SG ? B CYS 21 ? B CYS 14 ? 1_555 ZN ? D ZN . ? B ZN 61 ? 1_555 SG ? B CYS 24 ? B CYS 17 ? 1_555 109.6 ? 
8  SG ? B CYS 21 ? B CYS 14 ? 1_555 ZN ? D ZN . ? B ZN 61 ? 1_555 SG ? B CYS 43 ? B CYS 36 ? 1_555 109.4 ? 
9  SG ? B CYS 24 ? B CYS 17 ? 1_555 ZN ? D ZN . ? B ZN 61 ? 1_555 SG ? B CYS 43 ? B CYS 36 ? 1_555 109.8 ? 
10 SG ? B CYS 21 ? B CYS 14 ? 1_555 ZN ? D ZN . ? B ZN 61 ? 1_555 SG ? B CYS 46 ? B CYS 39 ? 1_555 109.0 ? 
11 SG ? B CYS 24 ? B CYS 17 ? 1_555 ZN ? D ZN . ? B ZN 61 ? 1_555 SG ? B CYS 46 ? B CYS 39 ? 1_555 108.4 ? 
12 SG ? B CYS 43 ? B CYS 36 ? 1_555 ZN ? D ZN . ? B ZN 61 ? 1_555 SG ? B CYS 46 ? B CYS 39 ? 1_555 110.7 ? 
# 
loop_
_struct_sheet.id 
_struct_sheet.type 
_struct_sheet.number_strands 
_struct_sheet.details 
A ? 2 ? 
B ? 2 ? 
# 
loop_
_struct_sheet_order.sheet_id 
_struct_sheet_order.range_id_1 
_struct_sheet_order.range_id_2 
_struct_sheet_order.offset 
_struct_sheet_order.sense 
A 1 2 ? anti-parallel 
B 1 2 ? anti-parallel 
# 
loop_
_struct_sheet_range.sheet_id 
_struct_sheet_range.id 
_struct_sheet_range.beg_label_comp_id 
_struct_sheet_range.beg_label_asym_id 
_struct_sheet_range.beg_label_seq_id 
_struct_sheet_range.pdbx_beg_PDB_ins_code 
_struct_sheet_range.end_label_comp_id 
_struct_sheet_range.end_label_asym_id 
_struct_sheet_range.end_label_seq_id 
_struct_sheet_range.pdbx_end_PDB_ins_code 
_struct_sheet_range.beg_auth_comp_id 
_struct_sheet_range.beg_auth_asym_id 
_struct_sheet_range.beg_auth_seq_id 
_struct_sheet_range.end_auth_comp_id 
_struct_sheet_range.end_auth_asym_id 
_struct_sheet_range.end_auth_seq_id 
A 1 LEU A 34 ? ALA A 36 ? LEU A 27 ALA A 29 
A 2 TYR A 41 ? CYS A 43 ? TYR A 34 CYS A 36 
B 1 LEU B 34 ? ALA B 36 ? LEU B 27 ALA B 29 
B 2 TYR B 41 ? CYS B 43 ? TYR B 34 CYS B 36 
# 
loop_
_pdbx_struct_sheet_hbond.sheet_id 
_pdbx_struct_sheet_hbond.range_id_1 
_pdbx_struct_sheet_hbond.range_id_2 
_pdbx_struct_sheet_hbond.range_1_label_atom_id 
_pdbx_struct_sheet_hbond.range_1_label_comp_id 
_pdbx_struct_sheet_hbond.range_1_label_asym_id 
_pdbx_struct_sheet_hbond.range_1_label_seq_id 
_pdbx_struct_sheet_hbond.range_1_PDB_ins_code 
_pdbx_struct_sheet_hbond.range_1_auth_atom_id 
_pdbx_struct_sheet_hbond.range_1_auth_comp_id 
_pdbx_struct_sheet_hbond.range_1_auth_asym_id 
_pdbx_struct_sheet_hbond.range_1_auth_seq_id 
_pdbx_struct_sheet_hbond.range_2_label_atom_id 
_pdbx_struct_sheet_hbond.range_2_label_comp_id 
_pdbx_struct_sheet_hbond.range_2_label_asym_id 
_pdbx_struct_sheet_hbond.range_2_label_seq_id 
_pdbx_struct_sheet_hbond.range_2_PDB_ins_code 
_pdbx_struct_sheet_hbond.range_2_auth_atom_id 
_pdbx_struct_sheet_hbond.range_2_auth_comp_id 
_pdbx_struct_sheet_hbond.range_2_auth_asym_id 
_pdbx_struct_sheet_hbond.range_2_auth_seq_id 
A 1 2 N ILE A 35 ? N ILE A 28 O ILE A 42 ? O ILE A 35 
B 1 2 N ILE B 35 ? N ILE B 28 O ILE B 42 ? O ILE B 35 
# 
loop_
_struct_site.id 
_struct_site.pdbx_evidence_code 
_struct_site.pdbx_auth_asym_id 
_struct_site.pdbx_auth_comp_id 
_struct_site.pdbx_auth_seq_id 
_struct_site.pdbx_auth_ins_code 
_struct_site.pdbx_num_residues 
_struct_site.details 
AC1 Software A ZN 61 ? 4 'BINDING SITE FOR RESIDUE ZN A 61' 
AC2 Software B ZN 61 ? 4 'BINDING SITE FOR RESIDUE ZN B 61' 
# 
loop_
_struct_site_gen.id 
_struct_site_gen.site_id 
_struct_site_gen.pdbx_num_res 
_struct_site_gen.label_comp_id 
_struct_site_gen.label_asym_id 
_struct_site_gen.label_seq_id 
_struct_site_gen.pdbx_auth_ins_code 
_struct_site_gen.auth_comp_id 
_struct_site_gen.auth_asym_id 
_struct_site_gen.auth_seq_id 
_struct_site_gen.label_atom_id 
_struct_site_gen.label_alt_id 
_struct_site_gen.symmetry 
_struct_site_gen.details 
1 AC1 4 CYS A 21 ? CYS A 14 . ? 1_555 ? 
2 AC1 4 CYS A 24 ? CYS A 17 . ? 1_555 ? 
3 AC1 4 CYS A 43 ? CYS A 36 . ? 1_555 ? 
4 AC1 4 CYS A 46 ? CYS A 39 . ? 1_555 ? 
5 AC2 4 CYS B 21 ? CYS B 14 . ? 1_555 ? 
6 AC2 4 CYS B 24 ? CYS B 17 . ? 1_555 ? 
7 AC2 4 CYS B 43 ? CYS B 36 . ? 1_555 ? 
8 AC2 4 CYS B 46 ? CYS B 39 . ? 1_555 ? 
# 
loop_
_pdbx_validate_close_contact.id 
_pdbx_validate_close_contact.PDB_model_num 
_pdbx_validate_close_contact.auth_atom_id_1 
_pdbx_validate_close_contact.auth_asym_id_1 
_pdbx_validate_close_contact.auth_comp_id_1 
_pdbx_validate_close_contact.auth_seq_id_1 
_pdbx_validate_close_contact.PDB_ins_code_1 
_pdbx_validate_close_contact.label_alt_id_1 
_pdbx_validate_close_contact.auth_atom_id_2 
_pdbx_validate_close_contact.auth_asym_id_2 
_pdbx_validate_close_contact.auth_comp_id_2 
_pdbx_validate_close_contact.auth_seq_id_2 
_pdbx_validate_close_contact.PDB_ins_code_2 
_pdbx_validate_close_contact.label_alt_id_2 
_pdbx_validate_close_contact.dist 
1 1 HG A SER 20 ? ? H A GLU 23 ? ? 1.23 
2 1 HG B SER 20 ? ? H B GLU 23 ? ? 1.23 
# 
loop_
_pdbx_validate_torsion.id 
_pdbx_validate_torsion.PDB_model_num 
_pdbx_validate_torsion.auth_comp_id 
_pdbx_validate_torsion.auth_asym_id 
_pdbx_validate_torsion.auth_seq_id 
_pdbx_validate_torsion.PDB_ins_code 
_pdbx_validate_torsion.label_alt_id 
_pdbx_validate_torsion.phi 
_pdbx_validate_torsion.psi 
1 1 SER A 32 ? ? -160.89 4.40   
2 1 PHE B 16 ? ? -93.72  -60.74 
3 1 SER B 32 ? ? -161.42 1.77   
# 
_pdbx_nmr_ensemble.entry_id                                      1OVX 
_pdbx_nmr_ensemble.conformers_calculated_total_number            500 
_pdbx_nmr_ensemble.conformers_submitted_total_number             1 
_pdbx_nmr_ensemble.conformer_selection_criteria                  'structures with acceptable covalent geometry' 
_pdbx_nmr_ensemble.average_constraints_per_residue               ? 
_pdbx_nmr_ensemble.average_constraint_violations_per_residue     ? 
_pdbx_nmr_ensemble.maximum_distance_constraint_violation         ? 
_pdbx_nmr_ensemble.average_distance_constraint_violation         ? 
_pdbx_nmr_ensemble.maximum_upper_distance_constraint_violation   ? 
_pdbx_nmr_ensemble.maximum_lower_distance_constraint_violation   ? 
_pdbx_nmr_ensemble.distance_constraint_violation_method          ? 
_pdbx_nmr_ensemble.maximum_torsion_angle_constraint_violation    ? 
_pdbx_nmr_ensemble.average_torsion_angle_constraint_violation    ? 
_pdbx_nmr_ensemble.torsion_angle_constraint_violation_method     ? 
# 
_pdbx_nmr_representative.entry_id             1OVX 
_pdbx_nmr_representative.conformer_id         1 
_pdbx_nmr_representative.selection_criteria   'fewest violations,lowest energy' 
# 
_pdbx_nmr_sample_details.solution_id      1 
_pdbx_nmr_sample_details.contents         '1.3 mM ClpX U-15N,13C' 
_pdbx_nmr_sample_details.solvent_system   
'20 mM sodium phosphate buffer, 0.03% sodium azide, pH 7.5; 150 mM sodium chloride; 90% H2O, 10% H2O' 
# 
_pdbx_nmr_exptl_sample_conditions.conditions_id       1 
_pdbx_nmr_exptl_sample_conditions.temperature         303 
_pdbx_nmr_exptl_sample_conditions.pressure            ambient 
_pdbx_nmr_exptl_sample_conditions.pH                  7.5 
_pdbx_nmr_exptl_sample_conditions.ionic_strength      '150 mM NaCl' 
_pdbx_nmr_exptl_sample_conditions.pressure_units      ? 
_pdbx_nmr_exptl_sample_conditions.temperature_units   K 
# 
_pdbx_nmr_exptl.experiment_id   1 
_pdbx_nmr_exptl.solution_id     1 
_pdbx_nmr_exptl.conditions_id   1 
_pdbx_nmr_exptl.type            3D_13C/15N-separated_NOESY 
# 
_pdbx_nmr_details.entry_id   1OVX 
_pdbx_nmr_details.text       'This structure was determined using standard triple-resonance NMR methods' 
# 
_pdbx_nmr_refine.entry_id           1OVX 
_pdbx_nmr_refine.method             'simulated annealing cartesian dynamics' 
_pdbx_nmr_refine.details            
;The structure is based on 463 intramolecular distance restraints, 47 intermolecular  restraints and 24 hydrogen bond  restraints.  30 phi/psi dihedral angle restraints were incorporated based on analysis of chemical shifts by TALOS
;
_pdbx_nmr_refine.software_ordinal   1 
# 
loop_
_pdbx_nmr_software.name 
_pdbx_nmr_software.version 
_pdbx_nmr_software.classification 
_pdbx_nmr_software.authors 
_pdbx_nmr_software.ordinal 
X-PLOR  NIH 'structure solution' Brunger  1 
NMRPipe 2.1 processing           Delaglio 2 
NMRView 5.0 'data analysis'      Johnson  3 
X-PLOR  NIH refinement           Brunger  4 
# 
loop_
_pdbx_unobs_or_zero_occ_residues.id 
_pdbx_unobs_or_zero_occ_residues.PDB_model_num 
_pdbx_unobs_or_zero_occ_residues.polymer_flag 
_pdbx_unobs_or_zero_occ_residues.occupancy_flag 
_pdbx_unobs_or_zero_occ_residues.auth_asym_id 
_pdbx_unobs_or_zero_occ_residues.auth_comp_id 
_pdbx_unobs_or_zero_occ_residues.auth_seq_id 
_pdbx_unobs_or_zero_occ_residues.PDB_ins_code 
_pdbx_unobs_or_zero_occ_residues.label_asym_id 
_pdbx_unobs_or_zero_occ_residues.label_comp_id 
_pdbx_unobs_or_zero_occ_residues.label_seq_id 
1  1 Y 1 A GLY -6 ? A GLY 1  
2  1 Y 1 A HIS -5 ? A HIS 2  
3  1 Y 1 A HIS -4 ? A HIS 3  
4  1 Y 1 A HIS -3 ? A HIS 4  
5  1 Y 1 A HIS -2 ? A HIS 5  
6  1 Y 1 A HIS -1 ? A HIS 6  
7  1 Y 1 A HIS 0  ? A HIS 7  
8  1 Y 1 A THR 1  ? A THR 8  
9  1 Y 1 A ASP 2  ? A ASP 9  
10 1 Y 1 A LYS 3  ? A LYS 10 
11 1 Y 1 A ARG 4  ? A ARG 11 
12 1 Y 1 A LYS 5  ? A LYS 12 
13 1 Y 1 A ASP 6  ? A ASP 13 
14 1 Y 1 A GLY 7  ? A GLY 14 
15 1 Y 1 A SER 8  ? A SER 15 
16 1 Y 1 A GLY 9  ? A GLY 16 
17 1 Y 1 A LYS 10 ? A LYS 17 
18 1 Y 1 A GLU 49 ? A GLU 56 
19 1 Y 1 A GLU 50 ? A GLU 57 
20 1 Y 1 A ILE 51 ? A ILE 58 
21 1 Y 1 A LYS 52 ? A LYS 59 
22 1 Y 1 A GLU 53 ? A GLU 60 
23 1 Y 1 A VAL 54 ? A VAL 61 
24 1 Y 1 A ALA 55 ? A ALA 62 
25 1 Y 1 A PRO 56 ? A PRO 63 
26 1 Y 1 A HIS 57 ? A HIS 64 
27 1 Y 1 A ARG 58 ? A ARG 65 
28 1 Y 1 A GLU 59 ? A GLU 66 
29 1 Y 1 A ARG 60 ? A ARG 67 
30 1 Y 1 B GLY -6 ? B GLY 1  
31 1 Y 1 B HIS -5 ? B HIS 2  
32 1 Y 1 B HIS -4 ? B HIS 3  
33 1 Y 1 B HIS -3 ? B HIS 4  
34 1 Y 1 B HIS -2 ? B HIS 5  
35 1 Y 1 B HIS -1 ? B HIS 6  
36 1 Y 1 B HIS 0  ? B HIS 7  
37 1 Y 1 B THR 1  ? B THR 8  
38 1 Y 1 B ASP 2  ? B ASP 9  
39 1 Y 1 B LYS 3  ? B LYS 10 
40 1 Y 1 B ARG 4  ? B ARG 11 
41 1 Y 1 B LYS 5  ? B LYS 12 
42 1 Y 1 B ASP 6  ? B ASP 13 
43 1 Y 1 B GLY 7  ? B GLY 14 
44 1 Y 1 B SER 8  ? B SER 15 
45 1 Y 1 B GLY 9  ? B GLY 16 
46 1 Y 1 B LYS 10 ? B LYS 17 
47 1 Y 1 B GLU 49 ? B GLU 56 
48 1 Y 1 B GLU 50 ? B GLU 57 
49 1 Y 1 B ILE 51 ? B ILE 58 
50 1 Y 1 B LYS 52 ? B LYS 59 
51 1 Y 1 B GLU 53 ? B GLU 60 
52 1 Y 1 B VAL 54 ? B VAL 61 
53 1 Y 1 B ALA 55 ? B ALA 62 
54 1 Y 1 B PRO 56 ? B PRO 63 
55 1 Y 1 B HIS 57 ? B HIS 64 
56 1 Y 1 B ARG 58 ? B ARG 65 
57 1 Y 1 B GLU 59 ? B GLU 66 
58 1 Y 1 B ARG 60 ? B ARG 67 
# 
loop_
_chem_comp_atom.comp_id 
_chem_comp_atom.atom_id 
_chem_comp_atom.type_symbol 
_chem_comp_atom.pdbx_aromatic_flag 
_chem_comp_atom.pdbx_stereo_config 
_chem_comp_atom.pdbx_ordinal 
ALA N    N  N N 1   
ALA CA   C  N S 2   
ALA C    C  N N 3   
ALA O    O  N N 4   
ALA CB   C  N N 5   
ALA OXT  O  N N 6   
ALA H    H  N N 7   
ALA H2   H  N N 8   
ALA HA   H  N N 9   
ALA HB1  H  N N 10  
ALA HB2  H  N N 11  
ALA HB3  H  N N 12  
ALA HXT  H  N N 13  
ARG N    N  N N 14  
ARG CA   C  N S 15  
ARG C    C  N N 16  
ARG O    O  N N 17  
ARG CB   C  N N 18  
ARG CG   C  N N 19  
ARG CD   C  N N 20  
ARG NE   N  N N 21  
ARG CZ   C  N N 22  
ARG NH1  N  N N 23  
ARG NH2  N  N N 24  
ARG OXT  O  N N 25  
ARG H    H  N N 26  
ARG H2   H  N N 27  
ARG HA   H  N N 28  
ARG HB2  H  N N 29  
ARG HB3  H  N N 30  
ARG HG2  H  N N 31  
ARG HG3  H  N N 32  
ARG HD2  H  N N 33  
ARG HD3  H  N N 34  
ARG HE   H  N N 35  
ARG HH11 H  N N 36  
ARG HH12 H  N N 37  
ARG HH21 H  N N 38  
ARG HH22 H  N N 39  
ARG HXT  H  N N 40  
ASN N    N  N N 41  
ASN CA   C  N S 42  
ASN C    C  N N 43  
ASN O    O  N N 44  
ASN CB   C  N N 45  
ASN CG   C  N N 46  
ASN OD1  O  N N 47  
ASN ND2  N  N N 48  
ASN OXT  O  N N 49  
ASN H    H  N N 50  
ASN H2   H  N N 51  
ASN HA   H  N N 52  
ASN HB2  H  N N 53  
ASN HB3  H  N N 54  
ASN HD21 H  N N 55  
ASN HD22 H  N N 56  
ASN HXT  H  N N 57  
ASP N    N  N N 58  
ASP CA   C  N S 59  
ASP C    C  N N 60  
ASP O    O  N N 61  
ASP CB   C  N N 62  
ASP CG   C  N N 63  
ASP OD1  O  N N 64  
ASP OD2  O  N N 65  
ASP OXT  O  N N 66  
ASP H    H  N N 67  
ASP H2   H  N N 68  
ASP HA   H  N N 69  
ASP HB2  H  N N 70  
ASP HB3  H  N N 71  
ASP HD2  H  N N 72  
ASP HXT  H  N N 73  
CYS N    N  N N 74  
CYS CA   C  N R 75  
CYS C    C  N N 76  
CYS O    O  N N 77  
CYS CB   C  N N 78  
CYS SG   S  N N 79  
CYS OXT  O  N N 80  
CYS H    H  N N 81  
CYS H2   H  N N 82  
CYS HA   H  N N 83  
CYS HB2  H  N N 84  
CYS HB3  H  N N 85  
CYS HG   H  N N 86  
CYS HXT  H  N N 87  
GLN N    N  N N 88  
GLN CA   C  N S 89  
GLN C    C  N N 90  
GLN O    O  N N 91  
GLN CB   C  N N 92  
GLN CG   C  N N 93  
GLN CD   C  N N 94  
GLN OE1  O  N N 95  
GLN NE2  N  N N 96  
GLN OXT  O  N N 97  
GLN H    H  N N 98  
GLN H2   H  N N 99  
GLN HA   H  N N 100 
GLN HB2  H  N N 101 
GLN HB3  H  N N 102 
GLN HG2  H  N N 103 
GLN HG3  H  N N 104 
GLN HE21 H  N N 105 
GLN HE22 H  N N 106 
GLN HXT  H  N N 107 
GLU N    N  N N 108 
GLU CA   C  N S 109 
GLU C    C  N N 110 
GLU O    O  N N 111 
GLU CB   C  N N 112 
GLU CG   C  N N 113 
GLU CD   C  N N 114 
GLU OE1  O  N N 115 
GLU OE2  O  N N 116 
GLU OXT  O  N N 117 
GLU H    H  N N 118 
GLU H2   H  N N 119 
GLU HA   H  N N 120 
GLU HB2  H  N N 121 
GLU HB3  H  N N 122 
GLU HG2  H  N N 123 
GLU HG3  H  N N 124 
GLU HE2  H  N N 125 
GLU HXT  H  N N 126 
GLY N    N  N N 127 
GLY CA   C  N N 128 
GLY C    C  N N 129 
GLY O    O  N N 130 
GLY OXT  O  N N 131 
GLY H    H  N N 132 
GLY H2   H  N N 133 
GLY HA2  H  N N 134 
GLY HA3  H  N N 135 
GLY HXT  H  N N 136 
HIS N    N  N N 137 
HIS CA   C  N S 138 
HIS C    C  N N 139 
HIS O    O  N N 140 
HIS CB   C  N N 141 
HIS CG   C  Y N 142 
HIS ND1  N  Y N 143 
HIS CD2  C  Y N 144 
HIS CE1  C  Y N 145 
HIS NE2  N  Y N 146 
HIS OXT  O  N N 147 
HIS H    H  N N 148 
HIS H2   H  N N 149 
HIS HA   H  N N 150 
HIS HB2  H  N N 151 
HIS HB3  H  N N 152 
HIS HD1  H  N N 153 
HIS HD2  H  N N 154 
HIS HE1  H  N N 155 
HIS HE2  H  N N 156 
HIS HXT  H  N N 157 
ILE N    N  N N 158 
ILE CA   C  N S 159 
ILE C    C  N N 160 
ILE O    O  N N 161 
ILE CB   C  N S 162 
ILE CG1  C  N N 163 
ILE CG2  C  N N 164 
ILE CD1  C  N N 165 
ILE OXT  O  N N 166 
ILE H    H  N N 167 
ILE H2   H  N N 168 
ILE HA   H  N N 169 
ILE HB   H  N N 170 
ILE HG12 H  N N 171 
ILE HG13 H  N N 172 
ILE HG21 H  N N 173 
ILE HG22 H  N N 174 
ILE HG23 H  N N 175 
ILE HD11 H  N N 176 
ILE HD12 H  N N 177 
ILE HD13 H  N N 178 
ILE HXT  H  N N 179 
LEU N    N  N N 180 
LEU CA   C  N S 181 
LEU C    C  N N 182 
LEU O    O  N N 183 
LEU CB   C  N N 184 
LEU CG   C  N N 185 
LEU CD1  C  N N 186 
LEU CD2  C  N N 187 
LEU OXT  O  N N 188 
LEU H    H  N N 189 
LEU H2   H  N N 190 
LEU HA   H  N N 191 
LEU HB2  H  N N 192 
LEU HB3  H  N N 193 
LEU HG   H  N N 194 
LEU HD11 H  N N 195 
LEU HD12 H  N N 196 
LEU HD13 H  N N 197 
LEU HD21 H  N N 198 
LEU HD22 H  N N 199 
LEU HD23 H  N N 200 
LEU HXT  H  N N 201 
LYS N    N  N N 202 
LYS CA   C  N S 203 
LYS C    C  N N 204 
LYS O    O  N N 205 
LYS CB   C  N N 206 
LYS CG   C  N N 207 
LYS CD   C  N N 208 
LYS CE   C  N N 209 
LYS NZ   N  N N 210 
LYS OXT  O  N N 211 
LYS H    H  N N 212 
LYS H2   H  N N 213 
LYS HA   H  N N 214 
LYS HB2  H  N N 215 
LYS HB3  H  N N 216 
LYS HG2  H  N N 217 
LYS HG3  H  N N 218 
LYS HD2  H  N N 219 
LYS HD3  H  N N 220 
LYS HE2  H  N N 221 
LYS HE3  H  N N 222 
LYS HZ1  H  N N 223 
LYS HZ2  H  N N 224 
LYS HZ3  H  N N 225 
LYS HXT  H  N N 226 
PHE N    N  N N 227 
PHE CA   C  N S 228 
PHE C    C  N N 229 
PHE O    O  N N 230 
PHE CB   C  N N 231 
PHE CG   C  Y N 232 
PHE CD1  C  Y N 233 
PHE CD2  C  Y N 234 
PHE CE1  C  Y N 235 
PHE CE2  C  Y N 236 
PHE CZ   C  Y N 237 
PHE OXT  O  N N 238 
PHE H    H  N N 239 
PHE H2   H  N N 240 
PHE HA   H  N N 241 
PHE HB2  H  N N 242 
PHE HB3  H  N N 243 
PHE HD1  H  N N 244 
PHE HD2  H  N N 245 
PHE HE1  H  N N 246 
PHE HE2  H  N N 247 
PHE HZ   H  N N 248 
PHE HXT  H  N N 249 
PRO N    N  N N 250 
PRO CA   C  N S 251 
PRO C    C  N N 252 
PRO O    O  N N 253 
PRO CB   C  N N 254 
PRO CG   C  N N 255 
PRO CD   C  N N 256 
PRO OXT  O  N N 257 
PRO H    H  N N 258 
PRO HA   H  N N 259 
PRO HB2  H  N N 260 
PRO HB3  H  N N 261 
PRO HG2  H  N N 262 
PRO HG3  H  N N 263 
PRO HD2  H  N N 264 
PRO HD3  H  N N 265 
PRO HXT  H  N N 266 
SER N    N  N N 267 
SER CA   C  N S 268 
SER C    C  N N 269 
SER O    O  N N 270 
SER CB   C  N N 271 
SER OG   O  N N 272 
SER OXT  O  N N 273 
SER H    H  N N 274 
SER H2   H  N N 275 
SER HA   H  N N 276 
SER HB2  H  N N 277 
SER HB3  H  N N 278 
SER HG   H  N N 279 
SER HXT  H  N N 280 
THR N    N  N N 281 
THR CA   C  N S 282 
THR C    C  N N 283 
THR O    O  N N 284 
THR CB   C  N R 285 
THR OG1  O  N N 286 
THR CG2  C  N N 287 
THR OXT  O  N N 288 
THR H    H  N N 289 
THR H2   H  N N 290 
THR HA   H  N N 291 
THR HB   H  N N 292 
THR HG1  H  N N 293 
THR HG21 H  N N 294 
THR HG22 H  N N 295 
THR HG23 H  N N 296 
THR HXT  H  N N 297 
TYR N    N  N N 298 
TYR CA   C  N S 299 
TYR C    C  N N 300 
TYR O    O  N N 301 
TYR CB   C  N N 302 
TYR CG   C  Y N 303 
TYR CD1  C  Y N 304 
TYR CD2  C  Y N 305 
TYR CE1  C  Y N 306 
TYR CE2  C  Y N 307 
TYR CZ   C  Y N 308 
TYR OH   O  N N 309 
TYR OXT  O  N N 310 
TYR H    H  N N 311 
TYR H2   H  N N 312 
TYR HA   H  N N 313 
TYR HB2  H  N N 314 
TYR HB3  H  N N 315 
TYR HD1  H  N N 316 
TYR HD2  H  N N 317 
TYR HE1  H  N N 318 
TYR HE2  H  N N 319 
TYR HH   H  N N 320 
TYR HXT  H  N N 321 
VAL N    N  N N 322 
VAL CA   C  N S 323 
VAL C    C  N N 324 
VAL O    O  N N 325 
VAL CB   C  N N 326 
VAL CG1  C  N N 327 
VAL CG2  C  N N 328 
VAL OXT  O  N N 329 
VAL H    H  N N 330 
VAL H2   H  N N 331 
VAL HA   H  N N 332 
VAL HB   H  N N 333 
VAL HG11 H  N N 334 
VAL HG12 H  N N 335 
VAL HG13 H  N N 336 
VAL HG21 H  N N 337 
VAL HG22 H  N N 338 
VAL HG23 H  N N 339 
VAL HXT  H  N N 340 
ZN  ZN   ZN N N 341 
# 
loop_
_chem_comp_bond.comp_id 
_chem_comp_bond.atom_id_1 
_chem_comp_bond.atom_id_2 
_chem_comp_bond.value_order 
_chem_comp_bond.pdbx_aromatic_flag 
_chem_comp_bond.pdbx_stereo_config 
_chem_comp_bond.pdbx_ordinal 
ALA N   CA   sing N N 1   
ALA N   H    sing N N 2   
ALA N   H2   sing N N 3   
ALA CA  C    sing N N 4   
ALA CA  CB   sing N N 5   
ALA CA  HA   sing N N 6   
ALA C   O    doub N N 7   
ALA C   OXT  sing N N 8   
ALA CB  HB1  sing N N 9   
ALA CB  HB2  sing N N 10  
ALA CB  HB3  sing N N 11  
ALA OXT HXT  sing N N 12  
ARG N   CA   sing N N 13  
ARG N   H    sing N N 14  
ARG N   H2   sing N N 15  
ARG CA  C    sing N N 16  
ARG CA  CB   sing N N 17  
ARG CA  HA   sing N N 18  
ARG C   O    doub N N 19  
ARG C   OXT  sing N N 20  
ARG CB  CG   sing N N 21  
ARG CB  HB2  sing N N 22  
ARG CB  HB3  sing N N 23  
ARG CG  CD   sing N N 24  
ARG CG  HG2  sing N N 25  
ARG CG  HG3  sing N N 26  
ARG CD  NE   sing N N 27  
ARG CD  HD2  sing N N 28  
ARG CD  HD3  sing N N 29  
ARG NE  CZ   sing N N 30  
ARG NE  HE   sing N N 31  
ARG CZ  NH1  sing N N 32  
ARG CZ  NH2  doub N N 33  
ARG NH1 HH11 sing N N 34  
ARG NH1 HH12 sing N N 35  
ARG NH2 HH21 sing N N 36  
ARG NH2 HH22 sing N N 37  
ARG OXT HXT  sing N N 38  
ASN N   CA   sing N N 39  
ASN N   H    sing N N 40  
ASN N   H2   sing N N 41  
ASN CA  C    sing N N 42  
ASN CA  CB   sing N N 43  
ASN CA  HA   sing N N 44  
ASN C   O    doub N N 45  
ASN C   OXT  sing N N 46  
ASN CB  CG   sing N N 47  
ASN CB  HB2  sing N N 48  
ASN CB  HB3  sing N N 49  
ASN CG  OD1  doub N N 50  
ASN CG  ND2  sing N N 51  
ASN ND2 HD21 sing N N 52  
ASN ND2 HD22 sing N N 53  
ASN OXT HXT  sing N N 54  
ASP N   CA   sing N N 55  
ASP N   H    sing N N 56  
ASP N   H2   sing N N 57  
ASP CA  C    sing N N 58  
ASP CA  CB   sing N N 59  
ASP CA  HA   sing N N 60  
ASP C   O    doub N N 61  
ASP C   OXT  sing N N 62  
ASP CB  CG   sing N N 63  
ASP CB  HB2  sing N N 64  
ASP CB  HB3  sing N N 65  
ASP CG  OD1  doub N N 66  
ASP CG  OD2  sing N N 67  
ASP OD2 HD2  sing N N 68  
ASP OXT HXT  sing N N 69  
CYS N   CA   sing N N 70  
CYS N   H    sing N N 71  
CYS N   H2   sing N N 72  
CYS CA  C    sing N N 73  
CYS CA  CB   sing N N 74  
CYS CA  HA   sing N N 75  
CYS C   O    doub N N 76  
CYS C   OXT  sing N N 77  
CYS CB  SG   sing N N 78  
CYS CB  HB2  sing N N 79  
CYS CB  HB3  sing N N 80  
CYS SG  HG   sing N N 81  
CYS OXT HXT  sing N N 82  
GLN N   CA   sing N N 83  
GLN N   H    sing N N 84  
GLN N   H2   sing N N 85  
GLN CA  C    sing N N 86  
GLN CA  CB   sing N N 87  
GLN CA  HA   sing N N 88  
GLN C   O    doub N N 89  
GLN C   OXT  sing N N 90  
GLN CB  CG   sing N N 91  
GLN CB  HB2  sing N N 92  
GLN CB  HB3  sing N N 93  
GLN CG  CD   sing N N 94  
GLN CG  HG2  sing N N 95  
GLN CG  HG3  sing N N 96  
GLN CD  OE1  doub N N 97  
GLN CD  NE2  sing N N 98  
GLN NE2 HE21 sing N N 99  
GLN NE2 HE22 sing N N 100 
GLN OXT HXT  sing N N 101 
GLU N   CA   sing N N 102 
GLU N   H    sing N N 103 
GLU N   H2   sing N N 104 
GLU CA  C    sing N N 105 
GLU CA  CB   sing N N 106 
GLU CA  HA   sing N N 107 
GLU C   O    doub N N 108 
GLU C   OXT  sing N N 109 
GLU CB  CG   sing N N 110 
GLU CB  HB2  sing N N 111 
GLU CB  HB3  sing N N 112 
GLU CG  CD   sing N N 113 
GLU CG  HG2  sing N N 114 
GLU CG  HG3  sing N N 115 
GLU CD  OE1  doub N N 116 
GLU CD  OE2  sing N N 117 
GLU OE2 HE2  sing N N 118 
GLU OXT HXT  sing N N 119 
GLY N   CA   sing N N 120 
GLY N   H    sing N N 121 
GLY N   H2   sing N N 122 
GLY CA  C    sing N N 123 
GLY CA  HA2  sing N N 124 
GLY CA  HA3  sing N N 125 
GLY C   O    doub N N 126 
GLY C   OXT  sing N N 127 
GLY OXT HXT  sing N N 128 
HIS N   CA   sing N N 129 
HIS N   H    sing N N 130 
HIS N   H2   sing N N 131 
HIS CA  C    sing N N 132 
HIS CA  CB   sing N N 133 
HIS CA  HA   sing N N 134 
HIS C   O    doub N N 135 
HIS C   OXT  sing N N 136 
HIS CB  CG   sing N N 137 
HIS CB  HB2  sing N N 138 
HIS CB  HB3  sing N N 139 
HIS CG  ND1  sing Y N 140 
HIS CG  CD2  doub Y N 141 
HIS ND1 CE1  doub Y N 142 
HIS ND1 HD1  sing N N 143 
HIS CD2 NE2  sing Y N 144 
HIS CD2 HD2  sing N N 145 
HIS CE1 NE2  sing Y N 146 
HIS CE1 HE1  sing N N 147 
HIS NE2 HE2  sing N N 148 
HIS OXT HXT  sing N N 149 
ILE N   CA   sing N N 150 
ILE N   H    sing N N 151 
ILE N   H2   sing N N 152 
ILE CA  C    sing N N 153 
ILE CA  CB   sing N N 154 
ILE CA  HA   sing N N 155 
ILE C   O    doub N N 156 
ILE C   OXT  sing N N 157 
ILE CB  CG1  sing N N 158 
ILE CB  CG2  sing N N 159 
ILE CB  HB   sing N N 160 
ILE CG1 CD1  sing N N 161 
ILE CG1 HG12 sing N N 162 
ILE CG1 HG13 sing N N 163 
ILE CG2 HG21 sing N N 164 
ILE CG2 HG22 sing N N 165 
ILE CG2 HG23 sing N N 166 
ILE CD1 HD11 sing N N 167 
ILE CD1 HD12 sing N N 168 
ILE CD1 HD13 sing N N 169 
ILE OXT HXT  sing N N 170 
LEU N   CA   sing N N 171 
LEU N   H    sing N N 172 
LEU N   H2   sing N N 173 
LEU CA  C    sing N N 174 
LEU CA  CB   sing N N 175 
LEU CA  HA   sing N N 176 
LEU C   O    doub N N 177 
LEU C   OXT  sing N N 178 
LEU CB  CG   sing N N 179 
LEU CB  HB2  sing N N 180 
LEU CB  HB3  sing N N 181 
LEU CG  CD1  sing N N 182 
LEU CG  CD2  sing N N 183 
LEU CG  HG   sing N N 184 
LEU CD1 HD11 sing N N 185 
LEU CD1 HD12 sing N N 186 
LEU CD1 HD13 sing N N 187 
LEU CD2 HD21 sing N N 188 
LEU CD2 HD22 sing N N 189 
LEU CD2 HD23 sing N N 190 
LEU OXT HXT  sing N N 191 
LYS N   CA   sing N N 192 
LYS N   H    sing N N 193 
LYS N   H2   sing N N 194 
LYS CA  C    sing N N 195 
LYS CA  CB   sing N N 196 
LYS CA  HA   sing N N 197 
LYS C   O    doub N N 198 
LYS C   OXT  sing N N 199 
LYS CB  CG   sing N N 200 
LYS CB  HB2  sing N N 201 
LYS CB  HB3  sing N N 202 
LYS CG  CD   sing N N 203 
LYS CG  HG2  sing N N 204 
LYS CG  HG3  sing N N 205 
LYS CD  CE   sing N N 206 
LYS CD  HD2  sing N N 207 
LYS CD  HD3  sing N N 208 
LYS CE  NZ   sing N N 209 
LYS CE  HE2  sing N N 210 
LYS CE  HE3  sing N N 211 
LYS NZ  HZ1  sing N N 212 
LYS NZ  HZ2  sing N N 213 
LYS NZ  HZ3  sing N N 214 
LYS OXT HXT  sing N N 215 
PHE N   CA   sing N N 216 
PHE N   H    sing N N 217 
PHE N   H2   sing N N 218 
PHE CA  C    sing N N 219 
PHE CA  CB   sing N N 220 
PHE CA  HA   sing N N 221 
PHE C   O    doub N N 222 
PHE C   OXT  sing N N 223 
PHE CB  CG   sing N N 224 
PHE CB  HB2  sing N N 225 
PHE CB  HB3  sing N N 226 
PHE CG  CD1  doub Y N 227 
PHE CG  CD2  sing Y N 228 
PHE CD1 CE1  sing Y N 229 
PHE CD1 HD1  sing N N 230 
PHE CD2 CE2  doub Y N 231 
PHE CD2 HD2  sing N N 232 
PHE CE1 CZ   doub Y N 233 
PHE CE1 HE1  sing N N 234 
PHE CE2 CZ   sing Y N 235 
PHE CE2 HE2  sing N N 236 
PHE CZ  HZ   sing N N 237 
PHE OXT HXT  sing N N 238 
PRO N   CA   sing N N 239 
PRO N   CD   sing N N 240 
PRO N   H    sing N N 241 
PRO CA  C    sing N N 242 
PRO CA  CB   sing N N 243 
PRO CA  HA   sing N N 244 
PRO C   O    doub N N 245 
PRO C   OXT  sing N N 246 
PRO CB  CG   sing N N 247 
PRO CB  HB2  sing N N 248 
PRO CB  HB3  sing N N 249 
PRO CG  CD   sing N N 250 
PRO CG  HG2  sing N N 251 
PRO CG  HG3  sing N N 252 
PRO CD  HD2  sing N N 253 
PRO CD  HD3  sing N N 254 
PRO OXT HXT  sing N N 255 
SER N   CA   sing N N 256 
SER N   H    sing N N 257 
SER N   H2   sing N N 258 
SER CA  C    sing N N 259 
SER CA  CB   sing N N 260 
SER CA  HA   sing N N 261 
SER C   O    doub N N 262 
SER C   OXT  sing N N 263 
SER CB  OG   sing N N 264 
SER CB  HB2  sing N N 265 
SER CB  HB3  sing N N 266 
SER OG  HG   sing N N 267 
SER OXT HXT  sing N N 268 
THR N   CA   sing N N 269 
THR N   H    sing N N 270 
THR N   H2   sing N N 271 
THR CA  C    sing N N 272 
THR CA  CB   sing N N 273 
THR CA  HA   sing N N 274 
THR C   O    doub N N 275 
THR C   OXT  sing N N 276 
THR CB  OG1  sing N N 277 
THR CB  CG2  sing N N 278 
THR CB  HB   sing N N 279 
THR OG1 HG1  sing N N 280 
THR CG2 HG21 sing N N 281 
THR CG2 HG22 sing N N 282 
THR CG2 HG23 sing N N 283 
THR OXT HXT  sing N N 284 
TYR N   CA   sing N N 285 
TYR N   H    sing N N 286 
TYR N   H2   sing N N 287 
TYR CA  C    sing N N 288 
TYR CA  CB   sing N N 289 
TYR CA  HA   sing N N 290 
TYR C   O    doub N N 291 
TYR C   OXT  sing N N 292 
TYR CB  CG   sing N N 293 
TYR CB  HB2  sing N N 294 
TYR CB  HB3  sing N N 295 
TYR CG  CD1  doub Y N 296 
TYR CG  CD2  sing Y N 297 
TYR CD1 CE1  sing Y N 298 
TYR CD1 HD1  sing N N 299 
TYR CD2 CE2  doub Y N 300 
TYR CD2 HD2  sing N N 301 
TYR CE1 CZ   doub Y N 302 
TYR CE1 HE1  sing N N 303 
TYR CE2 CZ   sing Y N 304 
TYR CE2 HE2  sing N N 305 
TYR CZ  OH   sing N N 306 
TYR OH  HH   sing N N 307 
TYR OXT HXT  sing N N 308 
VAL N   CA   sing N N 309 
VAL N   H    sing N N 310 
VAL N   H2   sing N N 311 
VAL CA  C    sing N N 312 
VAL CA  CB   sing N N 313 
VAL CA  HA   sing N N 314 
VAL C   O    doub N N 315 
VAL C   OXT  sing N N 316 
VAL CB  CG1  sing N N 317 
VAL CB  CG2  sing N N 318 
VAL CB  HB   sing N N 319 
VAL CG1 HG11 sing N N 320 
VAL CG1 HG12 sing N N 321 
VAL CG1 HG13 sing N N 322 
VAL CG2 HG21 sing N N 323 
VAL CG2 HG22 sing N N 324 
VAL CG2 HG23 sing N N 325 
VAL OXT HXT  sing N N 326 
# 
loop_
_pdbx_nmr_spectrometer.spectrometer_id 
_pdbx_nmr_spectrometer.type 
_pdbx_nmr_spectrometer.manufacturer 
_pdbx_nmr_spectrometer.model 
_pdbx_nmr_spectrometer.field_strength 
1 ? Bruker AVANCE 600 
2 ? Varian INOVA  500 
# 
_atom_sites.entry_id                    1OVX 
_atom_sites.fract_transf_matrix[1][1]   1.000000 
_atom_sites.fract_transf_matrix[1][2]   0.000000 
_atom_sites.fract_transf_matrix[1][3]   0.000000 
_atom_sites.fract_transf_matrix[2][1]   0.000000 
_atom_sites.fract_transf_matrix[2][2]   1.000000 
_atom_sites.fract_transf_matrix[2][3]   0.000000 
_atom_sites.fract_transf_matrix[3][1]   0.000000 
_atom_sites.fract_transf_matrix[3][2]   0.000000 
_atom_sites.fract_transf_matrix[3][3]   1.000000 
_atom_sites.fract_transf_vector[1]      0.00000 
_atom_sites.fract_transf_vector[2]      0.00000 
_atom_sites.fract_transf_vector[3]      0.00000 
# 
loop_
_atom_type.symbol 
C  
H  
N  
O  
S  
ZN 
# 
loop_
_atom_site.group_PDB 
_atom_site.id 
_atom_site.type_symbol 
_atom_site.label_atom_id 
_atom_site.label_alt_id 
_atom_site.label_comp_id 
_atom_site.label_asym_id 
_atom_site.label_entity_id 
_atom_site.label_seq_id 
_atom_site.pdbx_PDB_ins_code 
_atom_site.Cartn_x 
_atom_site.Cartn_y 
_atom_site.Cartn_z 
_atom_site.occupancy 
_atom_site.B_iso_or_equiv 
_atom_site.pdbx_formal_charge 
_atom_site.auth_seq_id 
_atom_site.auth_comp_id 
_atom_site.auth_asym_id 
_atom_site.auth_atom_id 
_atom_site.pdbx_PDB_model_num 
ATOM   1    N  N    . LEU A 1 18 ? -4.857  -7.332  11.045  1.00 0.00 ? 11 LEU A N    1 
ATOM   2    C  CA   . LEU A 1 18 ? -3.883  -6.664  11.955  1.00 0.00 ? 11 LEU A CA   1 
ATOM   3    C  C    . LEU A 1 18 ? -4.033  -5.147  11.835  1.00 0.00 ? 11 LEU A C    1 
ATOM   4    O  O    . LEU A 1 18 ? -4.661  -4.507  12.655  1.00 0.00 ? 11 LEU A O    1 
ATOM   5    C  CB   . LEU A 1 18 ? -2.460  -7.066  11.562  1.00 0.00 ? 11 LEU A CB   1 
ATOM   6    C  CG   . LEU A 1 18 ? -2.344  -8.591  11.545  1.00 0.00 ? 11 LEU A CG   1 
ATOM   7    C  CD1  . LEU A 1 18 ? -0.896  -8.990  11.257  1.00 0.00 ? 11 LEU A CD1  1 
ATOM   8    C  CD2  . LEU A 1 18 ? -2.764  -9.148  12.906  1.00 0.00 ? 11 LEU A CD2  1 
ATOM   9    H  H    . LEU A 1 18 ? -5.289  -8.141  11.533  1.00 0.00 ? 11 LEU A H    1 
ATOM   10   H  HA   . LEU A 1 18 ? -4.076  -6.966  12.973  1.00 0.00 ? 11 LEU A HA   1 
ATOM   11   H  HB2  . LEU A 1 18 ? -2.234  -6.676  10.580  1.00 0.00 ? 11 LEU A HB2  1 
ATOM   12   H  HB3  . LEU A 1 18 ? -1.760  -6.663  12.280  1.00 0.00 ? 11 LEU A HB3  1 
ATOM   13   H  HG   . LEU A 1 18 ? -2.988  -8.992  10.775  1.00 0.00 ? 11 LEU A HG   1 
ATOM   14   H  HD11 . LEU A 1 18 ? -0.321  -8.109  11.016  1.00 0.00 ? 11 LEU A HD11 1 
ATOM   15   H  HD12 . LEU A 1 18 ? -0.871  -9.677  10.423  1.00 0.00 ? 11 LEU A HD12 1 
ATOM   16   H  HD13 . LEU A 1 18 ? -0.474  -9.468  12.129  1.00 0.00 ? 11 LEU A HD13 1 
ATOM   17   H  HD21 . LEU A 1 18 ? -3.839  -9.251  12.937  1.00 0.00 ? 11 LEU A HD21 1 
ATOM   18   H  HD22 . LEU A 1 18 ? -2.445  -8.473  13.685  1.00 0.00 ? 11 LEU A HD22 1 
ATOM   19   H  HD23 . LEU A 1 18 ? -2.306  -10.114 13.056  1.00 0.00 ? 11 LEU A HD23 1 
ATOM   20   N  N    . LEU A 1 19 ? -3.458  -4.566  10.819  1.00 0.00 ? 12 LEU A N    1 
ATOM   21   C  CA   . LEU A 1 19 ? -3.563  -3.091  10.643  1.00 0.00 ? 12 LEU A CA   1 
ATOM   22   C  C    . LEU A 1 19 ? -4.661  -2.785  9.621   1.00 0.00 ? 12 LEU A C    1 
ATOM   23   O  O    . LEU A 1 19 ? -4.812  -3.477  8.634   1.00 0.00 ? 12 LEU A O    1 
ATOM   24   C  CB   . LEU A 1 19 ? -2.221  -2.547  10.142  1.00 0.00 ? 12 LEU A CB   1 
ATOM   25   C  CG   . LEU A 1 19 ? -1.940  -1.176  10.767  1.00 0.00 ? 12 LEU A CG   1 
ATOM   26   C  CD1  . LEU A 1 19 ? -3.112  -0.235  10.498  1.00 0.00 ? 12 LEU A CD1  1 
ATOM   27   C  CD2  . LEU A 1 19 ? -1.747  -1.332  12.277  1.00 0.00 ? 12 LEU A CD2  1 
ATOM   28   H  H    . LEU A 1 19 ? -2.954  -5.101  10.171  1.00 0.00 ? 12 LEU A H    1 
ATOM   29   H  HA   . LEU A 1 19 ? -3.811  -2.633  11.588  1.00 0.00 ? 12 LEU A HA   1 
ATOM   30   H  HB2  . LEU A 1 19 ? -1.432  -3.233  10.411  1.00 0.00 ? 12 LEU A HB2  1 
ATOM   31   H  HB3  . LEU A 1 19 ? -2.259  -2.446  9.070   1.00 0.00 ? 12 LEU A HB3  1 
ATOM   32   H  HG   . LEU A 1 19 ? -1.043  -0.763  10.330  1.00 0.00 ? 12 LEU A HG   1 
ATOM   33   H  HD11 . LEU A 1 19 ? -2.767  0.788   10.527  1.00 0.00 ? 12 LEU A HD11 1 
ATOM   34   H  HD12 . LEU A 1 19 ? -3.872  -0.380  11.251  1.00 0.00 ? 12 LEU A HD12 1 
ATOM   35   H  HD13 . LEU A 1 19 ? -3.524  -0.446  9.524   1.00 0.00 ? 12 LEU A HD13 1 
ATOM   36   H  HD21 . LEU A 1 19 ? -2.598  -0.914  12.793  1.00 0.00 ? 12 LEU A HD21 1 
ATOM   37   H  HD22 . LEU A 1 19 ? -0.850  -0.812  12.582  1.00 0.00 ? 12 LEU A HD22 1 
ATOM   38   H  HD23 . LEU A 1 19 ? -1.657  -2.380  12.523  1.00 0.00 ? 12 LEU A HD23 1 
ATOM   39   N  N    . TYR A 1 20 ? -5.434  -1.761  9.853   1.00 0.00 ? 13 TYR A N    1 
ATOM   40   C  CA   . TYR A 1 20 ? -6.529  -1.416  8.900   1.00 0.00 ? 13 TYR A CA   1 
ATOM   41   C  C    . TYR A 1 20 ? -5.992  -0.507  7.790   1.00 0.00 ? 13 TYR A C    1 
ATOM   42   O  O    . TYR A 1 20 ? -5.059  0.244   7.986   1.00 0.00 ? 13 TYR A O    1 
ATOM   43   C  CB   . TYR A 1 20 ? -7.642  -0.689  9.655   1.00 0.00 ? 13 TYR A CB   1 
ATOM   44   C  CG   . TYR A 1 20 ? -7.085  0.566   10.283  1.00 0.00 ? 13 TYR A CG   1 
ATOM   45   C  CD1  . TYR A 1 20 ? -7.002  1.750   9.540   1.00 0.00 ? 13 TYR A CD1  1 
ATOM   46   C  CD2  . TYR A 1 20 ? -6.652  0.546   11.615  1.00 0.00 ? 13 TYR A CD2  1 
ATOM   47   C  CE1  . TYR A 1 20 ? -6.488  2.912   10.127  1.00 0.00 ? 13 TYR A CE1  1 
ATOM   48   C  CE2  . TYR A 1 20 ? -6.137  1.708   12.202  1.00 0.00 ? 13 TYR A CE2  1 
ATOM   49   C  CZ   . TYR A 1 20 ? -6.055  2.890   11.458  1.00 0.00 ? 13 TYR A CZ   1 
ATOM   50   O  OH   . TYR A 1 20 ? -5.547  4.036   12.037  1.00 0.00 ? 13 TYR A OH   1 
ATOM   51   H  H    . TYR A 1 20 ? -5.300  -1.219  10.659  1.00 0.00 ? 13 TYR A H    1 
ATOM   52   H  HA   . TYR A 1 20 ? -6.923  -2.321  8.463   1.00 0.00 ? 13 TYR A HA   1 
ATOM   53   H  HB2  . TYR A 1 20 ? -8.432  -0.426  8.965   1.00 0.00 ? 13 TYR A HB2  1 
ATOM   54   H  HB3  . TYR A 1 20 ? -8.035  -1.334  10.425  1.00 0.00 ? 13 TYR A HB3  1 
ATOM   55   H  HD1  . TYR A 1 20 ? -7.333  1.767   8.513   1.00 0.00 ? 13 TYR A HD1  1 
ATOM   56   H  HD2  . TYR A 1 20 ? -6.716  -0.367  12.189  1.00 0.00 ? 13 TYR A HD2  1 
ATOM   57   H  HE1  . TYR A 1 20 ? -6.424  3.824   9.553   1.00 0.00 ? 13 TYR A HE1  1 
ATOM   58   H  HE2  . TYR A 1 20 ? -5.803  1.691   13.229  1.00 0.00 ? 13 TYR A HE2  1 
ATOM   59   H  HH   . TYR A 1 20 ? -4.792  3.787   12.575  1.00 0.00 ? 13 TYR A HH   1 
ATOM   60   N  N    . CYS A 1 21 ? -6.581  -0.567  6.627   1.00 0.00 ? 14 CYS A N    1 
ATOM   61   C  CA   . CYS A 1 21 ? -6.106  0.294   5.508   1.00 0.00 ? 14 CYS A CA   1 
ATOM   62   C  C    . CYS A 1 21 ? -6.402  1.750   5.831   1.00 0.00 ? 14 CYS A C    1 
ATOM   63   O  O    . CYS A 1 21 ? -7.496  2.096   6.230   1.00 0.00 ? 14 CYS A O    1 
ATOM   64   C  CB   . CYS A 1 21 ? -6.854  -0.056  4.225   1.00 0.00 ? 14 CYS A CB   1 
ATOM   65   S  SG   . CYS A 1 21 ? -5.725  0.060   2.819   1.00 0.00 ? 14 CYS A SG   1 
ATOM   66   H  H    . CYS A 1 21 ? -7.335  -1.178  6.489   1.00 0.00 ? 14 CYS A H    1 
ATOM   67   H  HA   . CYS A 1 21 ? -5.043  0.154   5.359   1.00 0.00 ? 14 CYS A HA   1 
ATOM   68   H  HB2  . CYS A 1 21 ? -7.241  -1.060  4.297   1.00 0.00 ? 14 CYS A HB2  1 
ATOM   69   H  HB3  . CYS A 1 21 ? -7.666  0.639   4.091   1.00 0.00 ? 14 CYS A HB3  1 
ATOM   70   N  N    . SER A 1 22 ? -5.456  2.615   5.637   1.00 0.00 ? 15 SER A N    1 
ATOM   71   C  CA   . SER A 1 22 ? -5.720  4.046   5.908   1.00 0.00 ? 15 SER A CA   1 
ATOM   72   C  C    . SER A 1 22 ? -6.814  4.509   4.943   1.00 0.00 ? 15 SER A C    1 
ATOM   73   O  O    . SER A 1 22 ? -7.558  5.427   5.221   1.00 0.00 ? 15 SER A O    1 
ATOM   74   C  CB   . SER A 1 22 ? -4.444  4.854   5.679   1.00 0.00 ? 15 SER A CB   1 
ATOM   75   O  OG   . SER A 1 22 ? -4.194  4.952   4.283   1.00 0.00 ? 15 SER A OG   1 
ATOM   76   H  H    . SER A 1 22 ? -4.584  2.327   5.294   1.00 0.00 ? 15 SER A H    1 
ATOM   77   H  HA   . SER A 1 22 ? -6.057  4.169   6.928   1.00 0.00 ? 15 SER A HA   1 
ATOM   78   H  HB2  . SER A 1 22 ? -4.561  5.842   6.091   1.00 0.00 ? 15 SER A HB2  1 
ATOM   79   H  HB3  . SER A 1 22 ? -3.614  4.358   6.168   1.00 0.00 ? 15 SER A HB3  1 
ATOM   80   H  HG   . SER A 1 22 ? -3.972  4.076   3.961   1.00 0.00 ? 15 SER A HG   1 
ATOM   81   N  N    . PHE A 1 23 ? -6.913  3.869   3.803   1.00 0.00 ? 16 PHE A N    1 
ATOM   82   C  CA   . PHE A 1 23 ? -7.957  4.261   2.812   1.00 0.00 ? 16 PHE A CA   1 
ATOM   83   C  C    . PHE A 1 23 ? -9.207  3.388   2.984   1.00 0.00 ? 16 PHE A C    1 
ATOM   84   O  O    . PHE A 1 23 ? -10.300 3.879   3.177   1.00 0.00 ? 16 PHE A O    1 
ATOM   85   C  CB   . PHE A 1 23 ? -7.412  4.048   1.398   1.00 0.00 ? 16 PHE A CB   1 
ATOM   86   C  CG   . PHE A 1 23 ? -6.100  4.775   1.232   1.00 0.00 ? 16 PHE A CG   1 
ATOM   87   C  CD1  . PHE A 1 23 ? -6.086  6.117   0.835   1.00 0.00 ? 16 PHE A CD1  1 
ATOM   88   C  CD2  . PHE A 1 23 ? -4.896  4.102   1.470   1.00 0.00 ? 16 PHE A CD2  1 
ATOM   89   C  CE1  . PHE A 1 23 ? -4.865  6.784   0.675   1.00 0.00 ? 16 PHE A CE1  1 
ATOM   90   C  CE2  . PHE A 1 23 ? -3.677  4.768   1.310   1.00 0.00 ? 16 PHE A CE2  1 
ATOM   91   C  CZ   . PHE A 1 23 ? -3.662  6.110   0.911   1.00 0.00 ? 16 PHE A CZ   1 
ATOM   92   H  H    . PHE A 1 23 ? -6.302  3.127   3.603   1.00 0.00 ? 16 PHE A H    1 
ATOM   93   H  HA   . PHE A 1 23 ? -8.216  5.300   2.947   1.00 0.00 ? 16 PHE A HA   1 
ATOM   94   H  HB2  . PHE A 1 23 ? -7.259  2.992   1.229   1.00 0.00 ? 16 PHE A HB2  1 
ATOM   95   H  HB3  . PHE A 1 23 ? -8.123  4.425   0.679   1.00 0.00 ? 16 PHE A HB3  1 
ATOM   96   H  HD1  . PHE A 1 23 ? -7.014  6.636   0.652   1.00 0.00 ? 16 PHE A HD1  1 
ATOM   97   H  HD2  . PHE A 1 23 ? -4.909  3.065   1.776   1.00 0.00 ? 16 PHE A HD2  1 
ATOM   98   H  HE1  . PHE A 1 23 ? -4.852  7.819   0.368   1.00 0.00 ? 16 PHE A HE1  1 
ATOM   99   H  HE2  . PHE A 1 23 ? -2.749  4.248   1.493   1.00 0.00 ? 16 PHE A HE2  1 
ATOM   100  H  HZ   . PHE A 1 23 ? -2.721  6.624   0.787   1.00 0.00 ? 16 PHE A HZ   1 
ATOM   101  N  N    . CYS A 1 24 ? -9.047  2.093   2.891   1.00 0.00 ? 17 CYS A N    1 
ATOM   102  C  CA   . CYS A 1 24 ? -10.219 1.172   3.021   1.00 0.00 ? 17 CYS A CA   1 
ATOM   103  C  C    . CYS A 1 24 ? -10.662 1.073   4.481   1.00 0.00 ? 17 CYS A C    1 
ATOM   104  O  O    . CYS A 1 24 ? -11.820 0.851   4.770   1.00 0.00 ? 17 CYS A O    1 
ATOM   105  C  CB   . CYS A 1 24 ? -9.828  -0.212  2.479   1.00 0.00 ? 17 CYS A CB   1 
ATOM   106  S  SG   . CYS A 1 24 ? -8.974  0.036   0.905   1.00 0.00 ? 17 CYS A SG   1 
ATOM   107  H  H    . CYS A 1 24 ? -8.157  1.723   2.718   1.00 0.00 ? 17 CYS A H    1 
ATOM   108  H  HA   . CYS A 1 24 ? -11.036 1.561   2.432   1.00 0.00 ? 17 CYS A HA   1 
ATOM   109  H  HB2  . CYS A 1 24 ? -9.182  -0.718  3.177   1.00 0.00 ? 17 CYS A HB2  1 
ATOM   110  H  HB3  . CYS A 1 24 ? -10.717 -0.801  2.315   1.00 0.00 ? 17 CYS A HB3  1 
ATOM   111  N  N    . GLY A 1 25 ? -9.760  1.241   5.407   1.00 0.00 ? 18 GLY A N    1 
ATOM   112  C  CA   . GLY A 1 25 ? -10.157 1.153   6.840   1.00 0.00 ? 18 GLY A CA   1 
ATOM   113  C  C    . GLY A 1 25 ? -10.779 -0.219  7.100   1.00 0.00 ? 18 GLY A C    1 
ATOM   114  O  O    . GLY A 1 25 ? -11.334 -0.474  8.151   1.00 0.00 ? 18 GLY A O    1 
ATOM   115  H  H    . GLY A 1 25 ? -8.829  1.424   5.163   1.00 0.00 ? 18 GLY A H    1 
ATOM   116  H  HA2  . GLY A 1 25 ? -9.286  1.281   7.465   1.00 0.00 ? 18 GLY A HA2  1 
ATOM   117  H  HA3  . GLY A 1 25 ? -10.881 1.921   7.063   1.00 0.00 ? 18 GLY A HA3  1 
ATOM   118  N  N    . LYS A 1 26 ? -10.687 -1.103  6.146   1.00 0.00 ? 19 LYS A N    1 
ATOM   119  C  CA   . LYS A 1 26 ? -11.268 -2.463  6.323   1.00 0.00 ? 19 LYS A CA   1 
ATOM   120  C  C    . LYS A 1 26 ? -10.286 -3.327  7.117   1.00 0.00 ? 19 LYS A C    1 
ATOM   121  O  O    . LYS A 1 26 ? -9.095  -3.089  7.112   1.00 0.00 ? 19 LYS A O    1 
ATOM   122  C  CB   . LYS A 1 26 ? -11.511 -3.088  4.947   1.00 0.00 ? 19 LYS A CB   1 
ATOM   123  C  CG   . LYS A 1 26 ? -12.558 -2.267  4.191   1.00 0.00 ? 19 LYS A CG   1 
ATOM   124  C  CD   . LYS A 1 26 ? -12.870 -2.942  2.855   1.00 0.00 ? 19 LYS A CD   1 
ATOM   125  C  CE   . LYS A 1 26 ? -13.830 -2.061  2.051   1.00 0.00 ? 19 LYS A CE   1 
ATOM   126  N  NZ   . LYS A 1 26 ? -14.566 -2.901  1.064   1.00 0.00 ? 19 LYS A NZ   1 
ATOM   127  H  H    . LYS A 1 26 ? -10.233 -0.872  5.308   1.00 0.00 ? 19 LYS A H    1 
ATOM   128  H  HA   . LYS A 1 26 ? -12.202 -2.390  6.858   1.00 0.00 ? 19 LYS A HA   1 
ATOM   129  H  HB2  . LYS A 1 26 ? -10.587 -3.096  4.387   1.00 0.00 ? 19 LYS A HB2  1 
ATOM   130  H  HB3  . LYS A 1 26 ? -11.869 -4.097  5.067   1.00 0.00 ? 19 LYS A HB3  1 
ATOM   131  H  HG2  . LYS A 1 26 ? -13.460 -2.203  4.783   1.00 0.00 ? 19 LYS A HG2  1 
ATOM   132  H  HG3  . LYS A 1 26 ? -12.176 -1.275  4.010   1.00 0.00 ? 19 LYS A HG3  1 
ATOM   133  H  HD2  . LYS A 1 26 ? -11.954 -3.077  2.298   1.00 0.00 ? 19 LYS A HD2  1 
ATOM   134  H  HD3  . LYS A 1 26 ? -13.330 -3.901  3.033   1.00 0.00 ? 19 LYS A HD3  1 
ATOM   135  H  HE2  . LYS A 1 26 ? -14.534 -1.592  2.721   1.00 0.00 ? 19 LYS A HE2  1 
ATOM   136  H  HE3  . LYS A 1 26 ? -13.268 -1.300  1.529   1.00 0.00 ? 19 LYS A HE3  1 
ATOM   137  H  HZ1  . LYS A 1 26 ? -14.936 -2.298  0.303   1.00 0.00 ? 19 LYS A HZ1  1 
ATOM   138  H  HZ2  . LYS A 1 26 ? -15.356 -3.381  1.538   1.00 0.00 ? 19 LYS A HZ2  1 
ATOM   139  H  HZ3  . LYS A 1 26 ? -13.919 -3.610  0.662   1.00 0.00 ? 19 LYS A HZ3  1 
ATOM   140  N  N    . SER A 1 27 ? -10.770 -4.327  7.804   1.00 0.00 ? 20 SER A N    1 
ATOM   141  C  CA   . SER A 1 27 ? -9.848  -5.187  8.596   1.00 0.00 ? 20 SER A CA   1 
ATOM   142  C  C    . SER A 1 27 ? -8.888  -5.899  7.643   1.00 0.00 ? 20 SER A C    1 
ATOM   143  O  O    . SER A 1 27 ? -9.117  -5.967  6.451   1.00 0.00 ? 20 SER A O    1 
ATOM   144  C  CB   . SER A 1 27 ? -10.646 -6.228  9.381   1.00 0.00 ? 20 SER A CB   1 
ATOM   145  O  OG   . SER A 1 27 ? -10.760 -7.413  8.607   1.00 0.00 ? 20 SER A OG   1 
ATOM   146  H  H    . SER A 1 27 ? -11.733 -4.506  7.803   1.00 0.00 ? 20 SER A H    1 
ATOM   147  H  HA   . SER A 1 27 ? -9.283  -4.572  9.282   1.00 0.00 ? 20 SER A HA   1 
ATOM   148  H  HB2  . SER A 1 27 ? -10.137 -6.454  10.304  1.00 0.00 ? 20 SER A HB2  1 
ATOM   149  H  HB3  . SER A 1 27 ? -11.629 -5.834  9.603   1.00 0.00 ? 20 SER A HB3  1 
ATOM   150  H  HG   . SER A 1 27 ? -10.925 -7.157  7.696   1.00 0.00 ? 20 SER A HG   1 
ATOM   151  N  N    . GLN A 1 28 ? -7.811  -6.418  8.156   1.00 0.00 ? 21 GLN A N    1 
ATOM   152  C  CA   . GLN A 1 28 ? -6.828  -7.113  7.281   1.00 0.00 ? 21 GLN A CA   1 
ATOM   153  C  C    . GLN A 1 28 ? -7.500  -8.288  6.559   1.00 0.00 ? 21 GLN A C    1 
ATOM   154  O  O    . GLN A 1 28 ? -7.219  -8.563  5.410   1.00 0.00 ? 21 GLN A O    1 
ATOM   155  C  CB   . GLN A 1 28 ? -5.675  -7.635  8.142   1.00 0.00 ? 21 GLN A CB   1 
ATOM   156  C  CG   . GLN A 1 28 ? -4.530  -8.101  7.243   1.00 0.00 ? 21 GLN A CG   1 
ATOM   157  C  CD   . GLN A 1 28 ? -3.438  -8.743  8.101   1.00 0.00 ? 21 GLN A CD   1 
ATOM   158  O  OE1  . GLN A 1 28 ? -3.577  -9.866  8.542   1.00 0.00 ? 21 GLN A OE1  1 
ATOM   159  N  NE2  . GLN A 1 28 ? -2.353  -8.067  8.364   1.00 0.00 ? 21 GLN A NE2  1 
ATOM   160  H  H    . GLN A 1 28 ? -7.642  -6.343  9.118   1.00 0.00 ? 21 GLN A H    1 
ATOM   161  H  HA   . GLN A 1 28 ? -6.443  -6.415  6.553   1.00 0.00 ? 21 GLN A HA   1 
ATOM   162  H  HB2  . GLN A 1 28 ? -5.325  -6.845  8.791   1.00 0.00 ? 21 GLN A HB2  1 
ATOM   163  H  HB3  . GLN A 1 28 ? -6.020  -8.464  8.740   1.00 0.00 ? 21 GLN A HB3  1 
ATOM   164  H  HG2  . GLN A 1 28 ? -4.901  -8.824  6.531   1.00 0.00 ? 21 GLN A HG2  1 
ATOM   165  H  HG3  . GLN A 1 28 ? -4.117  -7.254  6.716   1.00 0.00 ? 21 GLN A HG3  1 
ATOM   166  H  HE21 . GLN A 1 28 ? -2.245  -7.158  8.014   1.00 0.00 ? 21 GLN A HE21 1 
ATOM   167  H  HE22 . GLN A 1 28 ? -1.648  -8.468  8.914   1.00 0.00 ? 21 GLN A HE22 1 
ATOM   168  N  N    . HIS A 1 29 ? -8.374  -8.993  7.226   1.00 0.00 ? 22 HIS A N    1 
ATOM   169  C  CA   . HIS A 1 29 ? -9.046  -10.159 6.575   1.00 0.00 ? 22 HIS A CA   1 
ATOM   170  C  C    . HIS A 1 29 ? -10.400 -9.746  5.986   1.00 0.00 ? 22 HIS A C    1 
ATOM   171  O  O    . HIS A 1 29 ? -10.987 -10.466 5.203   1.00 0.00 ? 22 HIS A O    1 
ATOM   172  C  CB   . HIS A 1 29 ? -9.258  -11.260 7.615   1.00 0.00 ? 22 HIS A CB   1 
ATOM   173  C  CG   . HIS A 1 29 ? -7.924  -11.738 8.116   1.00 0.00 ? 22 HIS A CG   1 
ATOM   174  N  ND1  . HIS A 1 29 ? -7.306  -11.180 9.228   1.00 0.00 ? 22 HIS A ND1  1 
ATOM   175  C  CD2  . HIS A 1 29 ? -7.074  -12.719 7.668   1.00 0.00 ? 22 HIS A CD2  1 
ATOM   176  C  CE1  . HIS A 1 29 ? -6.139  -11.825 9.409   1.00 0.00 ? 22 HIS A CE1  1 
ATOM   177  N  NE2  . HIS A 1 29 ? -5.951  -12.770 8.487   1.00 0.00 ? 22 HIS A NE2  1 
ATOM   178  H  H    . HIS A 1 29 ? -8.582  -8.764  8.156   1.00 0.00 ? 22 HIS A H    1 
ATOM   179  H  HA   . HIS A 1 29 ? -8.414  -10.535 5.785   1.00 0.00 ? 22 HIS A HA   1 
ATOM   180  H  HB2  . HIS A 1 29 ? -9.834  -10.868 8.441   1.00 0.00 ? 22 HIS A HB2  1 
ATOM   181  H  HB3  . HIS A 1 29 ? -9.789  -12.083 7.164   1.00 0.00 ? 22 HIS A HB3  1 
ATOM   182  H  HD1  . HIS A 1 29 ? -7.657  -10.450 9.780   1.00 0.00 ? 22 HIS A HD1  1 
ATOM   183  H  HD2  . HIS A 1 29 ? -7.250  -13.354 6.813   1.00 0.00 ? 22 HIS A HD2  1 
ATOM   184  H  HE1  . HIS A 1 29 ? -5.440  -11.604 10.202  1.00 0.00 ? 22 HIS A HE1  1 
ATOM   185  H  HE2  . HIS A 1 29 ? -5.183  -13.373 8.402   1.00 0.00 ? 22 HIS A HE2  1 
ATOM   186  N  N    . GLU A 1 30 ? -10.909 -8.604  6.356   1.00 0.00 ? 23 GLU A N    1 
ATOM   187  C  CA   . GLU A 1 30 ? -12.231 -8.165  5.817   1.00 0.00 ? 23 GLU A CA   1 
ATOM   188  C  C    . GLU A 1 30 ? -12.169 -8.046  4.291   1.00 0.00 ? 23 GLU A C    1 
ATOM   189  O  O    . GLU A 1 30 ? -13.172 -8.154  3.614   1.00 0.00 ? 23 GLU A O    1 
ATOM   190  C  CB   . GLU A 1 30 ? -12.610 -6.810  6.421   1.00 0.00 ? 23 GLU A CB   1 
ATOM   191  C  CG   . GLU A 1 30 ? -13.978 -6.369  5.891   1.00 0.00 ? 23 GLU A CG   1 
ATOM   192  C  CD   . GLU A 1 30 ? -14.310 -4.979  6.433   1.00 0.00 ? 23 GLU A CD   1 
ATOM   193  O  OE1  . GLU A 1 30 ? -13.488 -4.431  7.149   1.00 0.00 ? 23 GLU A OE1  1 
ATOM   194  O  OE2  . GLU A 1 30 ? -15.382 -4.484  6.125   1.00 0.00 ? 23 GLU A OE2  1 
ATOM   195  H  H    . GLU A 1 30 ? -10.427 -8.036  6.994   1.00 0.00 ? 23 GLU A H    1 
ATOM   196  H  HA   . GLU A 1 30 ? -12.982 -8.895  6.084   1.00 0.00 ? 23 GLU A HA   1 
ATOM   197  H  HB2  . GLU A 1 30 ? -12.659 -6.897  7.495   1.00 0.00 ? 23 GLU A HB2  1 
ATOM   198  H  HB3  . GLU A 1 30 ? -11.867 -6.076  6.153   1.00 0.00 ? 23 GLU A HB3  1 
ATOM   199  H  HG2  . GLU A 1 30 ? -13.954 -6.336  4.811   1.00 0.00 ? 23 GLU A HG2  1 
ATOM   200  H  HG3  . GLU A 1 30 ? -14.733 -7.069  6.214   1.00 0.00 ? 23 GLU A HG3  1 
ATOM   201  N  N    . VAL A 1 31 ? -11.011 -7.813  3.743   1.00 0.00 ? 24 VAL A N    1 
ATOM   202  C  CA   . VAL A 1 31 ? -10.911 -7.677  2.261   1.00 0.00 ? 24 VAL A CA   1 
ATOM   203  C  C    . VAL A 1 31 ? -10.544 -9.027  1.642   1.00 0.00 ? 24 VAL A C    1 
ATOM   204  O  O    . VAL A 1 31 ? -9.936  -9.869  2.273   1.00 0.00 ? 24 VAL A O    1 
ATOM   205  C  CB   . VAL A 1 31 ? -9.840  -6.645  1.910   1.00 0.00 ? 24 VAL A CB   1 
ATOM   206  C  CG1  . VAL A 1 31 ? -10.462 -5.522  1.075   1.00 0.00 ? 24 VAL A CG1  1 
ATOM   207  C  CG2  . VAL A 1 31 ? -9.254  -6.055  3.196   1.00 0.00 ? 24 VAL A CG2  1 
ATOM   208  H  H    . VAL A 1 31 ? -10.211 -7.720  4.302   1.00 0.00 ? 24 VAL A H    1 
ATOM   209  H  HA   . VAL A 1 31 ? -11.864 -7.353  1.869   1.00 0.00 ? 24 VAL A HA   1 
ATOM   210  H  HB   . VAL A 1 31 ? -9.056  -7.122  1.340   1.00 0.00 ? 24 VAL A HB   1 
ATOM   211  H  HG11 . VAL A 1 31 ? -11.350 -5.156  1.569   1.00 0.00 ? 24 VAL A HG11 1 
ATOM   212  H  HG12 . VAL A 1 31 ? -10.725 -5.903  0.099   1.00 0.00 ? 24 VAL A HG12 1 
ATOM   213  H  HG13 . VAL A 1 31 ? -9.752  -4.716  0.968   1.00 0.00 ? 24 VAL A HG13 1 
ATOM   214  H  HG21 . VAL A 1 31 ? -10.054 -5.672  3.814   1.00 0.00 ? 24 VAL A HG21 1 
ATOM   215  H  HG22 . VAL A 1 31 ? -8.577  -5.253  2.948   1.00 0.00 ? 24 VAL A HG22 1 
ATOM   216  H  HG23 . VAL A 1 31 ? -8.719  -6.823  3.735   1.00 0.00 ? 24 VAL A HG23 1 
ATOM   217  N  N    . ARG A 1 32 ? -10.918 -9.238  0.409   1.00 0.00 ? 25 ARG A N    1 
ATOM   218  C  CA   . ARG A 1 32 ? -10.605 -10.534 -0.258  1.00 0.00 ? 25 ARG A CA   1 
ATOM   219  C  C    . ARG A 1 32 ? -9.099  -10.639 -0.493  1.00 0.00 ? 25 ARG A C    1 
ATOM   220  O  O    . ARG A 1 32 ? -8.505  -11.682 -0.302  1.00 0.00 ? 25 ARG A O    1 
ATOM   221  C  CB   . ARG A 1 32 ? -11.331 -10.595 -1.604  1.00 0.00 ? 25 ARG A CB   1 
ATOM   222  C  CG   . ARG A 1 32 ? -11.047 -11.936 -2.283  1.00 0.00 ? 25 ARG A CG   1 
ATOM   223  C  CD   . ARG A 1 32 ? -11.756 -11.978 -3.638  1.00 0.00 ? 25 ARG A CD   1 
ATOM   224  N  NE   . ARG A 1 32 ? -11.123 -10.989 -4.556  1.00 0.00 ? 25 ARG A NE   1 
ATOM   225  C  CZ   . ARG A 1 32 ? -11.360 -11.042 -5.838  1.00 0.00 ? 25 ARG A CZ   1 
ATOM   226  N  NH1  . ARG A 1 32 ? -12.154 -11.959 -6.317  1.00 0.00 ? 25 ARG A NH1  1 
ATOM   227  N  NH2  . ARG A 1 32 ? -10.805 -10.175 -6.641  1.00 0.00 ? 25 ARG A NH2  1 
ATOM   228  H  H    . ARG A 1 32 ? -11.411 -8.545  -0.077  1.00 0.00 ? 25 ARG A H    1 
ATOM   229  H  HA   . ARG A 1 32 ? -10.932 -11.352 0.367   1.00 0.00 ? 25 ARG A HA   1 
ATOM   230  H  HB2  . ARG A 1 32 ? -12.395 -10.492 -1.442  1.00 0.00 ? 25 ARG A HB2  1 
ATOM   231  H  HB3  . ARG A 1 32 ? -10.983 -9.793  -2.237  1.00 0.00 ? 25 ARG A HB3  1 
ATOM   232  H  HG2  . ARG A 1 32 ? -9.982  -12.048 -2.427  1.00 0.00 ? 25 ARG A HG2  1 
ATOM   233  H  HG3  . ARG A 1 32 ? -11.413 -12.740 -1.662  1.00 0.00 ? 25 ARG A HG3  1 
ATOM   234  H  HD2  . ARG A 1 32 ? -11.668 -12.968 -4.061  1.00 0.00 ? 25 ARG A HD2  1 
ATOM   235  H  HD3  . ARG A 1 32 ? -12.799 -11.734 -3.507  1.00 0.00 ? 25 ARG A HD3  1 
ATOM   236  H  HE   . ARG A 1 32 ? -10.528 -10.298 -4.197  1.00 0.00 ? 25 ARG A HE   1 
ATOM   237  H  HH11 . ARG A 1 32 ? -12.580 -12.623 -5.701  1.00 0.00 ? 25 ARG A HH11 1 
ATOM   238  H  HH12 . ARG A 1 32 ? -12.337 -12.001 -7.299  1.00 0.00 ? 25 ARG A HH12 1 
ATOM   239  H  HH21 . ARG A 1 32 ? -10.197 -9.471  -6.273  1.00 0.00 ? 25 ARG A HH21 1 
ATOM   240  H  HH22 . ARG A 1 32 ? -10.987 -10.215 -7.623  1.00 0.00 ? 25 ARG A HH22 1 
ATOM   241  N  N    . LYS A 1 33 ? -8.476  -9.563  -0.895  1.00 0.00 ? 26 LYS A N    1 
ATOM   242  C  CA   . LYS A 1 33 ? -7.004  -9.596  -1.131  1.00 0.00 ? 26 LYS A CA   1 
ATOM   243  C  C    . LYS A 1 33 ? -6.325  -8.611  -0.183  1.00 0.00 ? 26 LYS A C    1 
ATOM   244  O  O    . LYS A 1 33 ? -6.658  -7.443  -0.143  1.00 0.00 ? 26 LYS A O    1 
ATOM   245  C  CB   . LYS A 1 33 ? -6.712  -9.197  -2.578  1.00 0.00 ? 26 LYS A CB   1 
ATOM   246  C  CG   . LYS A 1 33 ? -7.287  -10.252 -3.526  1.00 0.00 ? 26 LYS A CG   1 
ATOM   247  C  CD   . LYS A 1 33 ? -6.886  -9.918  -4.963  1.00 0.00 ? 26 LYS A CD   1 
ATOM   248  C  CE   . LYS A 1 33 ? -7.543  -10.912 -5.922  1.00 0.00 ? 26 LYS A CE   1 
ATOM   249  N  NZ   . LYS A 1 33 ? -7.465  -10.387 -7.314  1.00 0.00 ? 26 LYS A NZ   1 
ATOM   250  H  H    . LYS A 1 33 ? -8.976  -8.732  -1.036  1.00 0.00 ? 26 LYS A H    1 
ATOM   251  H  HA   . LYS A 1 33 ? -6.627  -10.591 -0.948  1.00 0.00 ? 26 LYS A HA   1 
ATOM   252  H  HB2  . LYS A 1 33 ? -7.168  -8.240  -2.785  1.00 0.00 ? 26 LYS A HB2  1 
ATOM   253  H  HB3  . LYS A 1 33 ? -5.645  -9.128  -2.725  1.00 0.00 ? 26 LYS A HB3  1 
ATOM   254  H  HG2  . LYS A 1 33 ? -6.899  -11.225 -3.259  1.00 0.00 ? 26 LYS A HG2  1 
ATOM   255  H  HG3  . LYS A 1 33 ? -8.364  -10.260 -3.446  1.00 0.00 ? 26 LYS A HG3  1 
ATOM   256  H  HD2  . LYS A 1 33 ? -7.211  -8.916  -5.204  1.00 0.00 ? 26 LYS A HD2  1 
ATOM   257  H  HD3  . LYS A 1 33 ? -5.813  -9.982  -5.062  1.00 0.00 ? 26 LYS A HD3  1 
ATOM   258  H  HE2  . LYS A 1 33 ? -7.028  -11.860 -5.866  1.00 0.00 ? 26 LYS A HE2  1 
ATOM   259  H  HE3  . LYS A 1 33 ? -8.578  -11.048 -5.645  1.00 0.00 ? 26 LYS A HE3  1 
ATOM   260  H  HZ1  . LYS A 1 33 ? -8.026  -10.993 -7.945  1.00 0.00 ? 26 LYS A HZ1  1 
ATOM   261  H  HZ2  . LYS A 1 33 ? -6.475  -10.383 -7.629  1.00 0.00 ? 26 LYS A HZ2  1 
ATOM   262  H  HZ3  . LYS A 1 33 ? -7.842  -9.416  -7.339  1.00 0.00 ? 26 LYS A HZ3  1 
ATOM   263  N  N    . LEU A 1 34 ? -5.374  -9.072  0.580   1.00 0.00 ? 27 LEU A N    1 
ATOM   264  C  CA   . LEU A 1 34 ? -4.672  -8.161  1.525   1.00 0.00 ? 27 LEU A CA   1 
ATOM   265  C  C    . LEU A 1 34 ? -3.168  -8.429  1.464   1.00 0.00 ? 27 LEU A C    1 
ATOM   266  O  O    . LEU A 1 34 ? -2.727  -9.558  1.553   1.00 0.00 ? 27 LEU A O    1 
ATOM   267  C  CB   . LEU A 1 34 ? -5.183  -8.425  2.944   1.00 0.00 ? 27 LEU A CB   1 
ATOM   268  C  CG   . LEU A 1 34 ? -5.091  -7.148  3.788   1.00 0.00 ? 27 LEU A CG   1 
ATOM   269  C  CD1  . LEU A 1 34 ? -3.668  -6.589  3.743   1.00 0.00 ? 27 LEU A CD1  1 
ATOM   270  C  CD2  . LEU A 1 34 ? -6.064  -6.100  3.241   1.00 0.00 ? 27 LEU A CD2  1 
ATOM   271  H  H    . LEU A 1 34 ? -5.122  -10.016 0.531   1.00 0.00 ? 27 LEU A H    1 
ATOM   272  H  HA   . LEU A 1 34 ? -4.868  -7.136  1.254   1.00 0.00 ? 27 LEU A HA   1 
ATOM   273  H  HB2  . LEU A 1 34 ? -6.211  -8.753  2.901   1.00 0.00 ? 27 LEU A HB2  1 
ATOM   274  H  HB3  . LEU A 1 34 ? -4.582  -9.197  3.402   1.00 0.00 ? 27 LEU A HB3  1 
ATOM   275  H  HG   . LEU A 1 34 ? -5.349  -7.379  4.808   1.00 0.00 ? 27 LEU A HG   1 
ATOM   276  H  HD11 . LEU A 1 34 ? -3.508  -5.948  4.598   1.00 0.00 ? 27 LEU A HD11 1 
ATOM   277  H  HD12 . LEU A 1 34 ? -3.534  -6.018  2.838   1.00 0.00 ? 27 LEU A HD12 1 
ATOM   278  H  HD13 . LEU A 1 34 ? -2.959  -7.403  3.767   1.00 0.00 ? 27 LEU A HD13 1 
ATOM   279  H  HD21 . LEU A 1 34 ? -6.621  -5.666  4.059   1.00 0.00 ? 27 LEU A HD21 1 
ATOM   280  H  HD22 . LEU A 1 34 ? -6.748  -6.566  2.548   1.00 0.00 ? 27 LEU A HD22 1 
ATOM   281  H  HD23 . LEU A 1 34 ? -5.510  -5.324  2.733   1.00 0.00 ? 27 LEU A HD23 1 
ATOM   282  N  N    . ILE A 1 35 ? -2.375  -7.402  1.334   1.00 0.00 ? 28 ILE A N    1 
ATOM   283  C  CA   . ILE A 1 35 ? -0.902  -7.605  1.293   1.00 0.00 ? 28 ILE A CA   1 
ATOM   284  C  C    . ILE A 1 35 ? -0.335  -7.226  2.661   1.00 0.00 ? 28 ILE A C    1 
ATOM   285  O  O    . ILE A 1 35 ? -0.619  -6.167  3.186   1.00 0.00 ? 28 ILE A O    1 
ATOM   286  C  CB   . ILE A 1 35 ? -0.288  -6.704  0.219   1.00 0.00 ? 28 ILE A CB   1 
ATOM   287  C  CG1  . ILE A 1 35 ? -1.010  -6.926  -1.113  1.00 0.00 ? 28 ILE A CG1  1 
ATOM   288  C  CG2  . ILE A 1 35 ? 1.194   -7.047  0.055   1.00 0.00 ? 28 ILE A CG2  1 
ATOM   289  C  CD1  . ILE A 1 35 ? -0.545  -5.879  -2.130  1.00 0.00 ? 28 ILE A CD1  1 
ATOM   290  H  H    . ILE A 1 35 ? -2.747  -6.497  1.276   1.00 0.00 ? 28 ILE A H    1 
ATOM   291  H  HA   . ILE A 1 35 ? -0.679  -8.640  1.077   1.00 0.00 ? 28 ILE A HA   1 
ATOM   292  H  HB   . ILE A 1 35 ? -0.384  -5.673  0.517   1.00 0.00 ? 28 ILE A HB   1 
ATOM   293  H  HG12 . ILE A 1 35 ? -0.783  -7.915  -1.485  1.00 0.00 ? 28 ILE A HG12 1 
ATOM   294  H  HG13 . ILE A 1 35 ? -2.075  -6.834  -0.965  1.00 0.00 ? 28 ILE A HG13 1 
ATOM   295  H  HG21 . ILE A 1 35 ? 1.715   -6.200  -0.369  1.00 0.00 ? 28 ILE A HG21 1 
ATOM   296  H  HG22 . ILE A 1 35 ? 1.296   -7.897  -0.603  1.00 0.00 ? 28 ILE A HG22 1 
ATOM   297  H  HG23 . ILE A 1 35 ? 1.618   -7.284  1.020   1.00 0.00 ? 28 ILE A HG23 1 
ATOM   298  H  HD11 . ILE A 1 35 ? 0.322   -5.362  -1.745  1.00 0.00 ? 28 ILE A HD11 1 
ATOM   299  H  HD12 . ILE A 1 35 ? -1.339  -5.167  -2.304  1.00 0.00 ? 28 ILE A HD12 1 
ATOM   300  H  HD13 . ILE A 1 35 ? -0.290  -6.366  -3.060  1.00 0.00 ? 28 ILE A HD13 1 
ATOM   301  N  N    . ALA A 1 36 ? 0.447   -8.084  3.254   1.00 0.00 ? 29 ALA A N    1 
ATOM   302  C  CA   . ALA A 1 36 ? 1.007   -7.770  4.598   1.00 0.00 ? 29 ALA A CA   1 
ATOM   303  C  C    . ALA A 1 36 ? 2.454   -7.294  4.467   1.00 0.00 ? 29 ALA A C    1 
ATOM   304  O  O    . ALA A 1 36 ? 3.238   -7.853  3.726   1.00 0.00 ? 29 ALA A O    1 
ATOM   305  C  CB   . ALA A 1 36 ? 0.963   -9.025  5.471   1.00 0.00 ? 29 ALA A CB   1 
ATOM   306  H  H    . ALA A 1 36 ? 0.656   -8.940  2.824   1.00 0.00 ? 29 ALA A H    1 
ATOM   307  H  HA   . ALA A 1 36 ? 0.416   -6.994  5.059   1.00 0.00 ? 29 ALA A HA   1 
ATOM   308  H  HB1  . ALA A 1 36 ? 1.565   -9.799  5.020   1.00 0.00 ? 29 ALA A HB1  1 
ATOM   309  H  HB2  . ALA A 1 36 ? -0.058  -9.368  5.558   1.00 0.00 ? 29 ALA A HB2  1 
ATOM   310  H  HB3  . ALA A 1 36 ? 1.350   -8.793  6.454   1.00 0.00 ? 29 ALA A HB3  1 
ATOM   311  N  N    . GLY A 1 37 ? 2.810   -6.270  5.193   1.00 0.00 ? 30 GLY A N    1 
ATOM   312  C  CA   . GLY A 1 37 ? 4.206   -5.755  5.132   1.00 0.00 ? 30 GLY A CA   1 
ATOM   313  C  C    . GLY A 1 37 ? 4.710   -5.524  6.556   1.00 0.00 ? 30 GLY A C    1 
ATOM   314  O  O    . GLY A 1 37 ? 3.931   -5.319  7.466   1.00 0.00 ? 30 GLY A O    1 
ATOM   315  H  H    . GLY A 1 37 ? 2.158   -5.844  5.787   1.00 0.00 ? 30 GLY A H    1 
ATOM   316  H  HA2  . GLY A 1 37 ? 4.834   -6.477  4.631   1.00 0.00 ? 30 GLY A HA2  1 
ATOM   317  H  HA3  . GLY A 1 37 ? 4.222   -4.822  4.593   1.00 0.00 ? 30 GLY A HA3  1 
ATOM   318  N  N    . PRO A 1 38 ? 6.001   -5.548  6.754   1.00 0.00 ? 31 PRO A N    1 
ATOM   319  C  CA   . PRO A 1 38 ? 6.602   -5.332  8.097   1.00 0.00 ? 31 PRO A CA   1 
ATOM   320  C  C    . PRO A 1 38 ? 5.924   -4.191  8.862   1.00 0.00 ? 31 PRO A C    1 
ATOM   321  O  O    . PRO A 1 38 ? 5.994   -4.119  10.074  1.00 0.00 ? 31 PRO A O    1 
ATOM   322  C  CB   . PRO A 1 38 ? 8.056   -4.978  7.789   1.00 0.00 ? 31 PRO A CB   1 
ATOM   323  C  CG   . PRO A 1 38 ? 8.358   -5.622  6.473   1.00 0.00 ? 31 PRO A CG   1 
ATOM   324  C  CD   . PRO A 1 38 ? 7.029   -5.789  5.728   1.00 0.00 ? 31 PRO A CD   1 
ATOM   325  H  HA   . PRO A 1 38 ? 6.569   -6.242  8.673   1.00 0.00 ? 31 PRO A HA   1 
ATOM   326  H  HB2  . PRO A 1 38 ? 8.172   -3.905  7.719   1.00 0.00 ? 31 PRO A HB2  1 
ATOM   327  H  HB3  . PRO A 1 38 ? 8.709   -5.376  8.550   1.00 0.00 ? 31 PRO A HB3  1 
ATOM   328  H  HG2  . PRO A 1 38 ? 9.028   -4.993  5.903   1.00 0.00 ? 31 PRO A HG2  1 
ATOM   329  H  HG3  . PRO A 1 38 ? 8.807   -6.589  6.631   1.00 0.00 ? 31 PRO A HG3  1 
ATOM   330  H  HD2  . PRO A 1 38 ? 6.950   -5.066  4.927   1.00 0.00 ? 31 PRO A HD2  1 
ATOM   331  H  HD3  . PRO A 1 38 ? 6.942   -6.792  5.343   1.00 0.00 ? 31 PRO A HD3  1 
ATOM   332  N  N    . SER A 1 39 ? 5.270   -3.295  8.172   1.00 0.00 ? 32 SER A N    1 
ATOM   333  C  CA   . SER A 1 39 ? 4.597   -2.168  8.881   1.00 0.00 ? 32 SER A CA   1 
ATOM   334  C  C    . SER A 1 39 ? 3.526   -1.526  7.988   1.00 0.00 ? 32 SER A C    1 
ATOM   335  O  O    . SER A 1 39 ? 2.925   -0.536  8.358   1.00 0.00 ? 32 SER A O    1 
ATOM   336  C  CB   . SER A 1 39 ? 5.640   -1.113  9.251   1.00 0.00 ? 32 SER A CB   1 
ATOM   337  O  OG   . SER A 1 39 ? 6.678   -1.120  8.280   1.00 0.00 ? 32 SER A OG   1 
ATOM   338  H  H    . SER A 1 39 ? 5.224   -3.364  7.197   1.00 0.00 ? 32 SER A H    1 
ATOM   339  H  HA   . SER A 1 39 ? 4.133   -2.540  9.782   1.00 0.00 ? 32 SER A HA   1 
ATOM   340  H  HB2  . SER A 1 39 ? 5.179   -0.140  9.269   1.00 0.00 ? 32 SER A HB2  1 
ATOM   341  H  HB3  . SER A 1 39 ? 6.045   -1.336  10.229  1.00 0.00 ? 32 SER A HB3  1 
ATOM   342  H  HG   . SER A 1 39 ? 7.459   -0.728  8.678   1.00 0.00 ? 32 SER A HG   1 
ATOM   343  N  N    . VAL A 1 40 ? 3.282   -2.067  6.821   1.00 0.00 ? 33 VAL A N    1 
ATOM   344  C  CA   . VAL A 1 40 ? 2.249   -1.465  5.922   1.00 0.00 ? 33 VAL A CA   1 
ATOM   345  C  C    . VAL A 1 40 ? 1.244   -2.528  5.475   1.00 0.00 ? 33 VAL A C    1 
ATOM   346  O  O    . VAL A 1 40 ? 1.614   -3.599  5.036   1.00 0.00 ? 33 VAL A O    1 
ATOM   347  C  CB   . VAL A 1 40 ? 2.932   -0.871  4.688   1.00 0.00 ? 33 VAL A CB   1 
ATOM   348  C  CG1  . VAL A 1 40 ? 1.871   -0.335  3.725   1.00 0.00 ? 33 VAL A CG1  1 
ATOM   349  C  CG2  . VAL A 1 40 ? 3.845   0.278   5.117   1.00 0.00 ? 33 VAL A CG2  1 
ATOM   350  H  H    . VAL A 1 40 ? 3.776   -2.865  6.535   1.00 0.00 ? 33 VAL A H    1 
ATOM   351  H  HA   . VAL A 1 40 ? 1.724   -0.682  6.448   1.00 0.00 ? 33 VAL A HA   1 
ATOM   352  H  HB   . VAL A 1 40 ? 3.516   -1.634  4.195   1.00 0.00 ? 33 VAL A HB   1 
ATOM   353  H  HG11 . VAL A 1 40 ? 0.935   -0.217  4.249   1.00 0.00 ? 33 VAL A HG11 1 
ATOM   354  H  HG12 . VAL A 1 40 ? 1.743   -1.031  2.910   1.00 0.00 ? 33 VAL A HG12 1 
ATOM   355  H  HG13 . VAL A 1 40 ? 2.190   0.621   3.334   1.00 0.00 ? 33 VAL A HG13 1 
ATOM   356  H  HG21 . VAL A 1 40 ? 4.629   0.402   4.386   1.00 0.00 ? 33 VAL A HG21 1 
ATOM   357  H  HG22 . VAL A 1 40 ? 4.280   0.053   6.078   1.00 0.00 ? 33 VAL A HG22 1 
ATOM   358  H  HG23 . VAL A 1 40 ? 3.269   1.189   5.186   1.00 0.00 ? 33 VAL A HG23 1 
ATOM   359  N  N    . TYR A 1 41 ? -0.025  -2.226  5.565   1.00 0.00 ? 34 TYR A N    1 
ATOM   360  C  CA   . TYR A 1 41 ? -1.063  -3.201  5.125   1.00 0.00 ? 34 TYR A CA   1 
ATOM   361  C  C    . TYR A 1 41 ? -1.974  -2.514  4.107   1.00 0.00 ? 34 TYR A C    1 
ATOM   362  O  O    . TYR A 1 41 ? -2.507  -1.452  4.356   1.00 0.00 ? 34 TYR A O    1 
ATOM   363  C  CB   . TYR A 1 41 ? -1.876  -3.657  6.334   1.00 0.00 ? 34 TYR A CB   1 
ATOM   364  C  CG   . TYR A 1 41 ? -0.966  -4.390  7.292   1.00 0.00 ? 34 TYR A CG   1 
ATOM   365  C  CD1  . TYR A 1 41 ? -0.154  -3.671  8.178   1.00 0.00 ? 34 TYR A CD1  1 
ATOM   366  C  CD2  . TYR A 1 41 ? -0.934  -5.790  7.294   1.00 0.00 ? 34 TYR A CD2  1 
ATOM   367  C  CE1  . TYR A 1 41 ? 0.689   -4.351  9.065   1.00 0.00 ? 34 TYR A CE1  1 
ATOM   368  C  CE2  . TYR A 1 41 ? -0.090  -6.470  8.182   1.00 0.00 ? 34 TYR A CE2  1 
ATOM   369  C  CZ   . TYR A 1 41 ? 0.721   -5.751  9.068   1.00 0.00 ? 34 TYR A CZ   1 
ATOM   370  O  OH   . TYR A 1 41 ? 1.551   -6.421  9.943   1.00 0.00 ? 34 TYR A OH   1 
ATOM   371  H  H    . TYR A 1 41 ? -0.297  -1.345  5.907   1.00 0.00 ? 34 TYR A H    1 
ATOM   372  H  HA   . TYR A 1 41 ? -0.589  -4.055  4.665   1.00 0.00 ? 34 TYR A HA   1 
ATOM   373  H  HB2  . TYR A 1 41 ? -2.303  -2.795  6.825   1.00 0.00 ? 34 TYR A HB2  1 
ATOM   374  H  HB3  . TYR A 1 41 ? -2.666  -4.318  6.010   1.00 0.00 ? 34 TYR A HB3  1 
ATOM   375  H  HD1  . TYR A 1 41 ? -0.176  -2.591  8.175   1.00 0.00 ? 34 TYR A HD1  1 
ATOM   376  H  HD2  . TYR A 1 41 ? -1.559  -6.345  6.610   1.00 0.00 ? 34 TYR A HD2  1 
ATOM   377  H  HE1  . TYR A 1 41 ? 1.314   -3.795  9.748   1.00 0.00 ? 34 TYR A HE1  1 
ATOM   378  H  HE2  . TYR A 1 41 ? -0.066  -7.550  8.183   1.00 0.00 ? 34 TYR A HE2  1 
ATOM   379  H  HH   . TYR A 1 41 ? 2.133   -5.776  10.351  1.00 0.00 ? 34 TYR A HH   1 
ATOM   380  N  N    . ILE A 1 42 ? -2.142  -3.099  2.955   1.00 0.00 ? 35 ILE A N    1 
ATOM   381  C  CA   . ILE A 1 42 ? -2.999  -2.459  1.919   1.00 0.00 ? 35 ILE A CA   1 
ATOM   382  C  C    . ILE A 1 42 ? -3.783  -3.542  1.156   1.00 0.00 ? 35 ILE A C    1 
ATOM   383  O  O    . ILE A 1 42 ? -3.320  -4.654  0.996   1.00 0.00 ? 35 ILE A O    1 
ATOM   384  C  CB   . ILE A 1 42 ? -2.082  -1.681  0.965   1.00 0.00 ? 35 ILE A CB   1 
ATOM   385  C  CG1  . ILE A 1 42 ? -2.883  -0.667  0.142   1.00 0.00 ? 35 ILE A CG1  1 
ATOM   386  C  CG2  . ILE A 1 42 ? -1.383  -2.657  0.019   1.00 0.00 ? 35 ILE A CG2  1 
ATOM   387  C  CD1  . ILE A 1 42 ? -1.984  0.523   -0.207  1.00 0.00 ? 35 ILE A CD1  1 
ATOM   388  H  H    . ILE A 1 42 ? -1.693  -3.946  2.766   1.00 0.00 ? 35 ILE A H    1 
ATOM   389  H  HA   . ILE A 1 42 ? -3.691  -1.780  2.396   1.00 0.00 ? 35 ILE A HA   1 
ATOM   390  H  HB   . ILE A 1 42 ? -1.334  -1.161  1.548   1.00 0.00 ? 35 ILE A HB   1 
ATOM   391  H  HG12 . ILE A 1 42 ? -3.221  -1.138  -0.768  1.00 0.00 ? 35 ILE A HG12 1 
ATOM   392  H  HG13 . ILE A 1 42 ? -3.733  -0.319  0.708   1.00 0.00 ? 35 ILE A HG13 1 
ATOM   393  H  HG21 . ILE A 1 42 ? -1.936  -2.720  -0.906  1.00 0.00 ? 35 ILE A HG21 1 
ATOM   394  H  HG22 . ILE A 1 42 ? -1.338  -3.631  0.479   1.00 0.00 ? 35 ILE A HG22 1 
ATOM   395  H  HG23 . ILE A 1 42 ? -0.380  -2.310  -0.181  1.00 0.00 ? 35 ILE A HG23 1 
ATOM   396  H  HD11 . ILE A 1 42 ? -1.206  0.197   -0.876  1.00 0.00 ? 35 ILE A HD11 1 
ATOM   397  H  HD12 . ILE A 1 42 ? -1.541  0.920   0.694   1.00 0.00 ? 35 ILE A HD12 1 
ATOM   398  H  HD13 . ILE A 1 42 ? -2.568  1.293   -0.685  1.00 0.00 ? 35 ILE A HD13 1 
ATOM   399  N  N    . CYS A 1 43 ? -4.965  -3.227  0.686   1.00 0.00 ? 36 CYS A N    1 
ATOM   400  C  CA   . CYS A 1 43 ? -5.769  -4.242  -0.063  1.00 0.00 ? 36 CYS A CA   1 
ATOM   401  C  C    . CYS A 1 43 ? -5.703  -3.936  -1.569  1.00 0.00 ? 36 CYS A C    1 
ATOM   402  O  O    . CYS A 1 43 ? -4.942  -3.099  -2.009  1.00 0.00 ? 36 CYS A O    1 
ATOM   403  C  CB   . CYS A 1 43 ? -7.225  -4.215  0.424   1.00 0.00 ? 36 CYS A CB   1 
ATOM   404  S  SG   . CYS A 1 43 ? -7.333  -3.202  1.920   1.00 0.00 ? 36 CYS A SG   1 
ATOM   405  H  H    . CYS A 1 43 ? -5.321  -2.326  0.827   1.00 0.00 ? 36 CYS A H    1 
ATOM   406  H  HA   . CYS A 1 43 ? -5.354  -5.223  0.113   1.00 0.00 ? 36 CYS A HA   1 
ATOM   407  H  HB2  . CYS A 1 43 ? -7.855  -3.793  -0.345  1.00 0.00 ? 36 CYS A HB2  1 
ATOM   408  H  HB3  . CYS A 1 43 ? -7.550  -5.221  0.645   1.00 0.00 ? 36 CYS A HB3  1 
ATOM   409  N  N    . ASP A 1 44 ? -6.463  -4.633  -2.368  1.00 0.00 ? 37 ASP A N    1 
ATOM   410  C  CA   . ASP A 1 44 ? -6.414  -4.398  -3.846  1.00 0.00 ? 37 ASP A CA   1 
ATOM   411  C  C    . ASP A 1 44 ? -7.119  -3.088  -4.239  1.00 0.00 ? 37 ASP A C    1 
ATOM   412  O  O    . ASP A 1 44 ? -6.700  -2.405  -5.153  1.00 0.00 ? 37 ASP A O    1 
ATOM   413  C  CB   . ASP A 1 44 ? -7.094  -5.565  -4.562  1.00 0.00 ? 37 ASP A CB   1 
ATOM   414  C  CG   . ASP A 1 44 ? -6.822  -5.470  -6.064  1.00 0.00 ? 37 ASP A CG   1 
ATOM   415  O  OD1  . ASP A 1 44 ? -5.990  -4.664  -6.446  1.00 0.00 ? 37 ASP A OD1  1 
ATOM   416  O  OD2  . ASP A 1 44 ? -7.451  -6.205  -6.807  1.00 0.00 ? 37 ASP A OD2  1 
ATOM   417  H  H    . ASP A 1 44 ? -7.051  -5.326  -2.003  1.00 0.00 ? 37 ASP A H    1 
ATOM   418  H  HA   . ASP A 1 44 ? -5.382  -4.350  -4.159  1.00 0.00 ? 37 ASP A HA   1 
ATOM   419  H  HB2  . ASP A 1 44 ? -6.702  -6.497  -4.182  1.00 0.00 ? 37 ASP A HB2  1 
ATOM   420  H  HB3  . ASP A 1 44 ? -8.159  -5.524  -4.387  1.00 0.00 ? 37 ASP A HB3  1 
ATOM   421  N  N    . GLU A 1 45 ? -8.201  -2.746  -3.592  1.00 0.00 ? 38 GLU A N    1 
ATOM   422  C  CA   . GLU A 1 45 ? -8.938  -1.499  -3.976  1.00 0.00 ? 38 GLU A CA   1 
ATOM   423  C  C    . GLU A 1 45 ? -8.082  -0.249  -3.733  1.00 0.00 ? 38 GLU A C    1 
ATOM   424  O  O    . GLU A 1 45 ? -8.098  0.685   -4.511  1.00 0.00 ? 38 GLU A O    1 
ATOM   425  C  CB   . GLU A 1 45 ? -10.219 -1.398  -3.144  1.00 0.00 ? 38 GLU A CB   1 
ATOM   426  C  CG   . GLU A 1 45 ? -11.154 -2.555  -3.499  1.00 0.00 ? 38 GLU A CG   1 
ATOM   427  C  CD   . GLU A 1 45 ? -12.457 -2.419  -2.710  1.00 0.00 ? 38 GLU A CD   1 
ATOM   428  O  OE1  . GLU A 1 45 ? -12.508 -1.575  -1.830  1.00 0.00 ? 38 GLU A OE1  1 
ATOM   429  O  OE2  . GLU A 1 45 ? -13.382 -3.160  -2.998  1.00 0.00 ? 38 GLU A OE2  1 
ATOM   430  H  H    . GLU A 1 45 ? -8.546  -3.319  -2.876  1.00 0.00 ? 38 GLU A H    1 
ATOM   431  H  HA   . GLU A 1 45 ? -9.201  -1.550  -5.022  1.00 0.00 ? 38 GLU A HA   1 
ATOM   432  H  HB2  . GLU A 1 45 ? -9.969  -1.445  -2.094  1.00 0.00 ? 38 GLU A HB2  1 
ATOM   433  H  HB3  . GLU A 1 45 ? -10.712 -0.461  -3.356  1.00 0.00 ? 38 GLU A HB3  1 
ATOM   434  H  HG2  . GLU A 1 45 ? -11.368 -2.532  -4.558  1.00 0.00 ? 38 GLU A HG2  1 
ATOM   435  H  HG3  . GLU A 1 45 ? -10.679 -3.492  -3.248  1.00 0.00 ? 38 GLU A HG3  1 
ATOM   436  N  N    . CYS A 1 46 ? -7.350  -0.215  -2.659  1.00 0.00 ? 39 CYS A N    1 
ATOM   437  C  CA   . CYS A 1 46 ? -6.508  0.984   -2.357  1.00 0.00 ? 39 CYS A CA   1 
ATOM   438  C  C    . CYS A 1 46 ? -5.481  1.205   -3.467  1.00 0.00 ? 39 CYS A C    1 
ATOM   439  O  O    . CYS A 1 46 ? -5.379  2.279   -4.023  1.00 0.00 ? 39 CYS A O    1 
ATOM   440  C  CB   . CYS A 1 46 ? -5.773  0.740   -1.043  1.00 0.00 ? 39 CYS A CB   1 
ATOM   441  S  SG   . CYS A 1 46 ? -5.807  -1.032  -0.731  1.00 0.00 ? 39 CYS A SG   1 
ATOM   442  H  H    . CYS A 1 46 ? -7.365  -0.973  -2.042  1.00 0.00 ? 39 CYS A H    1 
ATOM   443  H  HA   . CYS A 1 46 ? -7.135  1.856   -2.262  1.00 0.00 ? 39 CYS A HA   1 
ATOM   444  H  HB2  . CYS A 1 46 ? -4.755  1.080   -1.127  1.00 0.00 ? 39 CYS A HB2  1 
ATOM   445  H  HB3  . CYS A 1 46 ? -6.270  1.261   -0.240  1.00 0.00 ? 39 CYS A HB3  1 
ATOM   446  N  N    . VAL A 1 47 ? -4.708  0.203   -3.788  1.00 0.00 ? 40 VAL A N    1 
ATOM   447  C  CA   . VAL A 1 47 ? -3.683  0.373   -4.853  1.00 0.00 ? 40 VAL A CA   1 
ATOM   448  C  C    . VAL A 1 47 ? -4.365  0.521   -6.212  1.00 0.00 ? 40 VAL A C    1 
ATOM   449  O  O    . VAL A 1 47 ? -3.949  1.299   -7.041  1.00 0.00 ? 40 VAL A O    1 
ATOM   450  C  CB   . VAL A 1 47 ? -2.760  -0.845  -4.878  1.00 0.00 ? 40 VAL A CB   1 
ATOM   451  C  CG1  . VAL A 1 47 ? -2.272  -1.149  -3.461  1.00 0.00 ? 40 VAL A CG1  1 
ATOM   452  C  CG2  . VAL A 1 47 ? -3.511  -2.059  -5.424  1.00 0.00 ? 40 VAL A CG2  1 
ATOM   453  H  H    . VAL A 1 47 ? -4.795  -0.654  -3.324  1.00 0.00 ? 40 VAL A H    1 
ATOM   454  H  HA   . VAL A 1 47 ? -3.100  1.258   -4.649  1.00 0.00 ? 40 VAL A HA   1 
ATOM   455  H  HB   . VAL A 1 47 ? -1.914  -0.634  -5.510  1.00 0.00 ? 40 VAL A HB   1 
ATOM   456  H  HG11 . VAL A 1 47 ? -3.009  -1.752  -2.951  1.00 0.00 ? 40 VAL A HG11 1 
ATOM   457  H  HG12 . VAL A 1 47 ? -2.128  -0.224  -2.923  1.00 0.00 ? 40 VAL A HG12 1 
ATOM   458  H  HG13 . VAL A 1 47 ? -1.338  -1.687  -3.510  1.00 0.00 ? 40 VAL A HG13 1 
ATOM   459  H  HG21 . VAL A 1 47 ? -4.443  -2.173  -4.893  1.00 0.00 ? 40 VAL A HG21 1 
ATOM   460  H  HG22 . VAL A 1 47 ? -2.909  -2.945  -5.287  1.00 0.00 ? 40 VAL A HG22 1 
ATOM   461  H  HG23 . VAL A 1 47 ? -3.710  -1.918  -6.477  1.00 0.00 ? 40 VAL A HG23 1 
ATOM   462  N  N    . ASP A 1 48 ? -5.407  -0.220  -6.453  1.00 0.00 ? 41 ASP A N    1 
ATOM   463  C  CA   . ASP A 1 48 ? -6.097  -0.109  -7.768  1.00 0.00 ? 41 ASP A CA   1 
ATOM   464  C  C    . ASP A 1 48 ? -6.620  1.317   -7.955  1.00 0.00 ? 41 ASP A C    1 
ATOM   465  O  O    . ASP A 1 48 ? -6.421  1.932   -8.985  1.00 0.00 ? 41 ASP A O    1 
ATOM   466  C  CB   . ASP A 1 48 ? -7.271  -1.088  -7.812  1.00 0.00 ? 41 ASP A CB   1 
ATOM   467  C  CG   . ASP A 1 48 ? -6.742  -2.521  -7.804  1.00 0.00 ? 41 ASP A CG   1 
ATOM   468  O  OD1  . ASP A 1 48 ? -5.547  -2.690  -7.979  1.00 0.00 ? 41 ASP A OD1  1 
ATOM   469  O  OD2  . ASP A 1 48 ? -7.540  -3.426  -7.624  1.00 0.00 ? 41 ASP A OD2  1 
ATOM   470  H  H    . ASP A 1 48 ? -5.728  -0.850  -5.777  1.00 0.00 ? 41 ASP A H    1 
ATOM   471  H  HA   . ASP A 1 48 ? -5.402  -0.345  -8.561  1.00 0.00 ? 41 ASP A HA   1 
ATOM   472  H  HB2  . ASP A 1 48 ? -7.902  -0.931  -6.949  1.00 0.00 ? 41 ASP A HB2  1 
ATOM   473  H  HB3  . ASP A 1 48 ? -7.845  -0.922  -8.712  1.00 0.00 ? 41 ASP A HB3  1 
ATOM   474  N  N    . LEU A 1 49 ? -7.285  1.850   -6.966  1.00 0.00 ? 42 LEU A N    1 
ATOM   475  C  CA   . LEU A 1 49 ? -7.818  3.237   -7.090  1.00 0.00 ? 42 LEU A CA   1 
ATOM   476  C  C    . LEU A 1 49 ? -6.682  4.251   -6.933  1.00 0.00 ? 42 LEU A C    1 
ATOM   477  O  O    . LEU A 1 49 ? -6.621  5.241   -7.634  1.00 0.00 ? 42 LEU A O    1 
ATOM   478  C  CB   . LEU A 1 49 ? -8.867  3.476   -6.001  1.00 0.00 ? 42 LEU A CB   1 
ATOM   479  C  CG   . LEU A 1 49 ? -10.008 2.466   -6.152  1.00 0.00 ? 42 LEU A CG   1 
ATOM   480  C  CD1  . LEU A 1 49 ? -11.065 2.725   -5.078  1.00 0.00 ? 42 LEU A CD1  1 
ATOM   481  C  CD2  . LEU A 1 49 ? -10.643 2.619   -7.536  1.00 0.00 ? 42 LEU A CD2  1 
ATOM   482  H  H    . LEU A 1 49 ? -7.434  1.338   -6.143  1.00 0.00 ? 42 LEU A H    1 
ATOM   483  H  HA   . LEU A 1 49 ? -8.275  3.360   -8.060  1.00 0.00 ? 42 LEU A HA   1 
ATOM   484  H  HB2  . LEU A 1 49 ? -8.409  3.359   -5.029  1.00 0.00 ? 42 LEU A HB2  1 
ATOM   485  H  HB3  . LEU A 1 49 ? -9.260  4.478   -6.095  1.00 0.00 ? 42 LEU A HB3  1 
ATOM   486  H  HG   . LEU A 1 49 ? -9.619  1.465   -6.041  1.00 0.00 ? 42 LEU A HG   1 
ATOM   487  H  HD11 . LEU A 1 49 ? -10.773 2.236   -4.160  1.00 0.00 ? 42 LEU A HD11 1 
ATOM   488  H  HD12 . LEU A 1 49 ? -12.016 2.332   -5.408  1.00 0.00 ? 42 LEU A HD12 1 
ATOM   489  H  HD13 . LEU A 1 49 ? -11.155 3.787   -4.908  1.00 0.00 ? 42 LEU A HD13 1 
ATOM   490  H  HD21 . LEU A 1 49 ? -10.132 1.979   -8.240  1.00 0.00 ? 42 LEU A HD21 1 
ATOM   491  H  HD22 . LEU A 1 49 ? -10.562 3.647   -7.859  1.00 0.00 ? 42 LEU A HD22 1 
ATOM   492  H  HD23 . LEU A 1 49 ? -11.685 2.339   -7.486  1.00 0.00 ? 42 LEU A HD23 1 
ATOM   493  N  N    . CYS A 1 50 ? -5.789  4.019   -6.010  1.00 0.00 ? 43 CYS A N    1 
ATOM   494  C  CA   . CYS A 1 50 ? -4.666  4.977   -5.798  1.00 0.00 ? 43 CYS A CA   1 
ATOM   495  C  C    . CYS A 1 50 ? -3.702  4.931   -6.986  1.00 0.00 ? 43 CYS A C    1 
ATOM   496  O  O    . CYS A 1 50 ? -3.258  5.950   -7.475  1.00 0.00 ? 43 CYS A O    1 
ATOM   497  C  CB   . CYS A 1 50 ? -3.915  4.603   -4.519  1.00 0.00 ? 43 CYS A CB   1 
ATOM   498  S  SG   . CYS A 1 50 ? -5.035  4.731   -3.103  1.00 0.00 ? 43 CYS A SG   1 
ATOM   499  H  H    . CYS A 1 50 ? -5.861  3.219   -5.449  1.00 0.00 ? 43 CYS A H    1 
ATOM   500  H  HA   . CYS A 1 50 ? -5.064  5.976   -5.699  1.00 0.00 ? 43 CYS A HA   1 
ATOM   501  H  HB2  . CYS A 1 50 ? -3.550  3.590   -4.599  1.00 0.00 ? 43 CYS A HB2  1 
ATOM   502  H  HB3  . CYS A 1 50 ? -3.083  5.276   -4.381  1.00 0.00 ? 43 CYS A HB3  1 
ATOM   503  H  HG   . CYS A 1 50 ? -4.657  5.358   -2.482  1.00 0.00 ? 43 CYS A HG   1 
ATOM   504  N  N    . ASN A 1 51 ? -3.370  3.759   -7.450  1.00 0.00 ? 44 ASN A N    1 
ATOM   505  C  CA   . ASN A 1 51 ? -2.430  3.656   -8.601  1.00 0.00 ? 44 ASN A CA   1 
ATOM   506  C  C    . ASN A 1 51 ? -3.001  4.418   -9.797  1.00 0.00 ? 44 ASN A C    1 
ATOM   507  O  O    . ASN A 1 51 ? -2.287  5.081   -10.519 1.00 0.00 ? 44 ASN A O    1 
ATOM   508  C  CB   . ASN A 1 51 ? -2.237  2.186   -8.982  1.00 0.00 ? 44 ASN A CB   1 
ATOM   509  C  CG   . ASN A 1 51 ? -1.533  1.449   -7.840  1.00 0.00 ? 44 ASN A CG   1 
ATOM   510  O  OD1  . ASN A 1 51 ? -0.941  2.066   -6.977  1.00 0.00 ? 44 ASN A OD1  1 
ATOM   511  N  ND2  . ASN A 1 51 ? -1.573  0.145   -7.800  1.00 0.00 ? 44 ASN A ND2  1 
ATOM   512  H  H    . ASN A 1 51 ? -3.734  2.947   -7.040  1.00 0.00 ? 44 ASN A H    1 
ATOM   513  H  HA   . ASN A 1 51 ? -1.477  4.081   -8.324  1.00 0.00 ? 44 ASN A HA   1 
ATOM   514  H  HB2  . ASN A 1 51 ? -3.200  1.732   -9.166  1.00 0.00 ? 44 ASN A HB2  1 
ATOM   515  H  HB3  . ASN A 1 51 ? -1.633  2.123   -9.875  1.00 0.00 ? 44 ASN A HB3  1 
ATOM   516  H  HD21 . ASN A 1 51 ? -2.050  -0.352  -8.497  1.00 0.00 ? 44 ASN A HD21 1 
ATOM   517  H  HD22 . ASN A 1 51 ? -1.125  -0.337  -7.073  1.00 0.00 ? 44 ASN A HD22 1 
ATOM   518  N  N    . ASP A 1 52 ? -4.283  4.333   -10.014 1.00 0.00 ? 45 ASP A N    1 
ATOM   519  C  CA   . ASP A 1 52 ? -4.884  5.058   -11.167 1.00 0.00 ? 45 ASP A CA   1 
ATOM   520  C  C    . ASP A 1 52 ? -4.717  6.569   -10.973 1.00 0.00 ? 45 ASP A C    1 
ATOM   521  O  O    . ASP A 1 52 ? -4.434  7.296   -11.904 1.00 0.00 ? 45 ASP A O    1 
ATOM   522  C  CB   . ASP A 1 52 ? -6.372  4.719   -11.260 1.00 0.00 ? 45 ASP A CB   1 
ATOM   523  C  CG   . ASP A 1 52 ? -6.540  3.241   -11.615 1.00 0.00 ? 45 ASP A CG   1 
ATOM   524  O  OD1  . ASP A 1 52 ? -5.557  2.630   -12.002 1.00 0.00 ? 45 ASP A OD1  1 
ATOM   525  O  OD2  . ASP A 1 52 ? -7.648  2.744   -11.493 1.00 0.00 ? 45 ASP A OD2  1 
ATOM   526  H  H    . ASP A 1 52 ? -4.848  3.793   -9.423  1.00 0.00 ? 45 ASP A H    1 
ATOM   527  H  HA   . ASP A 1 52 ? -4.389  4.756   -12.078 1.00 0.00 ? 45 ASP A HA   1 
ATOM   528  H  HB2  . ASP A 1 52 ? -6.847  4.918   -10.311 1.00 0.00 ? 45 ASP A HB2  1 
ATOM   529  H  HB3  . ASP A 1 52 ? -6.832  5.326   -12.027 1.00 0.00 ? 45 ASP A HB3  1 
ATOM   530  N  N    . ILE A 1 53 ? -4.902  7.046   -9.771  1.00 0.00 ? 46 ILE A N    1 
ATOM   531  C  CA   . ILE A 1 53 ? -4.767  8.510   -9.518  1.00 0.00 ? 46 ILE A CA   1 
ATOM   532  C  C    . ILE A 1 53 ? -3.300  8.940   -9.612  1.00 0.00 ? 46 ILE A C    1 
ATOM   533  O  O    . ILE A 1 53 ? -2.959  9.861   -10.327 1.00 0.00 ? 46 ILE A O    1 
ATOM   534  C  CB   . ILE A 1 53 ? -5.298  8.833   -8.121  1.00 0.00 ? 46 ILE A CB   1 
ATOM   535  C  CG1  . ILE A 1 53 ? -6.773  8.437   -8.032  1.00 0.00 ? 46 ILE A CG1  1 
ATOM   536  C  CG2  . ILE A 1 53 ? -5.158  10.333  -7.855  1.00 0.00 ? 46 ILE A CG2  1 
ATOM   537  C  CD1  . ILE A 1 53 ? -7.258  8.597   -6.589  1.00 0.00 ? 46 ILE A CD1  1 
ATOM   538  H  H    . ILE A 1 53 ? -5.134  6.442   -9.035  1.00 0.00 ? 46 ILE A H    1 
ATOM   539  H  HA   . ILE A 1 53 ? -5.345  9.053   -10.251 1.00 0.00 ? 46 ILE A HA   1 
ATOM   540  H  HB   . ILE A 1 53 ? -4.730  8.283   -7.385  1.00 0.00 ? 46 ILE A HB   1 
ATOM   541  H  HG12 . ILE A 1 53 ? -7.356  9.072   -8.682  1.00 0.00 ? 46 ILE A HG12 1 
ATOM   542  H  HG13 . ILE A 1 53 ? -6.889  7.407   -8.336  1.00 0.00 ? 46 ILE A HG13 1 
ATOM   543  H  HG21 . ILE A 1 53 ? -5.612  10.886  -8.664  1.00 0.00 ? 46 ILE A HG21 1 
ATOM   544  H  HG22 . ILE A 1 53 ? -4.111  10.590  -7.784  1.00 0.00 ? 46 ILE A HG22 1 
ATOM   545  H  HG23 . ILE A 1 53 ? -5.653  10.580  -6.927  1.00 0.00 ? 46 ILE A HG23 1 
ATOM   546  H  HD11 . ILE A 1 53 ? -8.213  8.107   -6.474  1.00 0.00 ? 46 ILE A HD11 1 
ATOM   547  H  HD12 . ILE A 1 53 ? -7.362  9.647   -6.360  1.00 0.00 ? 46 ILE A HD12 1 
ATOM   548  H  HD13 . ILE A 1 53 ? -6.541  8.150   -5.917  1.00 0.00 ? 46 ILE A HD13 1 
ATOM   549  N  N    . ILE A 1 54 ? -2.433  8.293   -8.882  1.00 0.00 ? 47 ILE A N    1 
ATOM   550  C  CA   . ILE A 1 54 ? -0.994  8.682   -8.917  1.00 0.00 ? 47 ILE A CA   1 
ATOM   551  C  C    . ILE A 1 54 ? -0.420  8.464   -10.320 1.00 0.00 ? 47 ILE A C    1 
ATOM   552  O  O    . ILE A 1 54 ? 0.427   9.209   -10.774 1.00 0.00 ? 47 ILE A O    1 
ATOM   553  C  CB   . ILE A 1 54 ? -0.218  7.835   -7.906  1.00 0.00 ? 47 ILE A CB   1 
ATOM   554  C  CG1  . ILE A 1 54 ? 1.175   8.434   -7.694  1.00 0.00 ? 47 ILE A CG1  1 
ATOM   555  C  CG2  . ILE A 1 54 ? -0.084  6.408   -8.435  1.00 0.00 ? 47 ILE A CG2  1 
ATOM   556  C  CD1  . ILE A 1 54 ? 1.810   7.822   -6.446  1.00 0.00 ? 47 ILE A CD1  1 
ATOM   557  H  H    . ILE A 1 54 ? -2.729  7.562   -8.301  1.00 0.00 ? 47 ILE A H    1 
ATOM   558  H  HA   . ILE A 1 54 ? -0.901  9.725   -8.652  1.00 0.00 ? 47 ILE A HA   1 
ATOM   559  H  HB   . ILE A 1 54 ? -0.751  7.819   -6.966  1.00 0.00 ? 47 ILE A HB   1 
ATOM   560  H  HG12 . ILE A 1 54 ? 1.792   8.222   -8.555  1.00 0.00 ? 47 ILE A HG12 1 
ATOM   561  H  HG13 . ILE A 1 54 ? 1.091   9.504   -7.564  1.00 0.00 ? 47 ILE A HG13 1 
ATOM   562  H  HG21 . ILE A 1 54 ? -0.035  5.718   -7.605  1.00 0.00 ? 47 ILE A HG21 1 
ATOM   563  H  HG22 . ILE A 1 54 ? 0.815   6.326   -9.027  1.00 0.00 ? 47 ILE A HG22 1 
ATOM   564  H  HG23 . ILE A 1 54 ? -0.941  6.173   -9.046  1.00 0.00 ? 47 ILE A HG23 1 
ATOM   565  H  HD11 . ILE A 1 54 ? 1.228   8.091   -5.576  1.00 0.00 ? 47 ILE A HD11 1 
ATOM   566  H  HD12 . ILE A 1 54 ? 2.817   8.194   -6.333  1.00 0.00 ? 47 ILE A HD12 1 
ATOM   567  H  HD13 . ILE A 1 54 ? 1.833   6.746   -6.544  1.00 0.00 ? 47 ILE A HD13 1 
ATOM   568  N  N    . ARG A 1 55 ? -0.870  7.455   -11.014 1.00 0.00 ? 48 ARG A N    1 
ATOM   569  C  CA   . ARG A 1 55 ? -0.343  7.205   -12.386 1.00 0.00 ? 48 ARG A CA   1 
ATOM   570  C  C    . ARG A 1 55 ? -1.076  8.097   -13.389 1.00 0.00 ? 48 ARG A C    1 
ATOM   571  O  O    . ARG A 1 55 ? -0.693  8.201   -14.538 1.00 0.00 ? 48 ARG A O    1 
ATOM   572  C  CB   . ARG A 1 55 ? -0.543  5.732   -12.752 1.00 0.00 ? 48 ARG A CB   1 
ATOM   573  C  CG   . ARG A 1 55 ? 0.300   4.863   -11.816 1.00 0.00 ? 48 ARG A CG   1 
ATOM   574  C  CD   . ARG A 1 55 ? 0.134   3.389   -12.188 1.00 0.00 ? 48 ARG A CD   1 
ATOM   575  N  NE   . ARG A 1 55 ? 0.759   2.541   -11.134 1.00 0.00 ? 48 ARG A NE   1 
ATOM   576  C  CZ   . ARG A 1 55 ? 0.487   1.267   -11.074 1.00 0.00 ? 48 ARG A CZ   1 
ATOM   577  N  NH1  . ARG A 1 55 ? -0.327  0.731   -11.942 1.00 0.00 ? 48 ARG A NH1  1 
ATOM   578  N  NH2  . ARG A 1 55 ? 1.030   0.528   -10.145 1.00 0.00 ? 48 ARG A NH2  1 
ATOM   579  H  H    . ARG A 1 55 ? -1.554  6.863   -10.635 1.00 0.00 ? 48 ARG A H    1 
ATOM   580  H  HA   . ARG A 1 55 ? 0.712   7.438   -12.409 1.00 0.00 ? 48 ARG A HA   1 
ATOM   581  H  HB2  . ARG A 1 55 ? -1.586  5.473   -12.652 1.00 0.00 ? 48 ARG A HB2  1 
ATOM   582  H  HB3  . ARG A 1 55 ? -0.227  5.569   -13.772 1.00 0.00 ? 48 ARG A HB3  1 
ATOM   583  H  HG2  . ARG A 1 55 ? 1.339   5.142   -11.907 1.00 0.00 ? 48 ARG A HG2  1 
ATOM   584  H  HG3  . ARG A 1 55 ? -0.023  5.013   -10.797 1.00 0.00 ? 48 ARG A HG3  1 
ATOM   585  H  HD2  . ARG A 1 55 ? -0.917  3.154   -12.265 1.00 0.00 ? 48 ARG A HD2  1 
ATOM   586  H  HD3  . ARG A 1 55 ? 0.618   3.201   -13.134 1.00 0.00 ? 48 ARG A HD3  1 
ATOM   587  H  HE   . ARG A 1 55 ? 1.372   2.942   -10.483 1.00 0.00 ? 48 ARG A HE   1 
ATOM   588  H  HH11 . ARG A 1 55 ? -0.744  1.297   -12.653 1.00 0.00 ? 48 ARG A HH11 1 
ATOM   589  H  HH12 . ARG A 1 55 ? -0.535  -0.247  -11.895 1.00 0.00 ? 48 ARG A HH12 1 
ATOM   590  H  HH21 . ARG A 1 55 ? 1.654   0.939   -9.481  1.00 0.00 ? 48 ARG A HH21 1 
ATOM   591  H  HH22 . ARG A 1 55 ? 0.823   -0.449  -10.099 1.00 0.00 ? 48 ARG A HH22 1 
ATOM   592  N  N    . LEU B 1 18 ? 7.553   10.849  4.970   1.00 0.00 ? 11 LEU B N    1 
ATOM   593  C  CA   . LEU B 1 18 ? 6.960   10.676  6.327   1.00 0.00 ? 11 LEU B CA   1 
ATOM   594  C  C    . LEU B 1 18 ? 7.169   9.234   6.794   1.00 0.00 ? 11 LEU B C    1 
ATOM   595  O  O    . LEU B 1 18 ? 8.066   8.943   7.560   1.00 0.00 ? 11 LEU B O    1 
ATOM   596  C  CB   . LEU B 1 18 ? 5.461   10.979  6.271   1.00 0.00 ? 11 LEU B CB   1 
ATOM   597  C  CG   . LEU B 1 18 ? 5.240   12.369  5.671   1.00 0.00 ? 11 LEU B CG   1 
ATOM   598  C  CD1  . LEU B 1 18 ? 3.750   12.714  5.717   1.00 0.00 ? 11 LEU B CD1  1 
ATOM   599  C  CD2  . LEU B 1 18 ? 6.027   13.403  6.480   1.00 0.00 ? 11 LEU B CD2  1 
ATOM   600  H  H    . LEU B 1 18 ? 8.056   11.757  4.924   1.00 0.00 ? 11 LEU B H    1 
ATOM   601  H  HA   . LEU B 1 18 ? 7.440   11.352  7.018   1.00 0.00 ? 11 LEU B HA   1 
ATOM   602  H  HB2  . LEU B 1 18 ? 4.967   10.239  5.658   1.00 0.00 ? 11 LEU B HB2  1 
ATOM   603  H  HB3  . LEU B 1 18 ? 5.051   10.951  7.270   1.00 0.00 ? 11 LEU B HB3  1 
ATOM   604  H  HG   . LEU B 1 18 ? 5.581   12.376  4.646   1.00 0.00 ? 11 LEU B HG   1 
ATOM   605  H  HD11 . LEU B 1 18 ? 3.191   11.851  6.049   1.00 0.00 ? 11 LEU B HD11 1 
ATOM   606  H  HD12 . LEU B 1 18 ? 3.417   13.001  4.730   1.00 0.00 ? 11 LEU B HD12 1 
ATOM   607  H  HD13 . LEU B 1 18 ? 3.591   13.532  6.403   1.00 0.00 ? 11 LEU B HD13 1 
ATOM   608  H  HD21 . LEU B 1 18 ? 7.047   13.435  6.128   1.00 0.00 ? 11 LEU B HD21 1 
ATOM   609  H  HD22 . LEU B 1 18 ? 6.014   13.129  7.525   1.00 0.00 ? 11 LEU B HD22 1 
ATOM   610  H  HD23 . LEU B 1 18 ? 5.573   14.376  6.358   1.00 0.00 ? 11 LEU B HD23 1 
ATOM   611  N  N    . LEU B 1 19 ? 6.345   8.331   6.340   1.00 0.00 ? 12 LEU B N    1 
ATOM   612  C  CA   . LEU B 1 19 ? 6.492   6.908   6.758   1.00 0.00 ? 12 LEU B CA   1 
ATOM   613  C  C    . LEU B 1 19 ? 7.235   6.138   5.661   1.00 0.00 ? 12 LEU B C    1 
ATOM   614  O  O    . LEU B 1 19 ? 7.024   6.356   4.485   1.00 0.00 ? 12 LEU B O    1 
ATOM   615  C  CB   . LEU B 1 19 ? 5.102   6.298   6.968   1.00 0.00 ? 12 LEU B CB   1 
ATOM   616  C  CG   . LEU B 1 19 ? 5.125   5.327   8.154   1.00 0.00 ? 12 LEU B CG   1 
ATOM   617  C  CD1  . LEU B 1 19 ? 6.218   4.280   7.944   1.00 0.00 ? 12 LEU B CD1  1 
ATOM   618  C  CD2  . LEU B 1 19 ? 5.401   6.101   9.445   1.00 0.00 ? 12 LEU B CD2  1 
ATOM   619  H  H    . LEU B 1 19 ? 5.627   8.588   5.724   1.00 0.00 ? 12 LEU B H    1 
ATOM   620  H  HA   . LEU B 1 19 ? 7.054   6.859   7.678   1.00 0.00 ? 12 LEU B HA   1 
ATOM   621  H  HB2  . LEU B 1 19 ? 4.390   7.088   7.164   1.00 0.00 ? 12 LEU B HB2  1 
ATOM   622  H  HB3  . LEU B 1 19 ? 4.810   5.765   6.077   1.00 0.00 ? 12 LEU B HB3  1 
ATOM   623  H  HG   . LEU B 1 19 ? 4.167   4.833   8.228   1.00 0.00 ? 12 LEU B HG   1 
ATOM   624  H  HD11 . LEU B 1 19 ? 5.971   3.386   8.498   1.00 0.00 ? 12 LEU B HD11 1 
ATOM   625  H  HD12 . LEU B 1 19 ? 7.163   4.668   8.293   1.00 0.00 ? 12 LEU B HD12 1 
ATOM   626  H  HD13 . LEU B 1 19 ? 6.290   4.042   6.894   1.00 0.00 ? 12 LEU B HD13 1 
ATOM   627  H  HD21 . LEU B 1 19 ? 6.398   5.875   9.794   1.00 0.00 ? 12 LEU B HD21 1 
ATOM   628  H  HD22 . LEU B 1 19 ? 4.682   5.814   10.197  1.00 0.00 ? 12 LEU B HD22 1 
ATOM   629  H  HD23 . LEU B 1 19 ? 5.319   7.161   9.254   1.00 0.00 ? 12 LEU B HD23 1 
ATOM   630  N  N    . TYR B 1 20 ? 8.109   5.244   6.036   1.00 0.00 ? 13 TYR B N    1 
ATOM   631  C  CA   . TYR B 1 20 ? 8.873   4.468   5.017   1.00 0.00 ? 13 TYR B CA   1 
ATOM   632  C  C    . TYR B 1 20 ? 8.085   3.218   4.610   1.00 0.00 ? 13 TYR B C    1 
ATOM   633  O  O    . TYR B 1 20 ? 7.310   2.683   5.375   1.00 0.00 ? 13 TYR B O    1 
ATOM   634  C  CB   . TYR B 1 20 ? 10.216  4.043   5.613   1.00 0.00 ? 13 TYR B CB   1 
ATOM   635  C  CG   . TYR B 1 20 ? 9.972   3.196   6.840   1.00 0.00 ? 13 TYR B CG   1 
ATOM   636  C  CD1  . TYR B 1 20 ? 9.744   1.821   6.710   1.00 0.00 ? 13 TYR B CD1  1 
ATOM   637  C  CD2  . TYR B 1 20 ? 9.978   3.787   8.109   1.00 0.00 ? 13 TYR B CD2  1 
ATOM   638  C  CE1  . TYR B 1 20 ? 9.520   1.037   7.849   1.00 0.00 ? 13 TYR B CE1  1 
ATOM   639  C  CE2  . TYR B 1 20 ? 9.753   3.004   9.247   1.00 0.00 ? 13 TYR B CE2  1 
ATOM   640  C  CZ   . TYR B 1 20 ? 9.524   1.629   9.117   1.00 0.00 ? 13 TYR B CZ   1 
ATOM   641  O  OH   . TYR B 1 20 ? 9.304   0.857   10.239  1.00 0.00 ? 13 TYR B OH   1 
ATOM   642  H  H    . TYR B 1 20 ? 8.268   5.088   6.990   1.00 0.00 ? 13 TYR B H    1 
ATOM   643  H  HA   . TYR B 1 20 ? 9.045   5.084   4.148   1.00 0.00 ? 13 TYR B HA   1 
ATOM   644  H  HB2  . TYR B 1 20 ? 10.769  3.472   4.883   1.00 0.00 ? 13 TYR B HB2  1 
ATOM   645  H  HB3  . TYR B 1 20 ? 10.781  4.921   5.889   1.00 0.00 ? 13 TYR B HB3  1 
ATOM   646  H  HD1  . TYR B 1 20 ? 9.737   1.364   5.732   1.00 0.00 ? 13 TYR B HD1  1 
ATOM   647  H  HD2  . TYR B 1 20 ? 10.154  4.848   8.210   1.00 0.00 ? 13 TYR B HD2  1 
ATOM   648  H  HE1  . TYR B 1 20 ? 9.343   -0.023  7.748   1.00 0.00 ? 13 TYR B HE1  1 
ATOM   649  H  HE2  . TYR B 1 20 ? 9.758   3.460   10.226  1.00 0.00 ? 13 TYR B HE2  1 
ATOM   650  H  HH   . TYR B 1 20 ? 8.739   1.355   10.835  1.00 0.00 ? 13 TYR B HH   1 
ATOM   651  N  N    . CYS B 1 21 ? 8.283   2.748   3.408   1.00 0.00 ? 14 CYS B N    1 
ATOM   652  C  CA   . CYS B 1 21 ? 7.548   1.535   2.953   1.00 0.00 ? 14 CYS B CA   1 
ATOM   653  C  C    . CYS B 1 21 ? 8.039   0.322   3.730   1.00 0.00 ? 14 CYS B C    1 
ATOM   654  O  O    . CYS B 1 21 ? 9.225   0.099   3.866   1.00 0.00 ? 14 CYS B O    1 
ATOM   655  C  CB   . CYS B 1 21 ? 7.822   1.285   1.472   1.00 0.00 ? 14 CYS B CB   1 
ATOM   656  S  SG   . CYS B 1 21 ? 6.315   0.696   0.665   1.00 0.00 ? 14 CYS B SG   1 
ATOM   657  H  H    . CYS B 1 21 ? 8.916   3.193   2.805   1.00 0.00 ? 14 CYS B H    1 
ATOM   658  H  HA   . CYS B 1 21 ? 6.489   1.667   3.110   1.00 0.00 ? 14 CYS B HA   1 
ATOM   659  H  HB2  . CYS B 1 21 ? 8.144   2.204   1.006   1.00 0.00 ? 14 CYS B HB2  1 
ATOM   660  H  HB3  . CYS B 1 21 ? 8.594   0.539   1.375   1.00 0.00 ? 14 CYS B HB3  1 
ATOM   661  N  N    . SER B 1 22 ? 7.143   -0.482  4.214   1.00 0.00 ? 15 SER B N    1 
ATOM   662  C  CA   . SER B 1 22 ? 7.578   -1.692  4.947   1.00 0.00 ? 15 SER B CA   1 
ATOM   663  C  C    . SER B 1 22 ? 8.343   -2.575  3.963   1.00 0.00 ? 15 SER B C    1 
ATOM   664  O  O    . SER B 1 22 ? 9.208   -3.342  4.334   1.00 0.00 ? 15 SER B O    1 
ATOM   665  C  CB   . SER B 1 22 ? 6.351   -2.437  5.475   1.00 0.00 ? 15 SER B CB   1 
ATOM   666  O  OG   . SER B 1 22 ? 5.674   -3.053  4.388   1.00 0.00 ? 15 SER B OG   1 
ATOM   667  H  H    . SER B 1 22 ? 6.191   -0.303  4.077   1.00 0.00 ? 15 SER B H    1 
ATOM   668  H  HA   . SER B 1 22 ? 8.222   -1.412  5.768   1.00 0.00 ? 15 SER B HA   1 
ATOM   669  H  HB2  . SER B 1 22 ? 6.659   -3.192  6.176   1.00 0.00 ? 15 SER B HB2  1 
ATOM   670  H  HB3  . SER B 1 22 ? 5.694   -1.736  5.972   1.00 0.00 ? 15 SER B HB3  1 
ATOM   671  H  HG   . SER B 1 22 ? 5.298   -2.359  3.841   1.00 0.00 ? 15 SER B HG   1 
ATOM   672  N  N    . PHE B 1 23 ? 8.025   -2.461  2.699   1.00 0.00 ? 16 PHE B N    1 
ATOM   673  C  CA   . PHE B 1 23 ? 8.723   -3.279  1.668   1.00 0.00 ? 16 PHE B CA   1 
ATOM   674  C  C    . PHE B 1 23 ? 9.903   -2.490  1.085   1.00 0.00 ? 16 PHE B C    1 
ATOM   675  O  O    . PHE B 1 23 ? 11.042  -2.907  1.160   1.00 0.00 ? 16 PHE B O    1 
ATOM   676  C  CB   . PHE B 1 23 ? 7.744   -3.605  0.536   1.00 0.00 ? 16 PHE B CB   1 
ATOM   677  C  CG   . PHE B 1 23 ? 6.494   -4.241  1.100   1.00 0.00 ? 16 PHE B CG   1 
ATOM   678  C  CD1  . PHE B 1 23 ? 6.442   -5.623  1.308   1.00 0.00 ? 16 PHE B CD1  1 
ATOM   679  C  CD2  . PHE B 1 23 ? 5.384   -3.443  1.404   1.00 0.00 ? 16 PHE B CD2  1 
ATOM   680  C  CE1  . PHE B 1 23 ? 5.278   -6.209  1.823   1.00 0.00 ? 16 PHE B CE1  1 
ATOM   681  C  CE2  . PHE B 1 23 ? 4.220   -4.028  1.919   1.00 0.00 ? 16 PHE B CE2  1 
ATOM   682  C  CZ   . PHE B 1 23 ? 4.167   -5.411  2.127   1.00 0.00 ? 16 PHE B CZ   1 
ATOM   683  H  H    . PHE B 1 23 ? 7.326   -1.830  2.428   1.00 0.00 ? 16 PHE B H    1 
ATOM   684  H  HA   . PHE B 1 23 ? 9.079   -4.196  2.112   1.00 0.00 ? 16 PHE B HA   1 
ATOM   685  H  HB2  . PHE B 1 23 ? 7.480   -2.694  0.018   1.00 0.00 ? 16 PHE B HB2  1 
ATOM   686  H  HB3  . PHE B 1 23 ? 8.212   -4.288  -0.157  1.00 0.00 ? 16 PHE B HB3  1 
ATOM   687  H  HD1  . PHE B 1 23 ? 7.298   -6.238  1.073   1.00 0.00 ? 16 PHE B HD1  1 
ATOM   688  H  HD2  . PHE B 1 23 ? 5.425   -2.376  1.244   1.00 0.00 ? 16 PHE B HD2  1 
ATOM   689  H  HE1  . PHE B 1 23 ? 5.237   -7.276  1.983   1.00 0.00 ? 16 PHE B HE1  1 
ATOM   690  H  HE2  . PHE B 1 23 ? 3.364   -3.409  2.155   1.00 0.00 ? 16 PHE B HE2  1 
ATOM   691  H  HZ   . PHE B 1 23 ? 3.271   -5.864  2.523   1.00 0.00 ? 16 PHE B HZ   1 
ATOM   692  N  N    . CYS B 1 24 ? 9.626   -1.361  0.483   1.00 0.00 ? 17 CYS B N    1 
ATOM   693  C  CA   . CYS B 1 24 ? 10.711  -0.541  -0.138  1.00 0.00 ? 17 CYS B CA   1 
ATOM   694  C  C    . CYS B 1 24 ? 11.579  0.113   0.942   1.00 0.00 ? 17 CYS B C    1 
ATOM   695  O  O    . CYS B 1 24 ? 12.752  0.353   0.739   1.00 0.00 ? 17 CYS B O    1 
ATOM   696  C  CB   . CYS B 1 24 ? 10.073  0.529   -1.037  1.00 0.00 ? 17 CYS B CB   1 
ATOM   697  S  SG   . CYS B 1 24 ? 8.785   -0.278  -2.015  1.00 0.00 ? 17 CYS B SG   1 
ATOM   698  H  H    . CYS B 1 24 ? 8.696   -1.060  0.422   1.00 0.00 ? 17 CYS B H    1 
ATOM   699  H  HA   . CYS B 1 24 ? 11.332  -1.183  -0.744  1.00 0.00 ? 17 CYS B HA   1 
ATOM   700  H  HB2  . CYS B 1 24 ? 9.646   1.315   -0.437  1.00 0.00 ? 17 CYS B HB2  1 
ATOM   701  H  HB3  . CYS B 1 24 ? 10.821  0.942   -1.697  1.00 0.00 ? 17 CYS B HB3  1 
ATOM   702  N  N    . GLY B 1 25 ? 11.024  0.402   2.084   1.00 0.00 ? 18 GLY B N    1 
ATOM   703  C  CA   . GLY B 1 25 ? 11.841  1.040   3.155   1.00 0.00 ? 18 GLY B CA   1 
ATOM   704  C  C    . GLY B 1 25 ? 12.417  2.354   2.628   1.00 0.00 ? 18 GLY B C    1 
ATOM   705  O  O    . GLY B 1 25 ? 13.256  2.974   3.250   1.00 0.00 ? 18 GLY B O    1 
ATOM   706  H  H    . GLY B 1 25 ? 10.078  0.203   2.238   1.00 0.00 ? 18 GLY B H    1 
ATOM   707  H  HA2  . GLY B 1 25 ? 11.218  1.236   4.015   1.00 0.00 ? 18 GLY B HA2  1 
ATOM   708  H  HA3  . GLY B 1 25 ? 12.649  0.382   3.434   1.00 0.00 ? 18 GLY B HA3  1 
ATOM   709  N  N    . LYS B 1 26 ? 11.969  2.779   1.479   1.00 0.00 ? 19 LYS B N    1 
ATOM   710  C  CA   . LYS B 1 26 ? 12.481  4.050   0.897   1.00 0.00 ? 19 LYS B CA   1 
ATOM   711  C  C    . LYS B 1 26 ? 11.741  5.228   1.532   1.00 0.00 ? 19 LYS B C    1 
ATOM   712  O  O    . LYS B 1 26 ? 10.627  5.090   1.999   1.00 0.00 ? 19 LYS B O    1 
ATOM   713  C  CB   . LYS B 1 26 ? 12.240  4.042   -0.615  1.00 0.00 ? 19 LYS B CB   1 
ATOM   714  C  CG   . LYS B 1 26 ? 13.051  2.913   -1.255  1.00 0.00 ? 19 LYS B CG   1 
ATOM   715  C  CD   . LYS B 1 26 ? 12.882  2.960   -2.775  1.00 0.00 ? 19 LYS B CD   1 
ATOM   716  C  CE   . LYS B 1 26 ? 13.602  1.767   -3.406  1.00 0.00 ? 19 LYS B CE   1 
ATOM   717  N  NZ   . LYS B 1 26 ? 13.932  2.081   -4.824  1.00 0.00 ? 19 LYS B NZ   1 
ATOM   718  H  H    . LYS B 1 26 ? 11.294  2.259   0.996   1.00 0.00 ? 19 LYS B H    1 
ATOM   719  H  HA   . LYS B 1 26 ? 13.540  4.138   1.093   1.00 0.00 ? 19 LYS B HA   1 
ATOM   720  H  HB2  . LYS B 1 26 ? 11.188  3.886   -0.811  1.00 0.00 ? 19 LYS B HB2  1 
ATOM   721  H  HB3  . LYS B 1 26 ? 12.548  4.984   -1.035  1.00 0.00 ? 19 LYS B HB3  1 
ATOM   722  H  HG2  . LYS B 1 26 ? 14.094  3.033   -1.003  1.00 0.00 ? 19 LYS B HG2  1 
ATOM   723  H  HG3  . LYS B 1 26 ? 12.699  1.963   -0.886  1.00 0.00 ? 19 LYS B HG3  1 
ATOM   724  H  HD2  . LYS B 1 26 ? 11.831  2.918   -3.020  1.00 0.00 ? 19 LYS B HD2  1 
ATOM   725  H  HD3  . LYS B 1 26 ? 13.306  3.877   -3.156  1.00 0.00 ? 19 LYS B HD3  1 
ATOM   726  H  HE2  . LYS B 1 26 ? 14.513  1.567   -2.860  1.00 0.00 ? 19 LYS B HE2  1 
ATOM   727  H  HE3  . LYS B 1 26 ? 12.961  0.899   -3.367  1.00 0.00 ? 19 LYS B HE3  1 
ATOM   728  H  HZ1  . LYS B 1 26 ? 14.087  1.196   -5.348  1.00 0.00 ? 19 LYS B HZ1  1 
ATOM   729  H  HZ2  . LYS B 1 26 ? 14.795  2.658   -4.860  1.00 0.00 ? 19 LYS B HZ2  1 
ATOM   730  H  HZ3  . LYS B 1 26 ? 13.144  2.606   -5.255  1.00 0.00 ? 19 LYS B HZ3  1 
ATOM   731  N  N    . SER B 1 27 ? 12.345  6.386   1.562   1.00 0.00 ? 20 SER B N    1 
ATOM   732  C  CA   . SER B 1 27 ? 11.660  7.556   2.179   1.00 0.00 ? 20 SER B CA   1 
ATOM   733  C  C    . SER B 1 27 ? 10.403  7.879   1.374   1.00 0.00 ? 20 SER B C    1 
ATOM   734  O  O    . SER B 1 27 ? 10.240  7.440   0.253   1.00 0.00 ? 20 SER B O    1 
ATOM   735  C  CB   . SER B 1 27 ? 12.588  8.770   2.176   1.00 0.00 ? 20 SER B CB   1 
ATOM   736  O  OG   . SER B 1 27 ? 12.370  9.524   0.992   1.00 0.00 ? 20 SER B OG   1 
ATOM   737  H  H    . SER B 1 27 ? 13.245  6.483   1.186   1.00 0.00 ? 20 SER B H    1 
ATOM   738  H  HA   . SER B 1 27 ? 11.383  7.315   3.196   1.00 0.00 ? 20 SER B HA   1 
ATOM   739  H  HB2  . SER B 1 27 ? 12.379  9.388   3.034   1.00 0.00 ? 20 SER B HB2  1 
ATOM   740  H  HB3  . SER B 1 27 ? 13.617  8.435   2.219   1.00 0.00 ? 20 SER B HB3  1 
ATOM   741  H  HG   . SER B 1 27 ? 12.249  8.907   0.268   1.00 0.00 ? 20 SER B HG   1 
ATOM   742  N  N    . GLN B 1 28 ? 9.508   8.635   1.940   1.00 0.00 ? 21 GLN B N    1 
ATOM   743  C  CA   . GLN B 1 28 ? 8.254   8.979   1.215   1.00 0.00 ? 21 GLN B CA   1 
ATOM   744  C  C    . GLN B 1 28 ? 8.582   9.709   -0.094  1.00 0.00 ? 21 GLN B C    1 
ATOM   745  O  O    . GLN B 1 28 ? 7.934   9.511   -1.103  1.00 0.00 ? 21 GLN B O    1 
ATOM   746  C  CB   . GLN B 1 28 ? 7.396   9.884   2.102   1.00 0.00 ? 21 GLN B CB   1 
ATOM   747  C  CG   . GLN B 1 28 ? 5.997   10.022  1.499   1.00 0.00 ? 21 GLN B CG   1 
ATOM   748  C  CD   . GLN B 1 28 ? 5.190   11.037  2.311   1.00 0.00 ? 21 GLN B CD   1 
ATOM   749  O  OE1  . GLN B 1 28 ? 5.393   12.229  2.189   1.00 0.00 ? 21 GLN B OE1  1 
ATOM   750  N  NE2  . GLN B 1 28 ? 4.281   10.611  3.143   1.00 0.00 ? 21 GLN B NE2  1 
ATOM   751  H  H    . GLN B 1 28 ? 9.655   8.973   2.848   1.00 0.00 ? 21 GLN B H    1 
ATOM   752  H  HA   . GLN B 1 28 ? 7.710   8.073   0.995   1.00 0.00 ? 21 GLN B HA   1 
ATOM   753  H  HB2  . GLN B 1 28 ? 7.321   9.452   3.090   1.00 0.00 ? 21 GLN B HB2  1 
ATOM   754  H  HB3  . GLN B 1 28 ? 7.853   10.860  2.170   1.00 0.00 ? 21 GLN B HB3  1 
ATOM   755  H  HG2  . GLN B 1 28 ? 6.078   10.359  0.476   1.00 0.00 ? 21 GLN B HG2  1 
ATOM   756  H  HG3  . GLN B 1 28 ? 5.498   9.065   1.526   1.00 0.00 ? 21 GLN B HG3  1 
ATOM   757  H  HE21 . GLN B 1 28 ? 4.120   9.650   3.244   1.00 0.00 ? 21 GLN B HE21 1 
ATOM   758  H  HE22 . GLN B 1 28 ? 3.758   11.253  3.668   1.00 0.00 ? 21 GLN B HE22 1 
ATOM   759  N  N    . HIS B 1 29 ? 9.570   10.564  -0.085  1.00 0.00 ? 22 HIS B N    1 
ATOM   760  C  CA   . HIS B 1 29 ? 9.918   11.314  -1.329  1.00 0.00 ? 22 HIS B CA   1 
ATOM   761  C  C    . HIS B 1 29 ? 11.041  10.605  -2.096  1.00 0.00 ? 22 HIS B C    1 
ATOM   762  O  O    . HIS B 1 29 ? 11.295  10.900  -3.247  1.00 0.00 ? 22 HIS B O    1 
ATOM   763  C  CB   . HIS B 1 29 ? 10.373  12.726  -0.953  1.00 0.00 ? 22 HIS B CB   1 
ATOM   764  C  CG   . HIS B 1 29 ? 9.233   13.458  -0.299  1.00 0.00 ? 22 HIS B CG   1 
ATOM   765  N  ND1  . HIS B 1 29 ? 9.036   13.446  1.075   1.00 0.00 ? 22 HIS B ND1  1 
ATOM   766  C  CD2  . HIS B 1 29 ? 8.219   14.228  -0.817  1.00 0.00 ? 22 HIS B CD2  1 
ATOM   767  C  CE1  . HIS B 1 29 ? 7.942   14.187  1.334   1.00 0.00 ? 22 HIS B CE1  1 
ATOM   768  N  NE2  . HIS B 1 29 ? 7.410   14.683  0.216   1.00 0.00 ? 22 HIS B NE2  1 
ATOM   769  H  H    . HIS B 1 29 ? 10.075  10.721  0.740   1.00 0.00 ? 22 HIS B H    1 
ATOM   770  H  HA   . HIS B 1 29 ? 9.045   11.381  -1.960  1.00 0.00 ? 22 HIS B HA   1 
ATOM   771  H  HB2  . HIS B 1 29 ? 11.203  12.665  -0.265  1.00 0.00 ? 22 HIS B HB2  1 
ATOM   772  H  HB3  . HIS B 1 29 ? 10.678  13.255  -1.842  1.00 0.00 ? 22 HIS B HB3  1 
ATOM   773  H  HD1  . HIS B 1 29 ? 9.592   12.983  1.736   1.00 0.00 ? 22 HIS B HD1  1 
ATOM   774  H  HD2  . HIS B 1 29 ? 8.074   14.444  -1.865  1.00 0.00 ? 22 HIS B HD2  1 
ATOM   775  H  HE1  . HIS B 1 29 ? 7.544   14.357  2.323   1.00 0.00 ? 22 HIS B HE1  1 
ATOM   776  H  HE2  . HIS B 1 29 ? 6.614   15.250  0.140   1.00 0.00 ? 22 HIS B HE2  1 
ATOM   777  N  N    . GLU B 1 30 ? 11.721  9.683   -1.473  1.00 0.00 ? 23 GLU B N    1 
ATOM   778  C  CA   . GLU B 1 30 ? 12.830  8.973   -2.177  1.00 0.00 ? 23 GLU B CA   1 
ATOM   779  C  C    . GLU B 1 30 ? 12.294  8.248   -3.417  1.00 0.00 ? 23 GLU B C    1 
ATOM   780  O  O    . GLU B 1 30 ? 13.017  8.016   -4.367  1.00 0.00 ? 23 GLU B O    1 
ATOM   781  C  CB   . GLU B 1 30 ? 13.473  7.958   -1.226  1.00 0.00 ? 23 GLU B CB   1 
ATOM   782  C  CG   . GLU B 1 30 ? 14.633  7.250   -1.930  1.00 0.00 ? 23 GLU B CG   1 
ATOM   783  C  CD   . GLU B 1 30 ? 15.216  6.182   -1.002  1.00 0.00 ? 23 GLU B CD   1 
ATOM   784  O  OE1  . GLU B 1 30 ? 14.697  6.026   0.092   1.00 0.00 ? 23 GLU B OE1  1 
ATOM   785  O  OE2  . GLU B 1 30 ? 16.171  5.536   -1.400  1.00 0.00 ? 23 GLU B OE2  1 
ATOM   786  H  H    . GLU B 1 30 ? 11.507  9.461   -0.543  1.00 0.00 ? 23 GLU B H    1 
ATOM   787  H  HA   . GLU B 1 30 ? 13.574  9.694   -2.482  1.00 0.00 ? 23 GLU B HA   1 
ATOM   788  H  HB2  . GLU B 1 30 ? 13.848  8.472   -0.355  1.00 0.00 ? 23 GLU B HB2  1 
ATOM   789  H  HB3  . GLU B 1 30 ? 12.737  7.231   -0.926  1.00 0.00 ? 23 GLU B HB3  1 
ATOM   790  H  HG2  . GLU B 1 30 ? 14.276  6.783   -2.836  1.00 0.00 ? 23 GLU B HG2  1 
ATOM   791  H  HG3  . GLU B 1 30 ? 15.401  7.969   -2.172  1.00 0.00 ? 23 GLU B HG3  1 
ATOM   792  N  N    . VAL B 1 31 ? 11.044  7.876   -3.418  1.00 0.00 ? 24 VAL B N    1 
ATOM   793  C  CA   . VAL B 1 31 ? 10.486  7.154   -4.599  1.00 0.00 ? 24 VAL B CA   1 
ATOM   794  C  C    . VAL B 1 31 ? 9.826   8.144   -5.562  1.00 0.00 ? 24 VAL B C    1 
ATOM   795  O  O    . VAL B 1 31 ? 9.285   9.155   -5.159  1.00 0.00 ? 24 VAL B O    1 
ATOM   796  C  CB   . VAL B 1 31 ? 9.447   6.136   -4.128  1.00 0.00 ? 24 VAL B CB   1 
ATOM   797  C  CG1  . VAL B 1 31 ? 9.858   4.736   -4.590  1.00 0.00 ? 24 VAL B CG1  1 
ATOM   798  C  CG2  . VAL B 1 31 ? 9.366   6.167   -2.600  1.00 0.00 ? 24 VAL B CG2  1 
ATOM   799  H  H    . VAL B 1 31 ? 10.475  8.061   -2.641  1.00 0.00 ? 24 VAL B H    1 
ATOM   800  H  HA   . VAL B 1 31 ? 11.284  6.639   -5.111  1.00 0.00 ? 24 VAL B HA   1 
ATOM   801  H  HB   . VAL B 1 31 ? 8.484   6.386   -4.547  1.00 0.00 ? 24 VAL B HB   1 
ATOM   802  H  HG11 . VAL B 1 31 ? 10.882  4.548   -4.304  1.00 0.00 ? 24 VAL B HG11 1 
ATOM   803  H  HG12 . VAL B 1 31 ? 9.766   4.670   -5.664  1.00 0.00 ? 24 VAL B HG12 1 
ATOM   804  H  HG13 . VAL B 1 31 ? 9.215   4.002   -4.128  1.00 0.00 ? 24 VAL B HG13 1 
ATOM   805  H  HG21 . VAL B 1 31 ? 10.348  6.002   -2.183  1.00 0.00 ? 24 VAL B HG21 1 
ATOM   806  H  HG22 . VAL B 1 31 ? 8.697   5.392   -2.261  1.00 0.00 ? 24 VAL B HG22 1 
ATOM   807  H  HG23 . VAL B 1 31 ? 8.994   7.128   -2.279  1.00 0.00 ? 24 VAL B HG23 1 
ATOM   808  N  N    . ARG B 1 32 ? 9.872   7.857   -6.836  1.00 0.00 ? 25 ARG B N    1 
ATOM   809  C  CA   . ARG B 1 32 ? 9.253   8.772   -7.839  1.00 0.00 ? 25 ARG B CA   1 
ATOM   810  C  C    . ARG B 1 32 ? 7.744   8.872   -7.597  1.00 0.00 ? 25 ARG B C    1 
ATOM   811  O  O    . ARG B 1 32 ? 7.169   9.941   -7.664  1.00 0.00 ? 25 ARG B O    1 
ATOM   812  C  CB   . ARG B 1 32 ? 9.503   8.220   -9.242  1.00 0.00 ? 25 ARG B CB   1 
ATOM   813  C  CG   . ARG B 1 32 ? 8.925   9.180   -10.283 1.00 0.00 ? 25 ARG B CG   1 
ATOM   814  C  CD   . ARG B 1 32 ? 9.167   8.617   -11.684 1.00 0.00 ? 25 ARG B CD   1 
ATOM   815  N  NE   . ARG B 1 32 ? 8.349   7.384   -11.869 1.00 0.00 ? 25 ARG B NE   1 
ATOM   816  C  CZ   . ARG B 1 32 ? 8.169   6.893   -13.064 1.00 0.00 ? 25 ARG B CZ   1 
ATOM   817  N  NH1  . ARG B 1 32 ? 8.707   7.478   -14.099 1.00 0.00 ? 25 ARG B NH1  1 
ATOM   818  N  NH2  . ARG B 1 32 ? 7.452   5.814   -13.225 1.00 0.00 ? 25 ARG B NH2  1 
ATOM   819  H  H    . ARG B 1 32 ? 10.316  7.036   -7.135  1.00 0.00 ? 25 ARG B H    1 
ATOM   820  H  HA   . ARG B 1 32 ? 9.697   9.752   -7.754  1.00 0.00 ? 25 ARG B HA   1 
ATOM   821  H  HB2  . ARG B 1 32 ? 10.566  8.113   -9.402  1.00 0.00 ? 25 ARG B HB2  1 
ATOM   822  H  HB3  . ARG B 1 32 ? 9.025   7.257   -9.341  1.00 0.00 ? 25 ARG B HB3  1 
ATOM   823  H  HG2  . ARG B 1 32 ? 7.863   9.294   -10.117 1.00 0.00 ? 25 ARG B HG2  1 
ATOM   824  H  HG3  . ARG B 1 32 ? 9.408   10.142  -10.195 1.00 0.00 ? 25 ARG B HG3  1 
ATOM   825  H  HD2  . ARG B 1 32 ? 8.883   9.351   -12.422 1.00 0.00 ? 25 ARG B HD2  1 
ATOM   826  H  HD3  . ARG B 1 32 ? 10.214  8.377   -11.799 1.00 0.00 ? 25 ARG B HD3  1 
ATOM   827  H  HE   . ARG B 1 32 ? 7.946   6.944   -11.092 1.00 0.00 ? 25 ARG B HE   1 
ATOM   828  H  HH11 . ARG B 1 32 ? 9.257   8.304   -13.976 1.00 0.00 ? 25 ARG B HH11 1 
ATOM   829  H  HH12 . ARG B 1 32 ? 8.570   7.102   -15.015 1.00 0.00 ? 25 ARG B HH12 1 
ATOM   830  H  HH21 . ARG B 1 32 ? 7.041   5.364   -12.431 1.00 0.00 ? 25 ARG B HH21 1 
ATOM   831  H  HH22 . ARG B 1 32 ? 7.313   5.437   -14.141 1.00 0.00 ? 25 ARG B HH22 1 
ATOM   832  N  N    . LYS B 1 33 ? 7.102   7.768   -7.316  1.00 0.00 ? 26 LYS B N    1 
ATOM   833  C  CA   . LYS B 1 33 ? 5.630   7.799   -7.070  1.00 0.00 ? 26 LYS B CA   1 
ATOM   834  C  C    . LYS B 1 33 ? 5.345   7.333   -5.644  1.00 0.00 ? 26 LYS B C    1 
ATOM   835  O  O    . LYS B 1 33 ? 5.741   6.257   -5.241  1.00 0.00 ? 26 LYS B O    1 
ATOM   836  C  CB   . LYS B 1 33 ? 4.926   6.866   -8.058  1.00 0.00 ? 26 LYS B CB   1 
ATOM   837  C  CG   . LYS B 1 33 ? 5.096   7.402   -9.481  1.00 0.00 ? 26 LYS B CG   1 
ATOM   838  C  CD   . LYS B 1 33 ? 4.286   6.538   -10.451 1.00 0.00 ? 26 LYS B CD   1 
ATOM   839  C  CE   . LYS B 1 33 ? 4.540   7.005   -11.884 1.00 0.00 ? 26 LYS B CE   1 
ATOM   840  N  NZ   . LYS B 1 33 ? 4.065   5.963   -12.838 1.00 0.00 ? 26 LYS B NZ   1 
ATOM   841  H  H    . LYS B 1 33 ? 7.588   6.918   -7.267  1.00 0.00 ? 26 LYS B H    1 
ATOM   842  H  HA   . LYS B 1 33 ? 5.259   8.804   -7.200  1.00 0.00 ? 26 LYS B HA   1 
ATOM   843  H  HB2  . LYS B 1 33 ? 5.360   5.879   -7.991  1.00 0.00 ? 26 LYS B HB2  1 
ATOM   844  H  HB3  . LYS B 1 33 ? 3.875   6.814   -7.819  1.00 0.00 ? 26 LYS B HB3  1 
ATOM   845  H  HG2  . LYS B 1 33 ? 4.742   8.422   -9.525  1.00 0.00 ? 26 LYS B HG2  1 
ATOM   846  H  HG3  . LYS B 1 33 ? 6.138   7.368   -9.757  1.00 0.00 ? 26 LYS B HG3  1 
ATOM   847  H  HD2  . LYS B 1 33 ? 4.587   5.505   -10.349 1.00 0.00 ? 26 LYS B HD2  1 
ATOM   848  H  HD3  . LYS B 1 33 ? 3.235   6.632   -10.224 1.00 0.00 ? 26 LYS B HD3  1 
ATOM   849  H  HE2  . LYS B 1 33 ? 4.004   7.926   -12.063 1.00 0.00 ? 26 LYS B HE2  1 
ATOM   850  H  HE3  . LYS B 1 33 ? 5.597   7.170   -12.028 1.00 0.00 ? 26 LYS B HE3  1 
ATOM   851  H  HZ1  . LYS B 1 33 ? 4.355   6.218   -13.803 1.00 0.00 ? 26 LYS B HZ1  1 
ATOM   852  H  HZ2  . LYS B 1 33 ? 3.028   5.900   -12.795 1.00 0.00 ? 26 LYS B HZ2  1 
ATOM   853  H  HZ3  . LYS B 1 33 ? 4.481   5.044   -12.581 1.00 0.00 ? 26 LYS B HZ3  1 
ATOM   854  N  N    . LEU B 1 34 ? 4.660   8.134   -4.878  1.00 0.00 ? 27 LEU B N    1 
ATOM   855  C  CA   . LEU B 1 34 ? 4.347   7.738   -3.478  1.00 0.00 ? 27 LEU B CA   1 
ATOM   856  C  C    . LEU B 1 34 ? 2.882   8.060   -3.177  1.00 0.00 ? 27 LEU B C    1 
ATOM   857  O  O    . LEU B 1 34 ? 2.410   9.146   -3.447  1.00 0.00 ? 27 LEU B O    1 
ATOM   858  C  CB   . LEU B 1 34 ? 5.252   8.521   -2.522  1.00 0.00 ? 27 LEU B CB   1 
ATOM   859  C  CG   . LEU B 1 34 ? 5.513   7.704   -1.252  1.00 0.00 ? 27 LEU B CG   1 
ATOM   860  C  CD1  . LEU B 1 34 ? 4.186   7.272   -0.623  1.00 0.00 ? 27 LEU B CD1  1 
ATOM   861  C  CD2  . LEU B 1 34 ? 6.337   6.461   -1.598  1.00 0.00 ? 27 LEU B CD2  1 
ATOM   862  H  H    . LEU B 1 34 ? 4.349   8.997   -5.225  1.00 0.00 ? 27 LEU B H    1 
ATOM   863  H  HA   . LEU B 1 34 ? 4.517   6.680   -3.353  1.00 0.00 ? 27 LEU B HA   1 
ATOM   864  H  HB2  . LEU B 1 34 ? 6.191   8.734   -3.011  1.00 0.00 ? 27 LEU B HB2  1 
ATOM   865  H  HB3  . LEU B 1 34 ? 4.770   9.450   -2.255  1.00 0.00 ? 27 LEU B HB3  1 
ATOM   866  H  HG   . LEU B 1 34 ? 6.058   8.311   -0.546  1.00 0.00 ? 27 LEU B HG   1 
ATOM   867  H  HD11 . LEU B 1 34 ? 4.342   7.046   0.421   1.00 0.00 ? 27 LEU B HD11 1 
ATOM   868  H  HD12 . LEU B 1 34 ? 3.819   6.392   -1.128  1.00 0.00 ? 27 LEU B HD12 1 
ATOM   869  H  HD13 . LEU B 1 34 ? 3.466   8.071   -0.714  1.00 0.00 ? 27 LEU B HD13 1 
ATOM   870  H  HD21 . LEU B 1 34 ? 7.147   6.359   -0.891  1.00 0.00 ? 27 LEU B HD21 1 
ATOM   871  H  HD22 . LEU B 1 34 ? 6.738   6.560   -2.595  1.00 0.00 ? 27 LEU B HD22 1 
ATOM   872  H  HD23 . LEU B 1 34 ? 5.705   5.586   -1.549  1.00 0.00 ? 27 LEU B HD23 1 
ATOM   873  N  N    . ILE B 1 35 ? 2.166   7.136   -2.600  1.00 0.00 ? 28 ILE B N    1 
ATOM   874  C  CA   . ILE B 1 35 ? 0.741   7.404   -2.262  1.00 0.00 ? 28 ILE B CA   1 
ATOM   875  C  C    . ILE B 1 35 ? 0.655   7.658   -0.759  1.00 0.00 ? 28 ILE B C    1 
ATOM   876  O  O    . ILE B 1 35 ? 1.160   6.891   0.036   1.00 0.00 ? 28 ILE B O    1 
ATOM   877  C  CB   . ILE B 1 35 ? -0.113  6.188   -2.626  1.00 0.00 ? 28 ILE B CB   1 
ATOM   878  C  CG1  . ILE B 1 35 ? 0.138   5.804   -4.087  1.00 0.00 ? 28 ILE B CG1  1 
ATOM   879  C  CG2  . ILE B 1 35 ? -1.593  6.530   -2.439  1.00 0.00 ? 28 ILE B CG2  1 
ATOM   880  C  CD1  . ILE B 1 35 ? -0.547  4.470   -4.390  1.00 0.00 ? 28 ILE B CD1  1 
ATOM   881  H  H    . ILE B 1 35 ? 2.569   6.271   -2.375  1.00 0.00 ? 28 ILE B H    1 
ATOM   882  H  HA   . ILE B 1 35 ? 0.393   8.273   -2.802  1.00 0.00 ? 28 ILE B HA   1 
ATOM   883  H  HB   . ILE B 1 35 ? 0.147   5.362   -1.984  1.00 0.00 ? 28 ILE B HB   1 
ATOM   884  H  HG12 . ILE B 1 35 ? -0.263  6.571   -4.734  1.00 0.00 ? 28 ILE B HG12 1 
ATOM   885  H  HG13 . ILE B 1 35 ? 1.200   5.708   -4.257  1.00 0.00 ? 28 ILE B HG13 1 
ATOM   886  H  HG21 . ILE B 1 35 ? -2.156  5.619   -2.297  1.00 0.00 ? 28 ILE B HG21 1 
ATOM   887  H  HG22 . ILE B 1 35 ? -1.958  7.044   -3.316  1.00 0.00 ? 28 ILE B HG22 1 
ATOM   888  H  HG23 . ILE B 1 35 ? -1.709  7.165   -1.574  1.00 0.00 ? 28 ILE B HG23 1 
ATOM   889  H  HD11 . ILE B 1 35 ? -1.214  4.215   -3.580  1.00 0.00 ? 28 ILE B HD11 1 
ATOM   890  H  HD12 . ILE B 1 35 ? 0.201   3.698   -4.496  1.00 0.00 ? 28 ILE B HD12 1 
ATOM   891  H  HD13 . ILE B 1 35 ? -1.109  4.554   -5.308  1.00 0.00 ? 28 ILE B HD13 1 
ATOM   892  N  N    . ALA B 1 36 ? 0.039   8.735   -0.358  1.00 0.00 ? 29 ALA B N    1 
ATOM   893  C  CA   . ALA B 1 36 ? -0.051  9.035   1.097   1.00 0.00 ? 29 ALA B CA   1 
ATOM   894  C  C    . ALA B 1 36 ? -1.429  8.648   1.629   1.00 0.00 ? 29 ALA B C    1 
ATOM   895  O  O    . ALA B 1 36 ? -2.442  8.907   1.010   1.00 0.00 ? 29 ALA B O    1 
ATOM   896  C  CB   . ALA B 1 36 ? 0.178   10.529  1.323   1.00 0.00 ? 29 ALA B CB   1 
ATOM   897  H  H    . ALA B 1 36 ? -0.351  9.352   -1.012  1.00 0.00 ? 29 ALA B H    1 
ATOM   898  H  HA   . ALA B 1 36 ? 0.706   8.475   1.626   1.00 0.00 ? 29 ALA B HA   1 
ATOM   899  H  HB1  . ALA B 1 36 ? -0.586  11.092  0.809   1.00 0.00 ? 29 ALA B HB1  1 
ATOM   900  H  HB2  . ALA B 1 36 ? 1.148   10.807  0.939   1.00 0.00 ? 29 ALA B HB2  1 
ATOM   901  H  HB3  . ALA B 1 36 ? 0.135   10.745  2.380   1.00 0.00 ? 29 ALA B HB3  1 
ATOM   902  N  N    . GLY B 1 37 ? -1.471  8.038   2.780   1.00 0.00 ? 30 GLY B N    1 
ATOM   903  C  CA   . GLY B 1 37 ? -2.777  7.641   3.372   1.00 0.00 ? 30 GLY B CA   1 
ATOM   904  C  C    . GLY B 1 37 ? -2.793  8.047   4.847   1.00 0.00 ? 30 GLY B C    1 
ATOM   905  O  O    . GLY B 1 37 ? -1.756  8.202   5.461   1.00 0.00 ? 30 GLY B O    1 
ATOM   906  H  H    . GLY B 1 37 ? -0.639  7.849   3.263   1.00 0.00 ? 30 GLY B H    1 
ATOM   907  H  HA2  . GLY B 1 37 ? -3.576  8.137   2.844   1.00 0.00 ? 30 GLY B HA2  1 
ATOM   908  H  HA3  . GLY B 1 37 ? -2.900  6.572   3.296   1.00 0.00 ? 30 GLY B HA3  1 
ATOM   909  N  N    . PRO B 1 38 ? -3.957  8.215   5.416   1.00 0.00 ? 31 PRO B N    1 
ATOM   910  C  CA   . PRO B 1 38 ? -4.092  8.604   6.845   1.00 0.00 ? 31 PRO B CA   1 
ATOM   911  C  C    . PRO B 1 38 ? -3.132  7.829   7.756   1.00 0.00 ? 31 PRO B C    1 
ATOM   912  O  O    . PRO B 1 38 ? -2.829  8.256   8.853   1.00 0.00 ? 31 PRO B O    1 
ATOM   913  C  CB   . PRO B 1 38 ? -5.540  8.249   7.180   1.00 0.00 ? 31 PRO B CB   1 
ATOM   914  C  CG   . PRO B 1 38 ? -6.282  8.318   5.885   1.00 0.00 ? 31 PRO B CG   1 
ATOM   915  C  CD   . PRO B 1 38 ? -5.268  8.064   4.763   1.00 0.00 ? 31 PRO B CD   1 
ATOM   916  H  HA   . PRO B 1 38 ? -3.946  9.664   6.961   1.00 0.00 ? 31 PRO B HA   1 
ATOM   917  H  HB2  . PRO B 1 38 ? -5.593  7.250   7.591   1.00 0.00 ? 31 PRO B HB2  1 
ATOM   918  H  HB3  . PRO B 1 38 ? -5.949  8.964   7.876   1.00 0.00 ? 31 PRO B HB3  1 
ATOM   919  H  HG2  . PRO B 1 38 ? -7.056  7.563   5.864   1.00 0.00 ? 31 PRO B HG2  1 
ATOM   920  H  HG3  . PRO B 1 38 ? -6.719  9.296   5.762   1.00 0.00 ? 31 PRO B HG3  1 
ATOM   921  H  HD2  . PRO B 1 38 ? -5.387  7.067   4.363   1.00 0.00 ? 31 PRO B HD2  1 
ATOM   922  H  HD3  . PRO B 1 38 ? -5.385  8.804   3.986   1.00 0.00 ? 31 PRO B HD3  1 
ATOM   923  N  N    . SER B 1 39 ? -2.649  6.695   7.318   1.00 0.00 ? 32 SER B N    1 
ATOM   924  C  CA   . SER B 1 39 ? -1.714  5.916   8.179   1.00 0.00 ? 32 SER B CA   1 
ATOM   925  C  C    . SER B 1 39 ? -0.926  4.902   7.341   1.00 0.00 ? 32 SER B C    1 
ATOM   926  O  O    . SER B 1 39 ? -0.139  4.142   7.867   1.00 0.00 ? 32 SER B O    1 
ATOM   927  C  CB   . SER B 1 39 ? -2.516  5.171   9.248   1.00 0.00 ? 32 SER B CB   1 
ATOM   928  O  OG   . SER B 1 39 ? -3.804  4.858   8.734   1.00 0.00 ? 32 SER B OG   1 
ATOM   929  H  H    . SER B 1 39 ? -2.901  6.360   6.432   1.00 0.00 ? 32 SER B H    1 
ATOM   930  H  HA   . SER B 1 39 ? -1.024  6.592   8.661   1.00 0.00 ? 32 SER B HA   1 
ATOM   931  H  HB2  . SER B 1 39 ? -2.009  4.258   9.511   1.00 0.00 ? 32 SER B HB2  1 
ATOM   932  H  HB3  . SER B 1 39 ? -2.609  5.795   10.127  1.00 0.00 ? 32 SER B HB3  1 
ATOM   933  H  HG   . SER B 1 39 ? -4.394  4.716   9.478   1.00 0.00 ? 32 SER B HG   1 
ATOM   934  N  N    . VAL B 1 40 ? -1.132  4.875   6.048   1.00 0.00 ? 33 VAL B N    1 
ATOM   935  C  CA   . VAL B 1 40 ? -0.389  3.896   5.195   1.00 0.00 ? 33 VAL B CA   1 
ATOM   936  C  C    . VAL B 1 40 ? 0.336   4.616   4.054   1.00 0.00 ? 33 VAL B C    1 
ATOM   937  O  O    . VAL B 1 40 ? -0.238  5.421   3.349   1.00 0.00 ? 33 VAL B O    1 
ATOM   938  C  CB   . VAL B 1 40 ? -1.374  2.886   4.607   1.00 0.00 ? 33 VAL B CB   1 
ATOM   939  C  CG1  . VAL B 1 40 ? -0.635  1.940   3.658   1.00 0.00 ? 33 VAL B CG1  1 
ATOM   940  C  CG2  . VAL B 1 40 ? -2.001  2.071   5.740   1.00 0.00 ? 33 VAL B CG2  1 
ATOM   941  H  H    . VAL B 1 40 ? -1.775  5.492   5.640   1.00 0.00 ? 33 VAL B H    1 
ATOM   942  H  HA   . VAL B 1 40 ? 0.336   3.371   5.798   1.00 0.00 ? 33 VAL B HA   1 
ATOM   943  H  HB   . VAL B 1 40 ? -2.149  3.409   4.065   1.00 0.00 ? 33 VAL B HB   1 
ATOM   944  H  HG11 . VAL B 1 40 ? 0.425   1.982   3.863   1.00 0.00 ? 33 VAL B HG11 1 
ATOM   945  H  HG12 . VAL B 1 40 ? -0.817  2.242   2.637   1.00 0.00 ? 33 VAL B HG12 1 
ATOM   946  H  HG13 . VAL B 1 40 ? -0.991  0.932   3.806   1.00 0.00 ? 33 VAL B HG13 1 
ATOM   947  H  HG21 . VAL B 1 40 ? -2.966  1.703   5.426   1.00 0.00 ? 33 VAL B HG21 1 
ATOM   948  H  HG22 . VAL B 1 40 ? -2.119  2.696   6.612   1.00 0.00 ? 33 VAL B HG22 1 
ATOM   949  H  HG23 . VAL B 1 40 ? -1.359  1.235   5.979   1.00 0.00 ? 33 VAL B HG23 1 
ATOM   950  N  N    . TYR B 1 41 ? 1.592   4.310   3.861   1.00 0.00 ? 34 TYR B N    1 
ATOM   951  C  CA   . TYR B 1 41 ? 2.367   4.947   2.757   1.00 0.00 ? 34 TYR B CA   1 
ATOM   952  C  C    . TYR B 1 41 ? 2.961   3.845   1.876   1.00 0.00 ? 34 TYR B C    1 
ATOM   953  O  O    . TYR B 1 41 ? 3.629   2.951   2.356   1.00 0.00 ? 34 TYR B O    1 
ATOM   954  C  CB   . TYR B 1 41 ? 3.488   5.796   3.351   1.00 0.00 ? 34 TYR B CB   1 
ATOM   955  C  CG   . TYR B 1 41 ? 2.882   6.915   4.164   1.00 0.00 ? 34 TYR B CG   1 
ATOM   956  C  CD1  . TYR B 1 41 ? 2.449   6.676   5.473   1.00 0.00 ? 34 TYR B CD1  1 
ATOM   957  C  CD2  . TYR B 1 41 ? 2.755   8.192   3.607   1.00 0.00 ? 34 TYR B CD2  1 
ATOM   958  C  CE1  . TYR B 1 41 ? 1.887   7.714   6.225   1.00 0.00 ? 34 TYR B CE1  1 
ATOM   959  C  CE2  . TYR B 1 41 ? 2.194   9.231   4.358   1.00 0.00 ? 34 TYR B CE2  1 
ATOM   960  C  CZ   . TYR B 1 41 ? 1.760   8.992   5.667   1.00 0.00 ? 34 TYR B CZ   1 
ATOM   961  O  OH   . TYR B 1 41 ? 1.206   10.015  6.408   1.00 0.00 ? 34 TYR B OH   1 
ATOM   962  H  H    . TYR B 1 41 ? 2.024   3.644   4.437   1.00 0.00 ? 34 TYR B H    1 
ATOM   963  H  HA   . TYR B 1 41 ? 1.712   5.570   2.165   1.00 0.00 ? 34 TYR B HA   1 
ATOM   964  H  HB2  . TYR B 1 41 ? 4.109   5.182   3.986   1.00 0.00 ? 34 TYR B HB2  1 
ATOM   965  H  HB3  . TYR B 1 41 ? 4.086   6.213   2.555   1.00 0.00 ? 34 TYR B HB3  1 
ATOM   966  H  HD1  . TYR B 1 41 ? 2.545   5.689   5.903   1.00 0.00 ? 34 TYR B HD1  1 
ATOM   967  H  HD2  . TYR B 1 41 ? 3.090   8.377   2.597   1.00 0.00 ? 34 TYR B HD2  1 
ATOM   968  H  HE1  . TYR B 1 41 ? 1.552   7.530   7.234   1.00 0.00 ? 34 TYR B HE1  1 
ATOM   969  H  HE2  . TYR B 1 41 ? 2.096   10.216  3.928   1.00 0.00 ? 34 TYR B HE2  1 
ATOM   970  H  HH   . TYR B 1 41 ? 0.818   9.633   7.200   1.00 0.00 ? 34 TYR B HH   1 
ATOM   971  N  N    . ILE B 1 42 ? 2.711   3.888   0.596   1.00 0.00 ? 35 ILE B N    1 
ATOM   972  C  CA   . ILE B 1 42 ? 3.254   2.825   -0.297  1.00 0.00 ? 35 ILE B CA   1 
ATOM   973  C  C    . ILE B 1 42 ? 3.691   3.444   -1.635  1.00 0.00 ? 35 ILE B C    1 
ATOM   974  O  O    . ILE B 1 42 ? 3.127   4.421   -2.086  1.00 0.00 ? 35 ILE B O    1 
ATOM   975  C  CB   . ILE B 1 42 ? 2.147   1.784   -0.516  1.00 0.00 ? 35 ILE B CB   1 
ATOM   976  C  CG1  . ILE B 1 42 ? 2.729   0.468   -1.047  1.00 0.00 ? 35 ILE B CG1  1 
ATOM   977  C  CG2  . ILE B 1 42 ? 1.136   2.324   -1.526  1.00 0.00 ? 35 ILE B CG2  1 
ATOM   978  C  CD1  . ILE B 1 42 ? 1.857   -0.698  -0.572  1.00 0.00 ? 35 ILE B CD1  1 
ATOM   979  H  H    . ILE B 1 42 ? 2.160   4.608   0.225   1.00 0.00 ? 35 ILE B H    1 
ATOM   980  H  HA   . ILE B 1 42 ? 4.102   2.360   0.180   1.00 0.00 ? 35 ILE B HA   1 
ATOM   981  H  HB   . ILE B 1 42 ? 1.644   1.603   0.423   1.00 0.00 ? 35 ILE B HB   1 
ATOM   982  H  HG12 . ILE B 1 42 ? 2.734   0.492   -2.125  1.00 0.00 ? 35 ILE B HG12 1 
ATOM   983  H  HG13 . ILE B 1 42 ? 3.735   0.334   -0.682  1.00 0.00 ? 35 ILE B HG13 1 
ATOM   984  H  HG21 . ILE B 1 42 ? 1.390   1.973   -2.514  1.00 0.00 ? 35 ILE B HG21 1 
ATOM   985  H  HG22 . ILE B 1 42 ? 1.156   3.401   -1.511  1.00 0.00 ? 35 ILE B HG22 1 
ATOM   986  H  HG23 . ILE B 1 42 ? 0.147   1.980   -1.264  1.00 0.00 ? 35 ILE B HG23 1 
ATOM   987  H  HD11 . ILE B 1 42 ? 0.887   -0.626  -1.031  1.00 0.00 ? 35 ILE B HD11 1 
ATOM   988  H  HD12 . ILE B 1 42 ? 1.751   -0.657  0.503   1.00 0.00 ? 35 ILE B HD12 1 
ATOM   989  H  HD13 . ILE B 1 42 ? 2.316   -1.633  -0.849  1.00 0.00 ? 35 ILE B HD13 1 
ATOM   990  N  N    . CYS B 1 43 ? 4.689   2.883   -2.274  1.00 0.00 ? 36 CYS B N    1 
ATOM   991  C  CA   . CYS B 1 43 ? 5.152   3.445   -3.581  1.00 0.00 ? 36 CYS B CA   1 
ATOM   992  C  C    . CYS B 1 43 ? 4.639   2.556   -4.727  1.00 0.00 ? 36 CYS B C    1 
ATOM   993  O  O    . CYS B 1 43 ? 3.838   1.667   -4.524  1.00 0.00 ? 36 CYS B O    1 
ATOM   994  C  CB   . CYS B 1 43 ? 6.686   3.515   -3.605  1.00 0.00 ? 36 CYS B CB   1 
ATOM   995  S  SG   . CYS B 1 43 ? 7.323   3.195   -1.941  1.00 0.00 ? 36 CYS B SG   1 
ATOM   996  H  H    . CYS B 1 43 ? 5.131   2.096   -1.895  1.00 0.00 ? 36 CYS B H    1 
ATOM   997  H  HA   . CYS B 1 43 ? 4.748   4.439   -3.701  1.00 0.00 ? 36 CYS B HA   1 
ATOM   998  H  HB2  . CYS B 1 43 ? 7.071   2.772   -4.288  1.00 0.00 ? 36 CYS B HB2  1 
ATOM   999  H  HB3  . CYS B 1 43 ? 6.996   4.498   -3.929  1.00 0.00 ? 36 CYS B HB3  1 
ATOM   1000 N  N    . ASP B 1 44 ? 5.061   2.813   -5.935  1.00 0.00 ? 37 ASP B N    1 
ATOM   1001 C  CA   . ASP B 1 44 ? 4.567   2.000   -7.091  1.00 0.00 ? 37 ASP B CA   1 
ATOM   1002 C  C    . ASP B 1 44 ? 5.201   0.597   -7.113  1.00 0.00 ? 37 ASP B C    1 
ATOM   1003 O  O    . ASP B 1 44 ? 4.564   -0.369  -7.481  1.00 0.00 ? 37 ASP B O    1 
ATOM   1004 C  CB   . ASP B 1 44 ? 4.910   2.723   -8.394  1.00 0.00 ? 37 ASP B CB   1 
ATOM   1005 C  CG   . ASP B 1 44 ? 4.187   2.044   -9.560  1.00 0.00 ? 37 ASP B CG   1 
ATOM   1006 O  OD1  . ASP B 1 44 ? 3.332   1.216   -9.298  1.00 0.00 ? 37 ASP B OD1  1 
ATOM   1007 O  OD2  . ASP B 1 44 ? 4.502   2.366   -10.694 1.00 0.00 ? 37 ASP B OD2  1 
ATOM   1008 H  H    . ASP B 1 44 ? 5.684   3.553   -6.088  1.00 0.00 ? 37 ASP B H    1 
ATOM   1009 H  HA   . ASP B 1 44 ? 3.495   1.900   -7.018  1.00 0.00 ? 37 ASP B HA   1 
ATOM   1010 H  HB2  . ASP B 1 44 ? 4.596   3.754   -8.325  1.00 0.00 ? 37 ASP B HB2  1 
ATOM   1011 H  HB3  . ASP B 1 44 ? 5.976   2.681   -8.560  1.00 0.00 ? 37 ASP B HB3  1 
ATOM   1012 N  N    . GLU B 1 45 ? 6.454   0.476   -6.764  1.00 0.00 ? 38 GLU B N    1 
ATOM   1013 C  CA   . GLU B 1 45 ? 7.120   -0.867  -6.813  1.00 0.00 ? 38 GLU B CA   1 
ATOM   1014 C  C    . GLU B 1 45 ? 6.473   -1.849  -5.827  1.00 0.00 ? 38 GLU B C    1 
ATOM   1015 O  O    . GLU B 1 45 ? 6.314   -3.017  -6.117  1.00 0.00 ? 38 GLU B O    1 
ATOM   1016 C  CB   . GLU B 1 45 ? 8.599   -0.705  -6.459  1.00 0.00 ? 38 GLU B CB   1 
ATOM   1017 C  CG   . GLU B 1 45 ? 9.293   0.140   -7.528  1.00 0.00 ? 38 GLU B CG   1 
ATOM   1018 C  CD   . GLU B 1 45 ? 10.783  0.249   -7.206  1.00 0.00 ? 38 GLU B CD   1 
ATOM   1019 O  OE1  . GLU B 1 45 ? 11.167  -0.165  -6.125  1.00 0.00 ? 38 GLU B OE1  1 
ATOM   1020 O  OE2  . GLU B 1 45 ? 11.516  0.745   -8.047  1.00 0.00 ? 38 GLU B OE2  1 
ATOM   1021 H  H    . GLU B 1 45 ? 6.967   1.267   -6.496  1.00 0.00 ? 38 GLU B H    1 
ATOM   1022 H  HA   . GLU B 1 45 ? 7.039   -1.264  -7.813  1.00 0.00 ? 38 GLU B HA   1 
ATOM   1023 H  HB2  . GLU B 1 45 ? 8.688   -0.217  -5.499  1.00 0.00 ? 38 GLU B HB2  1 
ATOM   1024 H  HB3  . GLU B 1 45 ? 9.066   -1.678  -6.413  1.00 0.00 ? 38 GLU B HB3  1 
ATOM   1025 H  HG2  . GLU B 1 45 ? 9.164   -0.328  -8.494  1.00 0.00 ? 38 GLU B HG2  1 
ATOM   1026 H  HG3  . GLU B 1 45 ? 8.856   1.127   -7.546  1.00 0.00 ? 38 GLU B HG3  1 
ATOM   1027 N  N    . CYS B 1 46 ? 6.117   -1.392  -4.664  1.00 0.00 ? 39 CYS B N    1 
ATOM   1028 C  CA   . CYS B 1 46 ? 5.499   -2.305  -3.651  1.00 0.00 ? 39 CYS B CA   1 
ATOM   1029 C  C    . CYS B 1 46 ? 4.196   -2.894  -4.191  1.00 0.00 ? 39 CYS B C    1 
ATOM   1030 O  O    . CYS B 1 46 ? 4.009   -4.094  -4.207  1.00 0.00 ? 39 CYS B O    1 
ATOM   1031 C  CB   . CYS B 1 46 ? 5.195   -1.497  -2.392  1.00 0.00 ? 39 CYS B CB   1 
ATOM   1032 S  SG   . CYS B 1 46 ? 5.201   0.242   -2.854  1.00 0.00 ? 39 CYS B SG   1 
ATOM   1033 H  H    . CYS B 1 46 ? 6.268   -0.450  -4.447  1.00 0.00 ? 39 CYS B H    1 
ATOM   1034 H  HA   . CYS B 1 46 ? 6.188   -3.100  -3.410  1.00 0.00 ? 39 CYS B HA   1 
ATOM   1035 H  HB2  . CYS B 1 46 ? 4.227   -1.774  -2.009  1.00 0.00 ? 39 CYS B HB2  1 
ATOM   1036 H  HB3  . CYS B 1 46 ? 5.953   -1.678  -1.646  1.00 0.00 ? 39 CYS B HB3  1 
ATOM   1037 N  N    . VAL B 1 47 ? 3.288   -2.064  -4.625  1.00 0.00 ? 40 VAL B N    1 
ATOM   1038 C  CA   . VAL B 1 47 ? 1.997   -2.592  -5.147  1.00 0.00 ? 40 VAL B CA   1 
ATOM   1039 C  C    . VAL B 1 47 ? 2.232   -3.327  -6.468  1.00 0.00 ? 40 VAL B C    1 
ATOM   1040 O  O    . VAL B 1 47 ? 1.635   -4.351  -6.730  1.00 0.00 ? 40 VAL B O    1 
ATOM   1041 C  CB   . VAL B 1 47 ? 1.018   -1.438  -5.370  1.00 0.00 ? 40 VAL B CB   1 
ATOM   1042 C  CG1  . VAL B 1 47 ? 0.999   -0.537  -4.135  1.00 0.00 ? 40 VAL B CG1  1 
ATOM   1043 C  CG2  . VAL B 1 47 ? 1.454   -0.617  -6.586  1.00 0.00 ? 40 VAL B CG2  1 
ATOM   1044 H  H    . VAL B 1 47 ? 3.449   -1.098  -4.597  1.00 0.00 ? 40 VAL B H    1 
ATOM   1045 H  HA   . VAL B 1 47 ? 1.577   -3.281  -4.428  1.00 0.00 ? 40 VAL B HA   1 
ATOM   1046 H  HB   . VAL B 1 47 ? 0.027   -1.839  -5.536  1.00 0.00 ? 40 VAL B HB   1 
ATOM   1047 H  HG11 . VAL B 1 47 ? 1.822   0.159   -4.186  1.00 0.00 ? 40 VAL B HG11 1 
ATOM   1048 H  HG12 . VAL B 1 47 ? 1.093   -1.143  -3.247  1.00 0.00 ? 40 VAL B HG12 1 
ATOM   1049 H  HG13 . VAL B 1 47 ? 0.068   0.009   -4.103  1.00 0.00 ? 40 VAL B HG13 1 
ATOM   1050 H  HG21 . VAL B 1 47 ? 2.498   -0.362  -6.492  1.00 0.00 ? 40 VAL B HG21 1 
ATOM   1051 H  HG22 . VAL B 1 47 ? 0.867   0.289   -6.639  1.00 0.00 ? 40 VAL B HG22 1 
ATOM   1052 H  HG23 . VAL B 1 47 ? 1.304   -1.194  -7.487  1.00 0.00 ? 40 VAL B HG23 1 
ATOM   1053 N  N    . ASP B 1 48 ? 3.089   -2.813  -7.307  1.00 0.00 ? 41 ASP B N    1 
ATOM   1054 C  CA   . ASP B 1 48 ? 3.341   -3.496  -8.607  1.00 0.00 ? 41 ASP B CA   1 
ATOM   1055 C  C    . ASP B 1 48 ? 3.882   -4.903  -8.352  1.00 0.00 ? 41 ASP B C    1 
ATOM   1056 O  O    . ASP B 1 48 ? 3.423   -5.869  -8.929  1.00 0.00 ? 41 ASP B O    1 
ATOM   1057 C  CB   . ASP B 1 48 ? 4.369   -2.696  -9.410  1.00 0.00 ? 41 ASP B CB   1 
ATOM   1058 C  CG   . ASP B 1 48 ? 3.764   -1.354  -9.819  1.00 0.00 ? 41 ASP B CG   1 
ATOM   1059 O  OD1  . ASP B 1 48 ? 2.565   -1.193  -9.661  1.00 0.00 ? 41 ASP B OD1  1 
ATOM   1060 O  OD2  . ASP B 1 48 ? 4.510   -0.506  -10.283 1.00 0.00 ? 41 ASP B OD2  1 
ATOM   1061 H  H    . ASP B 1 48 ? 3.562   -1.985  -7.085  1.00 0.00 ? 41 ASP B H    1 
ATOM   1062 H  HA   . ASP B 1 48 ? 2.419   -3.559  -9.165  1.00 0.00 ? 41 ASP B HA   1 
ATOM   1063 H  HB2  . ASP B 1 48 ? 5.247   -2.527  -8.804  1.00 0.00 ? 41 ASP B HB2  1 
ATOM   1064 H  HB3  . ASP B 1 48 ? 4.644   -3.249  -10.295 1.00 0.00 ? 41 ASP B HB3  1 
ATOM   1065 N  N    . LEU B 1 49 ? 4.853   -5.029  -7.490  1.00 0.00 ? 42 LEU B N    1 
ATOM   1066 C  CA   . LEU B 1 49 ? 5.416   -6.376  -7.199  1.00 0.00 ? 42 LEU B CA   1 
ATOM   1067 C  C    . LEU B 1 49 ? 4.459   -7.153  -6.294  1.00 0.00 ? 42 LEU B C    1 
ATOM   1068 O  O    . LEU B 1 49 ? 4.249   -8.337  -6.468  1.00 0.00 ? 42 LEU B O    1 
ATOM   1069 C  CB   . LEU B 1 49 ? 6.768   -6.220  -6.497  1.00 0.00 ? 42 LEU B CB   1 
ATOM   1070 C  CG   . LEU B 1 49 ? 7.728   -5.440  -7.399  1.00 0.00 ? 42 LEU B CG   1 
ATOM   1071 C  CD1  . LEU B 1 49 ? 9.085   -5.309  -6.704  1.00 0.00 ? 42 LEU B CD1  1 
ATOM   1072 C  CD2  . LEU B 1 49 ? 7.907   -6.187  -8.722  1.00 0.00 ? 42 LEU B CD2  1 
ATOM   1073 H  H    . LEU B 1 49 ? 5.208   -4.238  -7.033  1.00 0.00 ? 42 LEU B H    1 
ATOM   1074 H  HA   . LEU B 1 49 ? 5.552   -6.916  -8.124  1.00 0.00 ? 42 LEU B HA   1 
ATOM   1075 H  HB2  . LEU B 1 49 ? 6.631   -5.686  -5.568  1.00 0.00 ? 42 LEU B HB2  1 
ATOM   1076 H  HB3  . LEU B 1 49 ? 7.181   -7.196  -6.293  1.00 0.00 ? 42 LEU B HB3  1 
ATOM   1077 H  HG   . LEU B 1 49 ? 7.324   -4.457  -7.589  1.00 0.00 ? 42 LEU B HG   1 
ATOM   1078 H  HD11 . LEU B 1 49 ? 9.062   -4.469  -6.026  1.00 0.00 ? 42 LEU B HD11 1 
ATOM   1079 H  HD12 . LEU B 1 49 ? 9.854   -5.152  -7.445  1.00 0.00 ? 42 LEU B HD12 1 
ATOM   1080 H  HD13 . LEU B 1 49 ? 9.296   -6.212  -6.152  1.00 0.00 ? 42 LEU B HD13 1 
ATOM   1081 H  HD21 . LEU B 1 49 ? 7.158   -5.857  -9.426  1.00 0.00 ? 42 LEU B HD21 1 
ATOM   1082 H  HD22 . LEU B 1 49 ? 7.799   -7.248  -8.553  1.00 0.00 ? 42 LEU B HD22 1 
ATOM   1083 H  HD23 . LEU B 1 49 ? 8.890   -5.984  -9.120  1.00 0.00 ? 42 LEU B HD23 1 
ATOM   1084 N  N    . CYS B 1 50 ? 3.886   -6.500  -5.321  1.00 0.00 ? 43 CYS B N    1 
ATOM   1085 C  CA   . CYS B 1 50 ? 2.952   -7.204  -4.397  1.00 0.00 ? 43 CYS B CA   1 
ATOM   1086 C  C    . CYS B 1 50 ? 1.665   -7.579  -5.135  1.00 0.00 ? 43 CYS B C    1 
ATOM   1087 O  O    . CYS B 1 50 ? 1.157   -8.674  -4.996  1.00 0.00 ? 43 CYS B O    1 
ATOM   1088 C  CB   . CYS B 1 50 ? 2.613   -6.289  -3.220  1.00 0.00 ? 43 CYS B CB   1 
ATOM   1089 S  SG   . CYS B 1 50 ? 4.125   -5.908  -2.299  1.00 0.00 ? 43 CYS B SG   1 
ATOM   1090 H  H    . CYS B 1 50 ? 4.074   -5.546  -5.192  1.00 0.00 ? 43 CYS B H    1 
ATOM   1091 H  HA   . CYS B 1 50 ? 3.425   -8.101  -4.028  1.00 0.00 ? 43 CYS B HA   1 
ATOM   1092 H  HB2  . CYS B 1 50 ? 2.175   -5.374  -3.589  1.00 0.00 ? 43 CYS B HB2  1 
ATOM   1093 H  HB3  . CYS B 1 50 ? 1.912   -6.788  -2.569  1.00 0.00 ? 43 CYS B HB3  1 
ATOM   1094 H  HG   . CYS B 1 50 ? 4.007   -6.212  -1.396  1.00 0.00 ? 43 CYS B HG   1 
ATOM   1095 N  N    . ASN B 1 51 ? 1.126   -6.680  -5.913  1.00 0.00 ? 44 ASN B N    1 
ATOM   1096 C  CA   . ASN B 1 51 ? -0.133  -6.997  -6.644  1.00 0.00 ? 44 ASN B CA   1 
ATOM   1097 C  C    . ASN B 1 51 ? 0.084   -8.220  -7.534  1.00 0.00 ? 44 ASN B C    1 
ATOM   1098 O  O    . ASN B 1 51 ? -0.774  -9.066  -7.659  1.00 0.00 ? 44 ASN B O    1 
ATOM   1099 C  CB   . ASN B 1 51 ? -0.540  -5.802  -7.511  1.00 0.00 ? 44 ASN B CB   1 
ATOM   1100 C  CG   . ASN B 1 51 ? -0.901  -4.618  -6.613  1.00 0.00 ? 44 ASN B CG   1 
ATOM   1101 O  OD1  . ASN B 1 51 ? -1.148  -4.785  -5.436  1.00 0.00 ? 44 ASN B OD1  1 
ATOM   1102 N  ND2  . ASN B 1 51 ? -0.941  -3.417  -7.124  1.00 0.00 ? 44 ASN B ND2  1 
ATOM   1103 H  H    . ASN B 1 51 ? 1.543   -5.799  -6.010  1.00 0.00 ? 44 ASN B H    1 
ATOM   1104 H  HA   . ASN B 1 51 ? -0.917  -7.205  -5.933  1.00 0.00 ? 44 ASN B HA   1 
ATOM   1105 H  HB2  . ASN B 1 51 ? 0.282   -5.530  -8.157  1.00 0.00 ? 44 ASN B HB2  1 
ATOM   1106 H  HB3  . ASN B 1 51 ? -1.396  -6.069  -8.111  1.00 0.00 ? 44 ASN B HB3  1 
ATOM   1107 H  HD21 . ASN B 1 51 ? -0.742  -3.282  -8.073  1.00 0.00 ? 44 ASN B HD21 1 
ATOM   1108 H  HD22 . ASN B 1 51 ? -1.171  -2.652  -6.557  1.00 0.00 ? 44 ASN B HD22 1 
ATOM   1109 N  N    . ASP B 1 52 ? 1.224   -8.322  -8.157  1.00 0.00 ? 45 ASP B N    1 
ATOM   1110 C  CA   . ASP B 1 52 ? 1.481   -9.495  -9.036  1.00 0.00 ? 45 ASP B CA   1 
ATOM   1111 C  C    . ASP B 1 52 ? 1.484   -10.779 -8.200  1.00 0.00 ? 45 ASP B C    1 
ATOM   1112 O  O    . ASP B 1 52 ? 0.959   -11.797 -8.605  1.00 0.00 ? 45 ASP B O    1 
ATOM   1113 C  CB   . ASP B 1 52 ? 2.841   -9.330  -9.718  1.00 0.00 ? 45 ASP B CB   1 
ATOM   1114 C  CG   . ASP B 1 52 ? 2.787   -8.141  -10.679 1.00 0.00 ? 45 ASP B CG   1 
ATOM   1115 O  OD1  . ASP B 1 52 ? 1.693   -7.674  -10.953 1.00 0.00 ? 45 ASP B OD1  1 
ATOM   1116 O  OD2  . ASP B 1 52 ? 3.840   -7.717  -11.125 1.00 0.00 ? 45 ASP B OD2  1 
ATOM   1117 H  H    . ASP B 1 52 ? 1.909   -7.629  -8.047  1.00 0.00 ? 45 ASP B H    1 
ATOM   1118 H  HA   . ASP B 1 52 ? 0.709   -9.558  -9.788  1.00 0.00 ? 45 ASP B HA   1 
ATOM   1119 H  HB2  . ASP B 1 52 ? 3.599   -9.154  -8.969  1.00 0.00 ? 45 ASP B HB2  1 
ATOM   1120 H  HB3  . ASP B 1 52 ? 3.078   -10.225 -10.270 1.00 0.00 ? 45 ASP B HB3  1 
ATOM   1121 N  N    . ILE B 1 53 ? 2.081   -10.740 -7.040  1.00 0.00 ? 46 ILE B N    1 
ATOM   1122 C  CA   . ILE B 1 53 ? 2.130   -11.960 -6.182  1.00 0.00 ? 46 ILE B CA   1 
ATOM   1123 C  C    . ILE B 1 53 ? 0.739   -12.285 -5.629  1.00 0.00 ? 46 ILE B C    1 
ATOM   1124 O  O    . ILE B 1 53 ? 0.254   -13.392 -5.757  1.00 0.00 ? 46 ILE B O    1 
ATOM   1125 C  CB   . ILE B 1 53 ? 3.091   -11.718 -5.017  1.00 0.00 ? 46 ILE B CB   1 
ATOM   1126 C  CG1  . ILE B 1 53 ? 4.489   -11.421 -5.564  1.00 0.00 ? 46 ILE B CG1  1 
ATOM   1127 C  CG2  . ILE B 1 53 ? 3.146   -12.965 -4.133  1.00 0.00 ? 46 ILE B CG2  1 
ATOM   1128 C  CD1  . ILE B 1 53 ? 5.411   -11.011 -4.412  1.00 0.00 ? 46 ILE B CD1  1 
ATOM   1129 H  H    . ILE B 1 53 ? 2.505   -9.910  -6.735  1.00 0.00 ? 46 ILE B H    1 
ATOM   1130 H  HA   . ILE B 1 53 ? 2.485   -12.794 -6.768  1.00 0.00 ? 46 ILE B HA   1 
ATOM   1131 H  HB   . ILE B 1 53 ? 2.745   -10.878 -4.432  1.00 0.00 ? 46 ILE B HB   1 
ATOM   1132 H  HG12 . ILE B 1 53 ? 4.883   -12.304 -6.044  1.00 0.00 ? 46 ILE B HG12 1 
ATOM   1133 H  HG13 . ILE B 1 53 ? 4.433   -10.616 -6.281  1.00 0.00 ? 46 ILE B HG13 1 
ATOM   1134 H  HG21 . ILE B 1 53 ? 3.361   -13.830 -4.743  1.00 0.00 ? 46 ILE B HG21 1 
ATOM   1135 H  HG22 . ILE B 1 53 ? 2.194   -13.100 -3.641  1.00 0.00 ? 46 ILE B HG22 1 
ATOM   1136 H  HG23 . ILE B 1 53 ? 3.922   -12.846 -3.391  1.00 0.00 ? 46 ILE B HG23 1 
ATOM   1137 H  HD11 . ILE B 1 53 ? 6.316   -10.581 -4.813  1.00 0.00 ? 46 ILE B HD11 1 
ATOM   1138 H  HD12 . ILE B 1 53 ? 5.656   -11.880 -3.821  1.00 0.00 ? 46 ILE B HD12 1 
ATOM   1139 H  HD13 . ILE B 1 53 ? 4.909   -10.282 -3.792  1.00 0.00 ? 46 ILE B HD13 1 
ATOM   1140 N  N    . ILE B 1 54 ? 0.100   -11.337 -4.998  1.00 0.00 ? 47 ILE B N    1 
ATOM   1141 C  CA   . ILE B 1 54 ? -1.250  -11.602 -4.420  1.00 0.00 ? 47 ILE B CA   1 
ATOM   1142 C  C    . ILE B 1 54 ? -2.254  -11.926 -5.531  1.00 0.00 ? 47 ILE B C    1 
ATOM   1143 O  O    . ILE B 1 54 ? -3.183  -12.683 -5.334  1.00 0.00 ? 47 ILE B O    1 
ATOM   1144 C  CB   . ILE B 1 54 ? -1.722  -10.369 -3.648  1.00 0.00 ? 47 ILE B CB   1 
ATOM   1145 C  CG1  . ILE B 1 54 ? -2.927  -10.737 -2.780  1.00 0.00 ? 47 ILE B CG1  1 
ATOM   1146 C  CG2  . ILE B 1 54 ? -2.122  -9.275  -4.634  1.00 0.00 ? 47 ILE B CG2  1 
ATOM   1147 C  CD1  . ILE B 1 54 ? -3.177  -9.627  -1.760  1.00 0.00 ? 47 ILE B CD1  1 
ATOM   1148 H  H    . ILE B 1 54 ? 0.513   -10.454 -4.894  1.00 0.00 ? 47 ILE B H    1 
ATOM   1149 H  HA   . ILE B 1 54 ? -1.186  -12.442 -3.744  1.00 0.00 ? 47 ILE B HA   1 
ATOM   1150 H  HB   . ILE B 1 54 ? -0.919  -10.010 -3.019  1.00 0.00 ? 47 ILE B HB   1 
ATOM   1151 H  HG12 . ILE B 1 54 ? -3.800  -10.856 -3.407  1.00 0.00 ? 47 ILE B HG12 1 
ATOM   1152 H  HG13 . ILE B 1 54 ? -2.730  -11.662 -2.260  1.00 0.00 ? 47 ILE B HG13 1 
ATOM   1153 H  HG21 . ILE B 1 54 ? -1.960  -8.307  -4.185  1.00 0.00 ? 47 ILE B HG21 1 
ATOM   1154 H  HG22 . ILE B 1 54 ? -3.166  -9.383  -4.889  1.00 0.00 ? 47 ILE B HG22 1 
ATOM   1155 H  HG23 . ILE B 1 54 ? -1.524  -9.363  -5.527  1.00 0.00 ? 47 ILE B HG23 1 
ATOM   1156 H  HD11 . ILE B 1 54 ? -2.332  -9.555  -1.091  1.00 0.00 ? 47 ILE B HD11 1 
ATOM   1157 H  HD12 . ILE B 1 54 ? -4.066  -9.855  -1.193  1.00 0.00 ? 47 ILE B HD12 1 
ATOM   1158 H  HD13 . ILE B 1 54 ? -3.309  -8.688  -2.275  1.00 0.00 ? 47 ILE B HD13 1 
ATOM   1159 N  N    . ARG B 1 55 ? -2.080  -11.363 -6.695  1.00 0.00 ? 48 ARG B N    1 
ATOM   1160 C  CA   . ARG B 1 55 ? -3.034  -11.648 -7.805  1.00 0.00 ? 48 ARG B CA   1 
ATOM   1161 C  C    . ARG B 1 55 ? -2.579  -12.898 -8.561  1.00 0.00 ? 48 ARG B C    1 
ATOM   1162 O  O    . ARG B 1 55 ? -3.316  -13.463 -9.344  1.00 0.00 ? 48 ARG B O    1 
ATOM   1163 C  CB   . ARG B 1 55 ? -3.077  -10.458 -8.767  1.00 0.00 ? 48 ARG B CB   1 
ATOM   1164 C  CG   . ARG B 1 55 ? -3.646  -9.233  -8.045  1.00 0.00 ? 48 ARG B CG   1 
ATOM   1165 C  CD   . ARG B 1 55 ? -3.711  -8.052  -9.015  1.00 0.00 ? 48 ARG B CD   1 
ATOM   1166 N  NE   . ARG B 1 55 ? -4.029  -6.807  -8.261  1.00 0.00 ? 48 ARG B NE   1 
ATOM   1167 C  CZ   . ARG B 1 55 ? -3.840  -5.642  -8.816  1.00 0.00 ? 48 ARG B CZ   1 
ATOM   1168 N  NH1  . ARG B 1 55 ? -3.377  -5.566  -10.034 1.00 0.00 ? 48 ARG B NH1  1 
ATOM   1169 N  NH2  . ARG B 1 55 ? -4.113  -4.551  -8.154  1.00 0.00 ? 48 ARG B NH2  1 
ATOM   1170 H  H    . ARG B 1 55 ? -1.326  -10.753 -6.839  1.00 0.00 ? 48 ARG B H    1 
ATOM   1171 H  HA   . ARG B 1 55 ? -4.020  -11.815 -7.396  1.00 0.00 ? 48 ARG B HA   1 
ATOM   1172 H  HB2  . ARG B 1 55 ? -2.078  -10.242 -9.117  1.00 0.00 ? 48 ARG B HB2  1 
ATOM   1173 H  HB3  . ARG B 1 55 ? -3.707  -10.701 -9.610  1.00 0.00 ? 48 ARG B HB3  1 
ATOM   1174 H  HG2  . ARG B 1 55 ? -4.640  -9.458  -7.686  1.00 0.00 ? 48 ARG B HG2  1 
ATOM   1175 H  HG3  . ARG B 1 55 ? -3.012  -8.977  -7.212  1.00 0.00 ? 48 ARG B HG3  1 
ATOM   1176 H  HD2  . ARG B 1 55 ? -2.758  -7.940  -9.511  1.00 0.00 ? 48 ARG B HD2  1 
ATOM   1177 H  HD3  . ARG B 1 55 ? -4.480  -8.232  -9.752  1.00 0.00 ? 48 ARG B HD3  1 
ATOM   1178 H  HE   . ARG B 1 55 ? -4.378  -6.864  -7.347  1.00 0.00 ? 48 ARG B HE   1 
ATOM   1179 H  HH11 . ARG B 1 55 ? -3.167  -6.401  -10.542 1.00 0.00 ? 48 ARG B HH11 1 
ATOM   1180 H  HH12 . ARG B 1 55 ? -3.233  -4.671  -10.460 1.00 0.00 ? 48 ARG B HH12 1 
ATOM   1181 H  HH21 . ARG B 1 55 ? -4.468  -4.609  -7.220  1.00 0.00 ? 48 ARG B HH21 1 
ATOM   1182 H  HH22 . ARG B 1 55 ? -3.970  -3.658  -8.579  1.00 0.00 ? 48 ARG B HH22 1 
HETATM 1183 ZN ZN   . ZN  C 2 .  ? -6.954  -1.051  1.222   1.00 0.00 ? 61 ZN  A ZN   1 
HETATM 1184 ZN ZN   . ZN  D 2 .  ? 6.898   0.978   -1.544  1.00 0.00 ? 61 ZN  B ZN   1 
# 
